data_5CWS
#
_entry.id   5CWS
#
_cell.length_a   123.180
_cell.length_b   162.820
_cell.length_c   212.870
_cell.angle_alpha   90.00
_cell.angle_beta   90.00
_cell.angle_gamma   90.00
#
_symmetry.space_group_name_H-M   'P 21 21 21'
#
loop_
_entity.id
_entity.type
_entity.pdbx_description
1 polymer 'sAB-158 Fab Light Chain'
2 polymer 'sAB-158 Fab Heavy Chain'
3 polymer 'Nucleoporin NSP1'
4 polymer 'Nucleoporin NUP49'
5 polymer 'Nucleoporin NUP57'
6 polymer 'Nucleoporin NIC96'
7 non-polymer 'OSMIUM ION'
#
loop_
_entity_poly.entity_id
_entity_poly.type
_entity_poly.pdbx_seq_one_letter_code
_entity_poly.pdbx_strand_id
1 'polypeptide(L)'
;MKSLLPTAAAGLLLLAAQPAMASDIQMTQSPSSLSASVGDRVTITCRASQSVSSAVAWYQQKPGKAPKLLIYSASSLYSG
VPSRFSGSRSGTDFTLTISSLQPEDFATYYCQQSSSSLITFGQGTKVEIKRTVAAPSVFIFPPSDSQLKSGTASVVCLLN
NFYPREAKVQWKVDNALQSGNSQESVTEQDSKDSTYSLSSTLTLSKADYEKHKVYACEVTHQGLSSPVTKSFNRGEC
;
A,G
2 'polypeptide(L)'
;MKKNIAFLLASMFVFSIATNAYAEISEVQLVESGGGLVQPGGSLRLSCAASGFNVYSYSIHWVRQAPGKGLEWVASIYSY
YGSTYYADSVKGRFTISADTSKNTAYLQMNSLRAEDTAVYYCARLTWRSYRGVHALDYWGQGTLVTVSSASTKGPSVFPL
APSSKSTSGGTAALGCLVKDYFPEPVTVSWNSGALTSGVHTFPAVLQSSGLYSLSSVVTVPSSSLGTQTYICNVNHKPSN
TKVDKKVEPKSCDKTHTGGSHHHHHH
;
B,H
3 'polypeptide(L)'
;MDEIITRWATDLAKYQKEFKEQAAKVMEWDRLLVENGEKIQKLYTSTYEAERASNEIERQLSNVESQQEELTAWLDRYER
ELDELYAKQMGSAAGEQAAGPDQERERTYKLAEKLTDQLDEMGKDLAKMIKEINDMSNTLSKGSKPDDPLTQIVRVLNGH
LAQLQWIDTNAAALQAKVAAAQKAAGSMGANVPGTETDAAESFYRSYR
;
C,I
4 'polypeptide(L)'
;MSEALQQEIAKIDEEIQKCIRDKEAVDAFLPAHGEQLAAIPTDVNFVTRKSEGAHNALSSDILAIDQLRELVKQDADNAR
LSFKAIDNLKLPMQYHQAGLWSKQMGGAGTAGASGASADADGQSNADLISYFSKTADEMEEMMKKFEKTITEIEAHLTGV
EAHAMAMQNVAAQSRNAAQGGVDERVYELAAVLREFEESILKVAGVVGGVKEGVTELQLRDFMGHGS
;
D,J
5 'polypeptide(L)'
;MYQKPIPEQIKLIVDKWNPNHPNCAFKTYLYNKVDEHTVPLYGPGPNEDPKEWEEALQRKPAPNFIPVLCSGFPSIVARL
MLQRRVITEFNNKLHQINASLDAILSRHDLDHTVRAFNARRRHAELSRRCLHLAARVQVLRNRGYALSGDEDELKQKLQQ
IDKTLNDPAQGSRLEELWSRLIVLRGYAEDLKDQINQAGITESDGLGEEIEAKAKKILEDYDKQLQHLKKQVEEAKKDFE
EWEKQHN
;
E,K
6 'polypeptide(L)' SALFDSLLARNKKQAEGETALGELPSLQLGLADLRQRLRKLGPSSDRPIEPGKAHYFLAASGVDPGAAVRDLGA F,L
#
# COMPACT_ATOMS: atom_id res chain seq x y z
N MET A 27 43.04 -15.08 21.86
CA MET A 27 43.60 -16.00 20.88
C MET A 27 42.83 -15.95 19.56
N THR A 28 42.97 -14.84 18.83
CA THR A 28 42.36 -14.70 17.53
C THR A 28 43.16 -15.49 16.51
N GLN A 29 42.51 -16.41 15.80
CA GLN A 29 43.20 -17.34 14.91
C GLN A 29 42.75 -17.20 13.46
N SER A 30 43.61 -17.62 12.54
CA SER A 30 43.29 -17.62 11.11
C SER A 30 42.77 -18.99 10.66
N PRO A 31 41.94 -19.01 9.60
CA PRO A 31 41.25 -20.25 9.20
C PRO A 31 42.10 -21.22 8.39
N SER A 32 41.77 -22.50 8.46
CA SER A 32 42.47 -23.52 7.69
C SER A 32 42.00 -23.50 6.23
N SER A 33 42.91 -23.18 5.33
CA SER A 33 42.59 -23.05 3.91
C SER A 33 42.60 -24.39 3.19
N LEU A 34 41.41 -24.93 2.92
CA LEU A 34 41.27 -26.13 2.10
C LEU A 34 40.86 -25.74 0.68
N SER A 35 40.80 -26.72 -0.22
CA SER A 35 40.53 -26.45 -1.61
C SER A 35 39.85 -27.64 -2.30
N ALA A 36 39.11 -27.35 -3.37
CA ALA A 36 38.44 -28.38 -4.14
C ALA A 36 37.99 -27.83 -5.50
N SER A 37 37.74 -28.71 -6.45
CA SER A 37 37.31 -28.31 -7.78
C SER A 37 35.89 -27.75 -7.74
N VAL A 38 35.43 -27.21 -8.86
CA VAL A 38 34.10 -26.61 -8.94
C VAL A 38 33.04 -27.71 -9.04
N GLY A 39 32.01 -27.60 -8.22
CA GLY A 39 30.90 -28.55 -8.23
C GLY A 39 31.13 -29.75 -7.33
N ASP A 40 32.22 -29.75 -6.59
CA ASP A 40 32.51 -30.85 -5.68
C ASP A 40 31.58 -30.78 -4.48
N ARG A 41 31.21 -31.94 -3.95
CA ARG A 41 30.37 -32.00 -2.75
C ARG A 41 31.21 -31.73 -1.51
N VAL A 42 31.04 -30.54 -0.93
CA VAL A 42 31.82 -30.12 0.23
C VAL A 42 31.04 -30.25 1.53
N THR A 43 31.75 -30.59 2.61
CA THR A 43 31.14 -30.71 3.93
C THR A 43 32.12 -30.24 5.00
N ILE A 44 31.70 -29.26 5.79
CA ILE A 44 32.53 -28.69 6.84
C ILE A 44 31.92 -28.99 8.20
N THR A 45 32.77 -29.12 9.21
CA THR A 45 32.34 -29.54 10.54
C THR A 45 33.02 -28.77 11.66
N CYS A 46 32.21 -28.36 12.65
CA CYS A 46 32.72 -27.79 13.89
C CYS A 46 32.26 -28.65 15.05
N ARG A 47 33.10 -28.76 16.07
CA ARG A 47 32.80 -29.57 17.24
C ARG A 47 32.75 -28.69 18.49
N ALA A 48 31.55 -28.50 19.02
CA ALA A 48 31.34 -27.68 20.20
C ALA A 48 31.71 -28.44 21.47
N SER A 49 32.54 -27.83 22.30
CA SER A 49 32.94 -28.41 23.57
C SER A 49 31.72 -28.68 24.43
N GLN A 50 30.71 -27.82 24.30
CA GLN A 50 29.41 -28.03 24.95
C GLN A 50 28.33 -28.23 23.90
N SER A 51 27.88 -29.47 23.75
CA SER A 51 26.81 -29.79 22.81
C SER A 51 25.58 -28.99 23.17
N VAL A 52 25.16 -28.14 22.24
CA VAL A 52 24.08 -27.19 22.47
C VAL A 52 22.76 -27.71 21.90
N SER A 53 21.66 -27.17 22.39
CA SER A 53 20.34 -27.47 21.86
C SER A 53 20.24 -26.97 20.42
N SER A 54 20.27 -25.65 20.27
CA SER A 54 20.32 -25.01 18.97
C SER A 54 21.38 -23.91 19.02
N ALA A 55 21.02 -22.70 18.61
CA ALA A 55 21.93 -21.56 18.66
C ALA A 55 23.31 -21.89 18.09
N VAL A 56 23.34 -22.31 16.83
CA VAL A 56 24.59 -22.49 16.11
C VAL A 56 24.41 -21.91 14.73
N ALA A 57 24.96 -20.73 14.51
CA ALA A 57 24.85 -20.07 13.22
C ALA A 57 26.09 -20.34 12.37
N TRP A 58 25.91 -20.38 11.05
CA TRP A 58 27.03 -20.49 10.14
C TRP A 58 27.09 -19.24 9.27
N TYR A 59 28.30 -18.76 8.98
CA TYR A 59 28.47 -17.51 8.25
C TYR A 59 29.48 -17.66 7.12
N GLN A 60 29.24 -16.93 6.04
CA GLN A 60 30.18 -16.84 4.92
C GLN A 60 30.80 -15.45 4.91
N GLN A 61 32.03 -15.36 4.41
CA GLN A 61 32.69 -14.07 4.30
C GLN A 61 33.67 -14.05 3.13
N LYS A 62 33.45 -13.14 2.19
CA LYS A 62 34.37 -12.92 1.08
C LYS A 62 35.38 -11.85 1.46
N PRO A 63 36.58 -11.88 0.84
CA PRO A 63 37.62 -10.88 1.12
C PRO A 63 37.14 -9.44 0.90
N GLY A 64 37.33 -8.59 1.91
CA GLY A 64 36.96 -7.19 1.80
C GLY A 64 35.50 -6.93 2.16
N LYS A 65 34.71 -8.00 2.21
CA LYS A 65 33.28 -7.89 2.49
C LYS A 65 32.94 -8.49 3.86
N ALA A 66 31.99 -7.86 4.55
CA ALA A 66 31.58 -8.29 5.89
C ALA A 66 30.98 -9.71 5.87
N PRO A 67 30.79 -10.30 7.06
CA PRO A 67 30.17 -11.64 7.14
C PRO A 67 28.68 -11.62 6.84
N LYS A 68 28.18 -12.70 6.25
CA LYS A 68 26.74 -12.87 6.01
C LYS A 68 26.26 -14.16 6.66
N LEU A 69 25.01 -14.17 7.10
CA LEU A 69 24.44 -15.33 7.75
C LEU A 69 23.98 -16.37 6.72
N LEU A 70 24.30 -17.63 6.97
CA LEU A 70 23.85 -18.73 6.12
C LEU A 70 22.78 -19.55 6.85
N ILE A 71 23.21 -20.27 7.88
CA ILE A 71 22.32 -21.14 8.64
C ILE A 71 22.19 -20.61 10.06
N TYR A 72 21.00 -20.78 10.63
CA TYR A 72 20.75 -20.45 12.03
C TYR A 72 19.98 -21.58 12.70
N SER A 73 19.89 -21.53 14.02
CA SER A 73 19.24 -22.60 14.80
C SER A 73 19.83 -23.95 14.40
N ALA A 74 21.14 -23.96 14.17
CA ALA A 74 21.88 -25.16 13.81
C ALA A 74 21.56 -25.67 12.40
N SER A 75 20.29 -25.87 12.08
CA SER A 75 19.89 -26.51 10.82
C SER A 75 18.97 -25.67 9.94
N SER A 76 18.25 -24.71 10.53
CA SER A 76 17.30 -23.89 9.78
C SER A 76 18.00 -22.94 8.81
N LEU A 77 17.80 -23.16 7.52
CA LEU A 77 18.37 -22.29 6.50
C LEU A 77 17.79 -20.89 6.63
N TYR A 78 18.62 -19.88 6.37
CA TYR A 78 18.20 -18.48 6.50
C TYR A 78 17.69 -17.94 5.17
N SER A 79 16.86 -16.90 5.26
CA SER A 79 16.27 -16.29 4.08
C SER A 79 17.35 -15.68 3.19
N GLY A 80 17.17 -15.83 1.88
CA GLY A 80 18.09 -15.27 0.92
C GLY A 80 19.34 -16.10 0.74
N VAL A 81 19.23 -17.40 1.00
CA VAL A 81 20.35 -18.32 0.87
C VAL A 81 20.00 -19.48 -0.07
N PRO A 82 20.83 -19.73 -1.10
CA PRO A 82 20.58 -20.84 -2.01
C PRO A 82 20.37 -22.18 -1.29
N SER A 83 19.66 -23.09 -1.95
CA SER A 83 19.27 -24.35 -1.30
C SER A 83 20.43 -25.32 -1.21
N ARG A 84 21.50 -25.06 -1.96
CA ARG A 84 22.65 -25.95 -1.96
C ARG A 84 23.35 -25.97 -0.60
N PHE A 85 23.30 -24.85 0.12
CA PHE A 85 23.80 -24.82 1.49
C PHE A 85 22.83 -25.55 2.41
N SER A 86 23.33 -26.54 3.15
CA SER A 86 22.48 -27.30 4.07
C SER A 86 23.21 -27.64 5.36
N GLY A 87 22.72 -27.08 6.46
CA GLY A 87 23.32 -27.29 7.76
C GLY A 87 22.66 -28.43 8.51
N SER A 88 23.43 -29.10 9.35
CA SER A 88 22.90 -30.20 10.15
C SER A 88 23.75 -30.46 11.40
N ARG A 89 23.36 -31.47 12.18
CA ARG A 89 24.06 -31.82 13.41
C ARG A 89 24.18 -33.33 13.55
N SER A 90 25.22 -33.77 14.25
CA SER A 90 25.41 -35.18 14.55
C SER A 90 26.03 -35.35 15.93
N GLY A 91 25.20 -35.33 16.97
CA GLY A 91 25.67 -35.42 18.33
C GLY A 91 26.16 -34.08 18.84
N THR A 92 27.48 -33.95 18.98
CA THR A 92 28.10 -32.71 19.45
C THR A 92 28.76 -31.96 18.30
N ASP A 93 28.71 -32.54 17.10
CA ASP A 93 29.34 -31.96 15.92
C ASP A 93 28.30 -31.31 14.99
N PHE A 94 28.52 -30.05 14.65
CA PHE A 94 27.63 -29.34 13.74
C PHE A 94 28.30 -29.25 12.37
N THR A 95 27.50 -29.34 11.31
CA THR A 95 28.06 -29.44 9.96
C THR A 95 27.36 -28.55 8.93
N LEU A 96 28.17 -27.98 8.04
CA LEU A 96 27.69 -27.18 6.91
C LEU A 96 28.03 -27.90 5.61
N THR A 97 26.99 -28.32 4.89
CA THR A 97 27.19 -29.06 3.64
C THR A 97 26.87 -28.20 2.41
N ILE A 98 27.80 -28.18 1.47
CA ILE A 98 27.59 -27.59 0.15
C ILE A 98 27.63 -28.69 -0.90
N SER A 99 26.44 -29.12 -1.32
CA SER A 99 26.30 -30.24 -2.25
C SER A 99 26.95 -29.97 -3.61
N SER A 100 26.95 -28.71 -4.01
CA SER A 100 27.54 -28.32 -5.30
C SER A 100 28.24 -26.97 -5.19
N LEU A 101 29.57 -27.00 -5.20
CA LEU A 101 30.37 -25.80 -5.08
C LEU A 101 30.29 -24.99 -6.36
N GLN A 102 30.00 -23.69 -6.22
CA GLN A 102 29.82 -22.80 -7.36
C GLN A 102 30.89 -21.72 -7.34
N PRO A 103 31.11 -21.04 -8.48
CA PRO A 103 32.09 -19.95 -8.58
C PRO A 103 31.83 -18.78 -7.62
N GLU A 104 30.69 -18.79 -6.95
CA GLU A 104 30.36 -17.76 -5.96
C GLU A 104 30.47 -18.32 -4.53
N ASP A 105 30.77 -19.60 -4.42
CA ASP A 105 30.89 -20.26 -3.11
C ASP A 105 32.33 -20.24 -2.58
N PHE A 106 33.23 -19.61 -3.33
CA PHE A 106 34.62 -19.53 -2.91
C PHE A 106 34.83 -18.37 -1.95
N ALA A 107 34.83 -18.70 -0.65
CA ALA A 107 34.96 -17.70 0.40
C ALA A 107 35.23 -18.40 1.73
N THR A 108 35.33 -17.62 2.81
CA THR A 108 35.63 -18.18 4.13
C THR A 108 34.34 -18.45 4.90
N TYR A 109 34.32 -19.59 5.60
CA TYR A 109 33.13 -20.04 6.32
C TYR A 109 33.42 -20.22 7.82
N TYR A 110 32.57 -19.63 8.65
CA TYR A 110 32.71 -19.72 10.10
C TYR A 110 31.47 -20.35 10.73
N CYS A 111 31.65 -21.01 11.87
CA CYS A 111 30.54 -21.45 12.71
C CYS A 111 30.48 -20.59 13.97
N GLN A 112 29.45 -20.81 14.79
CA GLN A 112 29.24 -19.99 15.99
C GLN A 112 28.62 -20.77 17.13
N GLN A 113 29.33 -20.85 18.25
CA GLN A 113 28.78 -21.41 19.48
C GLN A 113 28.18 -20.27 20.31
N SER A 114 27.17 -20.59 21.12
CA SER A 114 26.50 -19.58 21.93
C SER A 114 25.96 -20.19 23.21
N SER A 115 26.58 -19.85 24.34
CA SER A 115 26.25 -20.49 25.62
C SER A 115 25.59 -19.56 26.64
N SER A 116 24.92 -18.52 26.15
CA SER A 116 24.27 -17.53 27.01
C SER A 116 25.21 -17.07 28.14
N SER A 117 26.25 -16.31 27.80
CA SER A 117 26.48 -15.81 26.45
C SER A 117 27.90 -16.14 26.00
N LEU A 118 28.73 -15.12 25.77
CA LEU A 118 30.06 -15.29 25.20
C LEU A 118 29.96 -16.08 23.89
N ILE A 119 29.63 -15.37 22.82
CA ILE A 119 29.57 -15.95 21.48
C ILE A 119 30.97 -16.29 21.02
N THR A 120 31.18 -17.55 20.65
CA THR A 120 32.49 -18.04 20.22
C THR A 120 32.47 -18.38 18.73
N PHE A 121 33.40 -17.79 17.98
CA PHE A 121 33.54 -18.10 16.56
C PHE A 121 34.64 -19.11 16.34
N GLY A 122 34.36 -20.09 15.48
CA GLY A 122 35.33 -21.10 15.14
C GLY A 122 36.49 -20.53 14.36
N GLN A 123 37.54 -21.34 14.19
CA GLN A 123 38.73 -20.90 13.47
C GLN A 123 38.39 -20.41 12.06
N GLY A 124 37.28 -20.92 11.54
CA GLY A 124 36.85 -20.58 10.20
C GLY A 124 37.39 -21.58 9.21
N THR A 125 36.98 -21.45 7.96
CA THR A 125 37.41 -22.36 6.91
C THR A 125 37.28 -21.69 5.55
N LYS A 126 38.41 -21.54 4.86
CA LYS A 126 38.43 -20.94 3.54
C LYS A 126 38.52 -22.02 2.46
N VAL A 127 37.67 -21.91 1.45
CA VAL A 127 37.68 -22.83 0.32
C VAL A 127 38.26 -22.12 -0.89
N GLU A 128 39.12 -22.82 -1.63
CA GLU A 128 39.75 -22.26 -2.82
C GLU A 128 39.61 -23.21 -4.01
N ILE A 129 39.51 -22.65 -5.20
CA ILE A 129 39.31 -23.45 -6.41
C ILE A 129 40.53 -24.31 -6.72
N LYS A 130 40.28 -25.55 -7.10
CA LYS A 130 41.34 -26.51 -7.41
C LYS A 130 41.69 -26.46 -8.89
N ARG A 131 42.95 -26.77 -9.20
CA ARG A 131 43.41 -26.78 -10.59
C ARG A 131 44.62 -27.71 -10.75
N THR A 132 45.14 -27.79 -11.96
CA THR A 132 46.32 -28.59 -12.23
C THR A 132 47.54 -27.97 -11.57
N VAL A 133 48.55 -28.79 -11.28
CA VAL A 133 49.74 -28.33 -10.58
C VAL A 133 50.65 -27.53 -11.50
N ALA A 134 51.04 -26.34 -11.05
CA ALA A 134 51.93 -25.47 -11.80
C ALA A 134 52.99 -24.86 -10.89
N ALA A 135 54.25 -24.99 -11.28
CA ALA A 135 55.37 -24.51 -10.47
C ALA A 135 55.50 -22.99 -10.57
N PRO A 136 56.06 -22.35 -9.52
CA PRO A 136 56.23 -20.90 -9.50
C PRO A 136 57.42 -20.42 -10.33
N SER A 137 57.27 -19.25 -10.95
CA SER A 137 58.38 -18.62 -11.64
C SER A 137 59.18 -17.82 -10.61
N VAL A 138 60.45 -18.20 -10.42
CA VAL A 138 61.29 -17.60 -9.41
C VAL A 138 62.06 -16.40 -9.96
N PHE A 139 61.97 -15.27 -9.26
CA PHE A 139 62.70 -14.07 -9.65
C PHE A 139 63.30 -13.36 -8.44
N ILE A 140 64.62 -13.44 -8.31
CA ILE A 140 65.33 -12.80 -7.20
C ILE A 140 65.76 -11.39 -7.60
N PHE A 141 65.54 -10.44 -6.70
CA PHE A 141 65.85 -9.03 -6.95
C PHE A 141 66.78 -8.48 -5.87
N PRO A 142 68.01 -8.12 -6.25
CA PRO A 142 68.91 -7.44 -5.30
C PRO A 142 68.37 -6.08 -4.86
N PRO A 143 68.99 -5.50 -3.82
CA PRO A 143 68.53 -4.21 -3.29
C PRO A 143 68.98 -3.04 -4.16
N SER A 144 68.21 -1.96 -4.13
CA SER A 144 68.55 -0.76 -4.89
C SER A 144 69.77 -0.08 -4.29
N ASP A 145 70.52 0.63 -5.13
CA ASP A 145 71.68 1.39 -4.69
C ASP A 145 71.26 2.68 -3.98
N SER A 146 70.01 3.08 -4.18
CA SER A 146 69.46 4.25 -3.52
C SER A 146 69.05 3.93 -2.08
N GLN A 147 68.67 2.68 -1.85
CA GLN A 147 68.30 2.24 -0.51
C GLN A 147 69.56 2.05 0.34
N LEU A 148 70.62 1.55 -0.28
CA LEU A 148 71.91 1.40 0.40
C LEU A 148 72.45 2.77 0.79
N LYS A 149 71.96 3.81 0.13
CA LYS A 149 72.37 5.18 0.43
C LYS A 149 71.77 5.67 1.75
N SER A 150 70.62 5.11 2.11
CA SER A 150 69.95 5.47 3.36
C SER A 150 70.49 4.65 4.53
N GLY A 151 71.05 3.48 4.22
CA GLY A 151 71.63 2.61 5.22
C GLY A 151 70.80 1.37 5.45
N THR A 152 70.26 0.82 4.36
CA THR A 152 69.42 -0.38 4.43
C THR A 152 69.60 -1.22 3.17
N ALA A 153 69.37 -2.52 3.29
CA ALA A 153 69.50 -3.43 2.16
C ALA A 153 68.41 -4.52 2.20
N SER A 154 67.48 -4.46 1.25
CA SER A 154 66.39 -5.43 1.16
C SER A 154 66.52 -6.27 -0.10
N VAL A 155 66.71 -7.57 0.08
CA VAL A 155 66.81 -8.52 -1.03
C VAL A 155 65.48 -9.26 -1.19
N VAL A 156 64.91 -9.22 -2.39
CA VAL A 156 63.58 -9.78 -2.63
C VAL A 156 63.66 -11.11 -3.41
N CYS A 157 62.71 -12.00 -3.13
CA CYS A 157 62.59 -13.26 -3.87
C CYS A 157 61.12 -13.49 -4.25
N LEU A 158 60.83 -13.41 -5.55
CA LEU A 158 59.46 -13.50 -6.04
C LEU A 158 59.12 -14.86 -6.65
N LEU A 159 58.10 -15.50 -6.07
CA LEU A 159 57.55 -16.75 -6.58
C LEU A 159 56.22 -16.48 -7.28
N ASN A 160 56.24 -16.50 -8.61
CA ASN A 160 55.08 -16.05 -9.40
C ASN A 160 54.21 -17.17 -9.99
N ASN A 161 52.93 -17.13 -9.67
CA ASN A 161 51.90 -17.92 -10.37
C ASN A 161 52.03 -19.44 -10.23
N PHE A 162 51.63 -19.97 -9.08
CA PHE A 162 51.77 -21.39 -8.82
C PHE A 162 50.54 -21.97 -8.13
N TYR A 163 50.54 -23.30 -7.96
CA TYR A 163 49.51 -24.00 -7.19
C TYR A 163 50.02 -25.41 -6.88
N PRO A 164 49.75 -25.92 -5.66
CA PRO A 164 49.00 -25.32 -4.54
C PRO A 164 49.74 -24.19 -3.82
N ARG A 165 49.11 -23.64 -2.79
CA ARG A 165 49.65 -22.50 -2.05
C ARG A 165 50.89 -22.89 -1.26
N GLU A 166 51.02 -24.18 -0.96
CA GLU A 166 52.17 -24.68 -0.21
C GLU A 166 53.47 -24.46 -0.97
N ALA A 167 54.37 -23.69 -0.38
CA ALA A 167 55.68 -23.42 -0.98
C ALA A 167 56.65 -22.98 0.11
N LYS A 168 57.86 -23.53 0.08
CA LYS A 168 58.86 -23.25 1.10
C LYS A 168 60.01 -22.40 0.54
N VAL A 169 60.50 -21.47 1.36
CA VAL A 169 61.52 -20.52 0.92
C VAL A 169 62.61 -20.38 1.98
N GLN A 170 63.86 -20.48 1.55
CA GLN A 170 65.01 -20.26 2.45
C GLN A 170 66.09 -19.45 1.78
N TRP A 171 66.56 -18.43 2.49
CA TRP A 171 67.64 -17.58 2.00
C TRP A 171 68.99 -18.19 2.32
N LYS A 172 70.01 -17.78 1.57
CA LYS A 172 71.39 -18.19 1.84
C LYS A 172 72.35 -17.03 1.59
N VAL A 173 73.09 -16.66 2.63
CA VAL A 173 74.10 -15.61 2.53
C VAL A 173 75.48 -16.23 2.65
N ASP A 174 76.18 -16.35 1.53
CA ASP A 174 77.46 -17.04 1.47
C ASP A 174 77.31 -18.46 2.02
N ASN A 175 76.26 -19.14 1.57
CA ASN A 175 75.98 -20.52 1.97
C ASN A 175 75.74 -20.64 3.47
N ALA A 176 75.14 -19.60 4.05
CA ALA A 176 74.74 -19.60 5.46
C ALA A 176 73.22 -19.43 5.56
N LEU A 177 72.56 -20.46 6.08
CA LEU A 177 71.10 -20.46 6.20
C LEU A 177 70.61 -19.36 7.14
N GLN A 178 69.64 -18.56 6.67
CA GLN A 178 69.08 -17.46 7.45
C GLN A 178 67.62 -17.75 7.83
N SER A 179 67.13 -17.06 8.87
CA SER A 179 65.74 -17.18 9.29
C SER A 179 65.39 -16.08 10.28
N GLY A 180 64.13 -15.67 10.29
CA GLY A 180 63.66 -14.64 11.20
C GLY A 180 63.78 -13.25 10.58
N ASN A 181 64.82 -13.07 9.77
CA ASN A 181 65.06 -11.81 9.09
C ASN A 181 64.36 -11.73 7.74
N SER A 182 63.73 -12.83 7.34
CA SER A 182 63.06 -12.94 6.04
C SER A 182 61.55 -13.04 6.20
N GLN A 183 60.83 -12.05 5.67
CA GLN A 183 59.37 -12.02 5.75
C GLN A 183 58.75 -12.53 4.46
N GLU A 184 57.50 -13.01 4.55
CA GLU A 184 56.78 -13.51 3.40
C GLU A 184 55.43 -12.82 3.25
N SER A 185 55.02 -12.55 2.01
CA SER A 185 53.72 -11.97 1.72
C SER A 185 53.09 -12.62 0.50
N VAL A 186 51.85 -13.08 0.65
CA VAL A 186 51.14 -13.79 -0.42
C VAL A 186 49.93 -12.99 -0.91
N THR A 187 49.62 -13.12 -2.20
CA THR A 187 48.47 -12.45 -2.80
C THR A 187 47.28 -13.39 -2.90
N GLU A 188 46.08 -12.81 -3.01
CA GLU A 188 44.86 -13.59 -3.15
C GLU A 188 44.92 -14.48 -4.38
N GLN A 189 44.19 -15.59 -4.34
CA GLN A 189 44.10 -16.50 -5.48
C GLN A 189 43.54 -15.76 -6.68
N ASP A 190 44.22 -15.87 -7.82
CA ASP A 190 43.84 -15.13 -9.02
C ASP A 190 42.43 -15.48 -9.48
N SER A 191 41.72 -14.50 -10.04
CA SER A 191 40.35 -14.70 -10.49
C SER A 191 40.29 -15.47 -11.80
N LYS A 192 41.28 -15.23 -12.67
CA LYS A 192 41.29 -15.84 -14.00
C LYS A 192 41.93 -17.22 -14.02
N ASP A 193 43.23 -17.28 -13.75
CA ASP A 193 43.99 -18.52 -13.87
C ASP A 193 44.14 -19.23 -12.52
N SER A 194 43.76 -18.56 -11.43
CA SER A 194 43.76 -19.16 -10.10
C SER A 194 45.15 -19.64 -9.67
N THR A 195 46.12 -18.72 -9.67
CA THR A 195 47.48 -19.02 -9.24
C THR A 195 47.99 -17.94 -8.31
N TYR A 196 48.62 -18.36 -7.21
CA TYR A 196 49.10 -17.43 -6.20
C TYR A 196 50.42 -16.79 -6.60
N SER A 197 50.78 -15.72 -5.88
CA SER A 197 52.08 -15.08 -6.04
C SER A 197 52.61 -14.74 -4.66
N LEU A 198 53.88 -15.08 -4.40
CA LEU A 198 54.48 -14.95 -3.09
C LEU A 198 55.78 -14.16 -3.12
N SER A 199 55.83 -13.08 -2.34
CA SER A 199 57.04 -12.27 -2.22
C SER A 199 57.73 -12.55 -0.90
N SER A 200 59.00 -12.96 -0.96
CA SER A 200 59.82 -13.16 0.22
C SER A 200 60.83 -12.01 0.31
N THR A 201 60.73 -11.23 1.37
CA THR A 201 61.58 -10.05 1.56
C THR A 201 62.59 -10.24 2.69
N LEU A 202 63.86 -10.22 2.33
CA LEU A 202 64.96 -10.32 3.29
C LEU A 202 65.59 -8.95 3.54
N THR A 203 65.27 -8.36 4.68
N THR A 203 65.27 -8.36 4.68
CA THR A 203 65.78 -7.04 5.04
CA THR A 203 65.78 -7.04 5.04
C THR A 203 67.06 -7.17 5.87
C THR A 203 67.05 -7.14 5.89
N LEU A 204 68.02 -6.28 5.59
CA LEU A 204 69.28 -6.25 6.34
C LEU A 204 69.82 -4.83 6.39
N SER A 205 70.85 -4.62 7.20
CA SER A 205 71.54 -3.34 7.26
C SER A 205 72.70 -3.34 6.27
N LYS A 206 73.14 -2.15 5.88
CA LYS A 206 74.26 -2.02 4.95
C LYS A 206 75.48 -2.76 5.45
N ALA A 207 75.67 -2.70 6.77
CA ALA A 207 76.81 -3.34 7.42
C ALA A 207 76.87 -4.83 7.11
N ASP A 208 75.93 -5.58 7.66
CA ASP A 208 75.89 -7.02 7.47
C ASP A 208 75.84 -7.39 5.99
N TYR A 209 75.18 -6.55 5.20
CA TYR A 209 75.03 -6.82 3.78
C TYR A 209 76.39 -6.77 3.08
N GLU A 210 77.07 -5.63 3.19
CA GLU A 210 78.33 -5.42 2.49
C GLU A 210 79.41 -6.44 2.87
N LYS A 211 79.25 -7.09 4.01
CA LYS A 211 80.23 -8.06 4.48
CA LYS A 211 80.22 -8.06 4.49
C LYS A 211 80.15 -9.39 3.72
N HIS A 212 79.09 -9.56 2.94
CA HIS A 212 78.88 -10.80 2.19
C HIS A 212 78.82 -10.56 0.68
N LYS A 213 78.83 -11.65 -0.08
CA LYS A 213 78.85 -11.60 -1.53
C LYS A 213 77.73 -12.44 -2.15
N VAL A 214 77.78 -13.75 -1.90
CA VAL A 214 76.86 -14.70 -2.49
C VAL A 214 75.50 -14.65 -1.82
N TYR A 215 74.49 -14.17 -2.54
CA TYR A 215 73.10 -14.17 -2.04
C TYR A 215 72.26 -15.12 -2.87
N ALA A 216 71.92 -16.26 -2.27
CA ALA A 216 71.14 -17.30 -2.95
C ALA A 216 69.77 -17.50 -2.29
N CYS A 217 68.73 -17.51 -3.12
CA CYS A 217 67.36 -17.76 -2.66
C CYS A 217 66.90 -19.14 -3.11
N GLU A 218 66.71 -20.04 -2.14
CA GLU A 218 66.26 -21.40 -2.43
C GLU A 218 64.76 -21.54 -2.24
N VAL A 219 64.10 -22.10 -3.24
CA VAL A 219 62.66 -22.34 -3.21
C VAL A 219 62.38 -23.83 -3.33
N THR A 220 61.39 -24.30 -2.58
CA THR A 220 60.96 -25.68 -2.63
C THR A 220 59.45 -25.72 -2.88
N HIS A 221 59.06 -26.49 -3.90
CA HIS A 221 57.67 -26.58 -4.32
CA HIS A 221 57.67 -26.58 -4.32
C HIS A 221 57.33 -28.01 -4.73
N GLN A 222 56.05 -28.34 -4.74
CA GLN A 222 55.60 -29.68 -5.09
C GLN A 222 55.82 -29.98 -6.57
N GLY A 223 55.36 -29.09 -7.43
CA GLY A 223 55.43 -29.28 -8.87
C GLY A 223 56.83 -29.45 -9.45
N LEU A 224 57.82 -28.86 -8.78
CA LEU A 224 59.20 -28.92 -9.27
C LEU A 224 59.87 -30.25 -8.96
N SER A 225 60.76 -30.69 -9.84
CA SER A 225 61.49 -31.94 -9.66
C SER A 225 62.37 -31.87 -8.41
N SER A 226 63.12 -30.79 -8.29
CA SER A 226 63.93 -30.54 -7.11
C SER A 226 64.10 -29.03 -6.90
N PRO A 227 64.38 -28.62 -5.66
CA PRO A 227 64.47 -27.20 -5.29
C PRO A 227 65.33 -26.36 -6.23
N VAL A 228 64.72 -25.33 -6.82
CA VAL A 228 65.44 -24.42 -7.69
C VAL A 228 65.94 -23.23 -6.89
N THR A 229 67.24 -22.96 -6.98
CA THR A 229 67.87 -21.88 -6.23
C THR A 229 68.28 -20.75 -7.17
N LYS A 230 67.80 -19.55 -6.88
CA LYS A 230 68.13 -18.37 -7.67
C LYS A 230 69.03 -17.44 -6.88
N SER A 231 70.28 -17.31 -7.32
CA SER A 231 71.30 -16.58 -6.57
C SER A 231 71.95 -15.47 -7.40
N PHE A 232 72.60 -14.54 -6.71
CA PHE A 232 73.37 -13.49 -7.36
C PHE A 232 74.55 -13.07 -6.49
N ASN A 233 75.61 -12.61 -7.14
CA ASN A 233 76.80 -12.10 -6.46
C ASN A 233 76.82 -10.57 -6.45
N ARG A 234 77.06 -10.01 -5.27
CA ARG A 234 77.08 -8.56 -5.08
C ARG A 234 78.16 -7.87 -5.90
N GLU B 27 15.10 -2.49 4.00
CA GLU B 27 15.00 -1.20 4.68
C GLU B 27 15.59 -1.33 6.08
N VAL B 28 16.78 -1.90 6.17
CA VAL B 28 17.46 -2.08 7.46
C VAL B 28 18.97 -2.05 7.28
N GLN B 29 19.64 -1.23 8.08
CA GLN B 29 21.09 -1.11 7.99
C GLN B 29 21.74 -0.73 9.31
N LEU B 30 23.03 -1.05 9.41
CA LEU B 30 23.84 -0.68 10.57
C LEU B 30 25.06 0.12 10.12
N VAL B 31 25.04 1.42 10.37
CA VAL B 31 26.16 2.29 10.03
C VAL B 31 27.16 2.32 11.17
N GLU B 32 28.43 2.10 10.85
CA GLU B 32 29.49 2.02 11.85
C GLU B 32 30.54 3.11 11.66
N SER B 33 30.91 3.77 12.76
CA SER B 33 31.90 4.84 12.73
C SER B 33 32.63 4.97 14.06
N GLY B 34 33.56 5.91 14.14
CA GLY B 34 34.29 6.17 15.37
C GLY B 34 35.64 5.49 15.43
N GLY B 35 35.90 4.64 14.44
CA GLY B 35 37.16 3.93 14.36
C GLY B 35 38.27 4.76 13.73
N GLY B 36 39.47 4.19 13.65
CA GLY B 36 40.61 4.86 13.06
C GLY B 36 41.91 4.53 13.77
N LEU B 37 42.80 5.51 13.81
CA LEU B 37 44.11 5.33 14.42
C LEU B 37 44.13 5.86 15.85
N VAL B 38 44.96 5.24 16.70
CA VAL B 38 45.09 5.69 18.08
C VAL B 38 46.36 5.11 18.71
N GLN B 39 46.98 5.89 19.60
CA GLN B 39 48.18 5.46 20.30
C GLN B 39 47.87 4.36 21.31
N PRO B 40 48.86 3.51 21.62
CA PRO B 40 48.64 2.43 22.60
C PRO B 40 48.20 2.95 23.96
N GLY B 41 47.33 2.20 24.63
CA GLY B 41 46.81 2.61 25.92
C GLY B 41 45.81 3.75 25.80
N GLY B 42 45.51 4.16 24.57
CA GLY B 42 44.58 5.25 24.34
C GLY B 42 43.14 4.86 24.59
N SER B 43 42.22 5.65 24.05
CA SER B 43 40.79 5.39 24.21
C SER B 43 40.00 5.79 22.96
N LEU B 44 38.93 5.05 22.68
CA LEU B 44 38.05 5.36 21.55
C LEU B 44 36.59 5.07 21.89
N ARG B 45 35.68 5.64 21.10
CA ARG B 45 34.27 5.31 21.21
C ARG B 45 33.71 4.98 19.84
N LEU B 46 33.46 3.69 19.61
CA LEU B 46 32.86 3.26 18.36
C LEU B 46 31.36 3.49 18.43
N SER B 47 30.79 3.88 17.30
CA SER B 47 29.36 4.16 17.21
C SER B 47 28.75 3.32 16.10
N CYS B 48 27.67 2.62 16.44
CA CYS B 48 26.91 1.83 15.48
C CYS B 48 25.47 2.35 15.42
N ALA B 49 25.20 3.17 14.40
CA ALA B 49 23.87 3.74 14.21
C ALA B 49 23.00 2.77 13.44
N ALA B 50 21.92 2.31 14.08
CA ALA B 50 21.00 1.36 13.47
C ALA B 50 19.82 2.06 12.85
N SER B 51 19.42 1.60 11.67
CA SER B 51 18.25 2.14 10.98
C SER B 51 17.38 1.01 10.45
N GLY B 52 16.09 1.06 10.79
CA GLY B 52 15.13 0.07 10.34
C GLY B 52 14.45 -0.70 11.46
N PHE B 53 14.84 -0.42 12.70
CA PHE B 53 14.30 -1.13 13.85
C PHE B 53 14.69 -0.48 15.17
N ASN B 54 13.81 -0.57 16.17
CA ASN B 54 14.15 -0.08 17.49
C ASN B 54 15.33 -0.86 18.08
N VAL B 55 16.29 -0.13 18.61
CA VAL B 55 17.47 -0.75 19.20
C VAL B 55 17.09 -1.36 20.55
N TYR B 56 16.11 -0.77 21.22
CA TYR B 56 15.69 -1.23 22.54
C TYR B 56 15.08 -2.62 22.44
N SER B 57 14.29 -2.84 21.41
CA SER B 57 13.60 -4.11 21.21
C SER B 57 14.58 -5.26 21.00
N TYR B 58 15.65 -4.99 20.25
CA TYR B 58 16.67 -5.99 19.96
C TYR B 58 17.88 -5.85 20.87
N SER B 59 18.81 -6.81 20.75
CA SER B 59 20.09 -6.72 21.45
C SER B 59 21.20 -6.59 20.41
N ILE B 60 22.10 -5.63 20.61
CA ILE B 60 23.15 -5.37 19.62
C ILE B 60 24.49 -5.92 20.07
N HIS B 61 25.22 -6.46 19.10
CA HIS B 61 26.49 -7.13 19.34
C HIS B 61 27.63 -6.45 18.58
N TRP B 62 28.82 -6.51 19.18
CA TRP B 62 30.05 -6.08 18.53
C TRP B 62 30.98 -7.26 18.28
N VAL B 63 31.56 -7.32 17.09
CA VAL B 63 32.46 -8.40 16.72
C VAL B 63 33.60 -7.87 15.88
N ARG B 64 34.81 -7.92 16.41
CA ARG B 64 35.98 -7.43 15.69
C ARG B 64 36.70 -8.56 14.96
N GLN B 65 37.43 -8.20 13.91
CA GLN B 65 38.20 -9.16 13.12
C GLN B 65 39.60 -8.62 12.86
N ALA B 66 40.60 -9.27 13.42
CA ALA B 66 41.97 -8.83 13.24
C ALA B 66 42.47 -9.21 11.84
N PRO B 67 43.21 -8.29 11.18
CA PRO B 67 43.71 -8.53 9.81
C PRO B 67 44.42 -9.86 9.64
N GLY B 68 43.91 -10.69 8.73
CA GLY B 68 44.48 -12.00 8.47
C GLY B 68 44.03 -13.04 9.47
N LYS B 69 43.28 -12.61 10.48
CA LYS B 69 42.78 -13.51 11.51
C LYS B 69 41.29 -13.74 11.34
N GLY B 70 40.68 -14.48 12.26
CA GLY B 70 39.27 -14.79 12.20
C GLY B 70 38.42 -13.79 12.96
N LEU B 71 37.16 -14.16 13.17
CA LEU B 71 36.19 -13.29 13.84
C LEU B 71 36.29 -13.43 15.36
N GLU B 72 36.10 -12.32 16.06
CA GLU B 72 36.20 -12.31 17.52
C GLU B 72 35.06 -11.52 18.16
N TRP B 73 34.22 -12.21 18.94
CA TRP B 73 33.13 -11.55 19.63
C TRP B 73 33.67 -10.65 20.72
N VAL B 74 33.07 -9.47 20.85
CA VAL B 74 33.57 -8.45 21.76
C VAL B 74 32.60 -8.16 22.91
N ALA B 75 31.37 -7.77 22.59
CA ALA B 75 30.40 -7.44 23.63
C ALA B 75 28.98 -7.40 23.08
N SER B 76 28.02 -7.56 23.98
CA SER B 76 26.60 -7.56 23.64
C SER B 76 25.81 -6.68 24.60
N ILE B 77 24.77 -6.03 24.07
CA ILE B 77 23.87 -5.21 24.87
C ILE B 77 22.41 -5.41 24.46
N TYR B 78 21.55 -5.63 25.45
CA TYR B 78 20.10 -5.70 25.25
C TYR B 78 19.41 -4.76 26.21
N SER B 79 18.87 -3.67 25.68
CA SER B 79 18.34 -2.58 26.51
C SER B 79 17.07 -2.94 27.26
N TYR B 80 16.14 -3.63 26.58
CA TYR B 80 14.85 -3.97 27.18
C TYR B 80 15.02 -4.85 28.42
N TYR B 81 16.14 -5.56 28.50
CA TYR B 81 16.45 -6.37 29.67
C TYR B 81 17.43 -5.64 30.59
N GLY B 82 18.19 -4.71 30.01
CA GLY B 82 19.17 -3.96 30.75
C GLY B 82 20.43 -4.76 31.04
N SER B 83 20.74 -5.69 30.15
CA SER B 83 21.87 -6.60 30.33
C SER B 83 23.04 -6.17 29.45
N THR B 84 24.25 -6.45 29.93
CA THR B 84 25.46 -6.19 29.17
C THR B 84 26.44 -7.36 29.36
N TYR B 85 26.99 -7.85 28.26
CA TYR B 85 27.94 -8.95 28.33
C TYR B 85 29.19 -8.68 27.52
N TYR B 86 30.35 -9.07 28.07
CA TYR B 86 31.63 -8.80 27.44
C TYR B 86 32.45 -10.08 27.34
N ALA B 87 33.32 -10.13 26.34
CA ALA B 87 34.24 -11.25 26.17
C ALA B 87 35.34 -11.16 27.22
N ASP B 88 35.90 -12.31 27.59
CA ASP B 88 36.96 -12.35 28.58
C ASP B 88 38.10 -11.41 28.20
N SER B 89 38.40 -11.36 26.91
CA SER B 89 39.57 -10.64 26.42
C SER B 89 39.43 -9.11 26.46
N VAL B 90 38.31 -8.60 26.98
CA VAL B 90 38.09 -7.16 27.06
C VAL B 90 37.29 -6.76 28.30
N LYS B 91 37.19 -7.67 29.27
CA LYS B 91 36.39 -7.40 30.47
C LYS B 91 36.94 -6.21 31.24
N GLY B 92 36.06 -5.33 31.68
CA GLY B 92 36.44 -4.18 32.49
C GLY B 92 37.02 -3.04 31.68
N ARG B 93 37.84 -3.38 30.68
CA ARG B 93 38.50 -2.40 29.84
C ARG B 93 37.50 -1.70 28.92
N PHE B 94 36.77 -2.49 28.13
CA PHE B 94 35.74 -1.95 27.24
C PHE B 94 34.43 -1.70 27.98
N THR B 95 33.53 -0.94 27.36
CA THR B 95 32.23 -0.64 27.96
C THR B 95 31.20 -0.32 26.88
N ILE B 96 30.29 -1.26 26.65
CA ILE B 96 29.25 -1.12 25.62
C ILE B 96 28.04 -0.39 26.18
N SER B 97 27.35 0.34 25.30
CA SER B 97 26.13 1.05 25.66
C SER B 97 25.30 1.29 24.41
N ALA B 98 24.18 1.99 24.56
CA ALA B 98 23.35 2.34 23.43
C ALA B 98 22.30 3.38 23.78
N ASP B 99 22.24 4.43 22.97
CA ASP B 99 21.27 5.50 23.18
C ASP B 99 19.97 5.15 22.45
N THR B 100 18.92 4.97 23.23
CA THR B 100 17.61 4.56 22.71
C THR B 100 16.94 5.69 21.95
N SER B 101 17.05 6.91 22.48
CA SER B 101 16.46 8.08 21.84
C SER B 101 17.15 8.36 20.51
N LYS B 102 18.48 8.29 20.51
CA LYS B 102 19.25 8.44 19.28
C LYS B 102 19.26 7.14 18.48
N ASN B 103 18.80 6.06 19.13
CA ASN B 103 18.73 4.75 18.50
C ASN B 103 20.07 4.33 17.91
N THR B 104 21.08 4.27 18.78
CA THR B 104 22.44 3.98 18.34
C THR B 104 23.21 3.26 19.43
N ALA B 105 24.05 2.33 19.02
CA ALA B 105 24.91 1.58 19.95
C ALA B 105 26.29 2.22 20.02
N TYR B 106 26.96 2.02 21.15
CA TYR B 106 28.29 2.58 21.36
C TYR B 106 29.21 1.56 22.03
N LEU B 107 30.43 1.44 21.51
CA LEU B 107 31.45 0.61 22.15
C LEU B 107 32.61 1.48 22.60
N GLN B 108 32.63 1.78 23.89
CA GLN B 108 33.69 2.56 24.51
C GLN B 108 34.88 1.67 24.82
N MET B 109 36.00 1.92 24.15
CA MET B 109 37.22 1.15 24.35
C MET B 109 38.29 1.96 25.09
N ASN B 110 38.76 1.40 26.20
CA ASN B 110 39.83 2.01 27.01
C ASN B 110 40.99 1.04 27.19
N SER B 111 42.16 1.59 27.53
CA SER B 111 43.35 0.77 27.78
C SER B 111 43.67 -0.12 26.60
N LEU B 112 43.55 0.42 25.40
CA LEU B 112 43.78 -0.34 24.18
C LEU B 112 45.20 -0.89 24.11
N ARG B 113 45.37 -1.94 23.30
CA ARG B 113 46.68 -2.54 23.08
C ARG B 113 46.88 -2.81 21.60
N ALA B 114 48.11 -3.15 21.22
CA ALA B 114 48.44 -3.40 19.83
C ALA B 114 47.68 -4.62 19.32
N GLU B 115 47.19 -5.45 20.25
CA GLU B 115 46.46 -6.65 19.89
C GLU B 115 44.97 -6.36 19.68
N ASP B 116 44.53 -5.15 20.03
CA ASP B 116 43.15 -4.73 19.77
C ASP B 116 42.99 -4.19 18.34
N THR B 117 44.09 -4.13 17.59
CA THR B 117 44.05 -3.69 16.20
C THR B 117 43.20 -4.66 15.38
N ALA B 118 42.00 -4.22 14.99
CA ALA B 118 41.09 -5.07 14.26
C ALA B 118 39.96 -4.28 13.61
N VAL B 119 39.30 -4.89 12.63
CA VAL B 119 38.12 -4.30 12.00
C VAL B 119 36.89 -4.63 12.85
N TYR B 120 36.30 -3.61 13.45
CA TYR B 120 35.16 -3.79 14.33
C TYR B 120 33.83 -3.76 13.58
N TYR B 121 33.06 -4.85 13.72
CA TYR B 121 31.73 -4.96 13.14
C TYR B 121 30.64 -4.85 14.21
N CYS B 122 29.45 -4.41 13.79
CA CYS B 122 28.28 -4.33 14.65
C CYS B 122 27.12 -5.11 14.03
N ALA B 123 26.40 -5.89 14.84
CA ALA B 123 25.31 -6.70 14.31
C ALA B 123 24.16 -6.88 15.31
N ARG B 124 23.11 -7.57 14.88
CA ARG B 124 21.93 -7.85 15.71
C ARG B 124 21.51 -9.32 15.63
N LEU B 125 20.59 -9.73 16.50
CA LEU B 125 20.07 -11.10 16.50
C LEU B 125 18.81 -11.26 15.66
N THR B 126 18.27 -12.48 15.61
CA THR B 126 17.07 -12.81 14.82
C THR B 126 15.89 -12.02 15.31
N TRP B 127 14.72 -12.24 14.69
CA TRP B 127 13.52 -11.51 15.09
C TRP B 127 13.44 -11.56 16.62
N ARG B 128 13.73 -10.40 17.22
CA ARG B 128 13.96 -10.24 18.67
C ARG B 128 15.07 -11.17 19.19
N SER B 129 14.75 -12.12 20.07
CA SER B 129 15.74 -13.03 20.61
C SER B 129 15.92 -14.27 19.72
N TYR B 130 14.86 -15.03 19.42
CA TYR B 130 13.53 -14.91 20.03
C TYR B 130 13.44 -15.81 21.26
N ARG B 131 13.87 -17.05 21.08
CA ARG B 131 14.04 -17.99 22.17
C ARG B 131 15.51 -17.98 22.54
N GLY B 132 16.21 -19.06 22.20
CA GLY B 132 17.65 -19.14 22.37
C GLY B 132 18.23 -19.44 21.00
N VAL B 133 17.92 -18.56 20.05
CA VAL B 133 18.33 -18.74 18.67
C VAL B 133 19.37 -17.69 18.30
N HIS B 134 20.54 -17.82 18.90
CA HIS B 134 21.59 -16.82 18.76
C HIS B 134 22.25 -16.90 17.38
N ALA B 135 21.88 -15.97 16.51
CA ALA B 135 22.46 -15.88 15.18
C ALA B 135 22.48 -14.41 14.75
N LEU B 136 23.59 -13.98 14.18
CA LEU B 136 23.72 -12.60 13.73
C LEU B 136 23.34 -12.44 12.26
N ASP B 137 22.12 -11.98 12.01
CA ASP B 137 21.62 -11.87 10.63
C ASP B 137 22.15 -10.65 9.88
N TYR B 138 21.99 -9.47 10.48
CA TYR B 138 22.40 -8.23 9.83
C TYR B 138 23.68 -7.65 10.43
N TRP B 139 24.76 -7.74 9.67
CA TRP B 139 26.03 -7.12 10.03
C TRP B 139 26.16 -5.81 9.27
N GLY B 140 27.00 -4.90 9.78
CA GLY B 140 27.35 -3.68 9.06
C GLY B 140 28.54 -3.96 8.16
N GLN B 141 29.22 -2.90 7.72
CA GLN B 141 30.43 -3.06 6.90
C GLN B 141 31.68 -2.90 7.75
N GLY B 142 31.50 -2.48 9.00
CA GLY B 142 32.58 -2.45 9.96
C GLY B 142 33.46 -1.23 9.84
N THR B 143 34.25 -0.97 10.88
CA THR B 143 35.22 0.12 10.87
C THR B 143 36.56 -0.38 11.38
N LEU B 144 37.65 0.07 10.76
CA LEU B 144 38.98 -0.38 11.13
C LEU B 144 39.58 0.47 12.25
N VAL B 145 39.90 -0.18 13.36
CA VAL B 145 40.54 0.47 14.49
C VAL B 145 42.00 0.03 14.56
N THR B 146 42.91 0.98 14.35
CA THR B 146 44.34 0.71 14.39
C THR B 146 44.98 1.29 15.65
N VAL B 147 45.56 0.41 16.46
CA VAL B 147 46.29 0.80 17.65
C VAL B 147 47.78 0.60 17.42
N SER B 148 48.49 1.70 17.26
CA SER B 148 49.93 1.67 17.01
C SER B 148 50.61 2.92 17.56
N SER B 149 51.89 2.80 17.85
CA SER B 149 52.65 3.89 18.46
C SER B 149 53.27 4.81 17.41
N ALA B 150 53.55 4.26 16.23
CA ALA B 150 54.20 5.00 15.16
C ALA B 150 53.35 6.19 14.73
N SER B 151 54.01 7.23 14.22
CA SER B 151 53.32 8.43 13.74
C SER B 151 53.24 8.42 12.21
N THR B 152 52.61 9.43 11.65
CA THR B 152 52.43 9.52 10.21
C THR B 152 53.77 9.66 9.48
N LYS B 153 53.97 8.85 8.45
CA LYS B 153 55.23 8.86 7.70
C LYS B 153 55.02 8.47 6.23
N GLY B 154 55.64 9.22 5.33
CA GLY B 154 55.53 8.96 3.90
C GLY B 154 56.48 7.87 3.45
N PRO B 155 56.09 7.11 2.40
CA PRO B 155 56.90 5.98 1.93
C PRO B 155 58.10 6.37 1.09
N SER B 156 59.03 5.42 0.93
CA SER B 156 60.12 5.56 -0.03
C SER B 156 60.03 4.44 -1.06
N VAL B 157 59.94 4.83 -2.33
CA VAL B 157 59.81 3.87 -3.42
C VAL B 157 61.17 3.49 -3.99
N PHE B 158 61.51 2.22 -3.92
CA PHE B 158 62.78 1.72 -4.44
C PHE B 158 62.55 0.75 -5.61
N PRO B 159 63.31 0.92 -6.71
CA PRO B 159 63.10 0.11 -7.91
C PRO B 159 63.72 -1.28 -7.86
N LEU B 160 63.02 -2.29 -8.36
CA LEU B 160 63.56 -3.65 -8.46
C LEU B 160 63.94 -3.99 -9.90
N ALA B 161 65.21 -3.77 -10.23
CA ALA B 161 65.69 -3.93 -11.61
C ALA B 161 65.66 -5.39 -12.07
N PRO B 162 65.53 -5.62 -13.40
CA PRO B 162 65.57 -6.96 -13.99
C PRO B 162 66.98 -7.46 -14.28
N SER B 163 67.30 -8.67 -13.82
CA SER B 163 68.61 -9.26 -14.05
C SER B 163 68.57 -10.13 -15.31
N SER B 164 67.41 -10.68 -15.60
CA SER B 164 67.23 -11.52 -16.77
C SER B 164 67.50 -10.76 -18.06
N LYS B 165 68.14 -11.42 -19.02
CA LYS B 165 68.48 -10.79 -20.30
C LYS B 165 67.22 -10.47 -21.09
N SER B 166 67.31 -9.43 -21.93
CA SER B 166 66.17 -9.00 -22.75
C SER B 166 66.00 -9.90 -23.97
N THR B 167 67.06 -10.61 -24.34
CA THR B 167 67.03 -11.50 -25.50
C THR B 167 66.90 -12.96 -25.08
N SER B 168 66.41 -13.20 -23.86
CA SER B 168 66.21 -14.55 -23.36
C SER B 168 64.93 -15.16 -23.94
N GLY B 169 63.93 -14.32 -24.18
CA GLY B 169 62.69 -14.77 -24.78
C GLY B 169 61.68 -15.29 -23.77
N GLY B 170 62.14 -15.57 -22.56
CA GLY B 170 61.28 -16.10 -21.51
C GLY B 170 60.43 -15.02 -20.87
N THR B 171 60.30 -15.10 -19.55
CA THR B 171 59.51 -14.14 -18.79
C THR B 171 60.43 -13.24 -17.95
N ALA B 172 60.23 -11.93 -18.07
CA ALA B 172 61.00 -10.96 -17.29
C ALA B 172 60.14 -10.33 -16.20
N ALA B 173 60.67 -10.28 -14.99
CA ALA B 173 59.96 -9.75 -13.83
C ALA B 173 60.46 -8.37 -13.44
N LEU B 174 59.54 -7.51 -12.98
CA LEU B 174 59.90 -6.18 -12.49
C LEU B 174 59.06 -5.83 -11.26
N GLY B 175 59.36 -4.67 -10.67
CA GLY B 175 58.60 -4.22 -9.52
C GLY B 175 59.15 -2.99 -8.82
N CYS B 176 58.39 -2.53 -7.82
CA CYS B 176 58.77 -1.40 -6.99
C CYS B 176 58.62 -1.77 -5.52
N LEU B 177 59.36 -1.07 -4.67
CA LEU B 177 59.40 -1.34 -3.25
C LEU B 177 58.99 -0.11 -2.44
N VAL B 178 57.74 -0.10 -1.99
CA VAL B 178 57.22 1.00 -1.17
C VAL B 178 57.54 0.72 0.30
N LYS B 179 58.63 1.29 0.78
CA LYS B 179 59.16 0.96 2.10
C LYS B 179 58.96 2.08 3.12
N ASP B 180 58.77 1.67 4.38
CA ASP B 180 58.70 2.57 5.52
C ASP B 180 57.67 3.69 5.36
N TYR B 181 56.43 3.38 5.72
CA TYR B 181 55.35 4.37 5.75
C TYR B 181 54.30 3.96 6.77
N PHE B 182 53.48 4.92 7.18
CA PHE B 182 52.46 4.66 8.18
C PHE B 182 51.47 5.81 8.25
N PRO B 183 50.17 5.50 8.46
CA PRO B 183 49.54 4.18 8.55
C PRO B 183 49.15 3.64 7.17
N GLU B 184 48.21 2.70 7.15
CA GLU B 184 47.63 2.21 5.90
C GLU B 184 46.46 3.10 5.47
N PRO B 185 46.03 3.00 4.20
CA PRO B 185 46.61 2.21 3.10
C PRO B 185 47.33 3.07 2.07
N VAL B 186 48.05 2.42 1.16
CA VAL B 186 48.74 3.08 0.07
C VAL B 186 48.30 2.49 -1.28
N THR B 187 48.35 3.31 -2.32
CA THR B 187 47.94 2.88 -3.65
C THR B 187 49.10 2.88 -4.65
N VAL B 188 49.30 1.73 -5.29
CA VAL B 188 50.36 1.56 -6.28
C VAL B 188 49.78 1.14 -7.63
N SER B 189 50.21 1.81 -8.69
CA SER B 189 49.77 1.47 -10.04
C SER B 189 50.93 1.50 -11.03
N TRP B 190 50.67 1.02 -12.25
CA TRP B 190 51.67 0.97 -13.31
C TRP B 190 51.20 1.75 -14.54
N ASN B 191 52.04 2.66 -15.01
CA ASN B 191 51.75 3.45 -16.21
C ASN B 191 50.41 4.18 -16.11
N SER B 192 50.12 4.69 -14.92
CA SER B 192 48.86 5.40 -14.67
C SER B 192 47.65 4.55 -15.01
N GLY B 193 47.61 3.34 -14.45
CA GLY B 193 46.46 2.47 -14.61
C GLY B 193 46.46 1.70 -15.93
N ALA B 194 47.39 2.05 -16.82
CA ALA B 194 47.46 1.41 -18.13
C ALA B 194 47.81 -0.07 -18.00
N LEU B 195 49.07 -0.36 -17.70
CA LEU B 195 49.51 -1.74 -17.53
C LEU B 195 48.87 -2.36 -16.31
N THR B 196 48.17 -3.47 -16.50
CA THR B 196 47.48 -4.16 -15.42
C THR B 196 47.63 -5.67 -15.51
N SER B 197 47.95 -6.18 -16.70
CA SER B 197 48.10 -7.62 -16.88
C SER B 197 49.41 -8.12 -16.30
N GLY B 198 49.31 -9.09 -15.39
CA GLY B 198 50.48 -9.68 -14.75
C GLY B 198 50.92 -8.94 -13.50
N VAL B 199 50.29 -7.82 -13.20
CA VAL B 199 50.64 -7.01 -12.04
C VAL B 199 50.26 -7.71 -10.74
N HIS B 200 51.09 -7.51 -9.72
CA HIS B 200 50.84 -8.04 -8.39
C HIS B 200 51.25 -7.04 -7.32
N THR B 201 50.27 -6.44 -6.65
CA THR B 201 50.52 -5.57 -5.51
C THR B 201 50.29 -6.36 -4.21
N PHE B 202 51.38 -6.79 -3.58
CA PHE B 202 51.30 -7.66 -2.41
C PHE B 202 50.71 -6.96 -1.18
N PRO B 203 50.10 -7.73 -0.26
CA PRO B 203 49.59 -7.13 0.99
C PRO B 203 50.70 -6.53 1.84
N ALA B 204 50.47 -5.33 2.36
CA ALA B 204 51.46 -4.65 3.19
C ALA B 204 51.65 -5.41 4.50
N VAL B 205 52.90 -5.74 4.80
CA VAL B 205 53.24 -6.43 6.04
C VAL B 205 53.75 -5.43 7.07
N LEU B 206 53.78 -5.84 8.34
CA LEU B 206 54.25 -4.98 9.42
C LEU B 206 55.69 -5.28 9.79
N GLN B 207 56.54 -4.25 9.75
CA GLN B 207 57.93 -4.38 10.14
C GLN B 207 58.06 -4.14 11.64
N SER B 208 59.25 -4.41 12.18
CA SER B 208 59.49 -4.28 13.61
C SER B 208 59.23 -2.88 14.12
N SER B 209 59.68 -1.89 13.36
CA SER B 209 59.59 -0.49 13.76
C SER B 209 58.15 -0.04 14.00
N GLY B 210 57.22 -0.69 13.31
CA GLY B 210 55.82 -0.30 13.35
C GLY B 210 55.43 0.37 12.05
N LEU B 211 56.36 0.42 11.10
CA LEU B 211 56.11 1.00 9.78
C LEU B 211 55.71 -0.09 8.81
N TYR B 212 54.79 0.25 7.91
CA TYR B 212 54.33 -0.69 6.90
C TYR B 212 55.24 -0.67 5.67
N SER B 213 55.27 -1.78 4.95
CA SER B 213 56.12 -1.90 3.76
C SER B 213 55.62 -3.01 2.84
N LEU B 214 55.67 -2.74 1.54
CA LEU B 214 55.20 -3.71 0.55
C LEU B 214 56.06 -3.69 -0.71
N SER B 215 55.85 -4.70 -1.56
CA SER B 215 56.52 -4.79 -2.85
C SER B 215 55.48 -5.03 -3.93
N SER B 216 55.48 -4.16 -4.95
CA SER B 216 54.51 -4.24 -6.05
C SER B 216 55.20 -4.64 -7.34
N VAL B 217 54.97 -5.88 -7.78
CA VAL B 217 55.70 -6.45 -8.91
C VAL B 217 54.82 -6.58 -10.16
N VAL B 218 55.45 -6.95 -11.27
CA VAL B 218 54.73 -7.19 -12.51
C VAL B 218 55.58 -8.05 -13.45
N THR B 219 54.95 -9.02 -14.10
CA THR B 219 55.63 -9.92 -15.03
C THR B 219 55.31 -9.54 -16.47
N VAL B 220 56.34 -9.45 -17.29
CA VAL B 220 56.20 -9.06 -18.69
C VAL B 220 57.14 -9.89 -19.57
N PRO B 221 56.90 -9.88 -20.89
CA PRO B 221 57.80 -10.59 -21.80
C PRO B 221 59.24 -10.07 -21.73
N SER B 222 60.19 -10.90 -22.13
CA SER B 222 61.61 -10.53 -22.08
C SER B 222 61.95 -9.44 -23.08
N SER B 223 61.33 -9.51 -24.26
CA SER B 223 61.60 -8.55 -25.33
C SER B 223 61.08 -7.16 -24.99
N SER B 224 60.12 -7.09 -24.08
CA SER B 224 59.50 -5.81 -23.73
C SER B 224 60.45 -4.89 -22.96
N LEU B 225 61.55 -5.47 -22.46
CA LEU B 225 62.54 -4.70 -21.73
C LEU B 225 63.24 -3.72 -22.67
N GLY B 226 63.33 -2.47 -22.26
CA GLY B 226 63.90 -1.42 -23.10
C GLY B 226 62.82 -0.76 -23.95
N THR B 227 61.97 -1.58 -24.54
CA THR B 227 60.88 -1.09 -25.37
C THR B 227 59.85 -0.32 -24.53
N GLN B 228 59.17 -1.04 -23.65
CA GLN B 228 58.12 -0.45 -22.82
C GLN B 228 58.73 0.33 -21.66
N THR B 229 58.27 1.57 -21.47
CA THR B 229 58.72 2.39 -20.37
C THR B 229 57.90 2.09 -19.12
N TYR B 230 58.51 1.36 -18.18
CA TYR B 230 57.84 0.97 -16.95
C TYR B 230 58.08 1.99 -15.84
N ILE B 231 56.99 2.58 -15.37
CA ILE B 231 57.04 3.57 -14.28
C ILE B 231 55.97 3.27 -13.24
N CYS B 232 56.39 3.00 -12.01
CA CYS B 232 55.44 2.69 -10.95
C CYS B 232 54.99 3.96 -10.23
N ASN B 233 53.68 4.12 -10.13
CA ASN B 233 53.07 5.28 -9.49
C ASN B 233 52.54 4.92 -8.10
N VAL B 234 53.18 5.47 -7.08
CA VAL B 234 52.82 5.19 -5.69
C VAL B 234 52.20 6.43 -5.03
N ASN B 235 51.14 6.22 -4.25
CA ASN B 235 50.49 7.32 -3.55
C ASN B 235 50.05 6.96 -2.13
N HIS B 236 50.26 7.92 -1.22
CA HIS B 236 49.89 7.78 0.18
C HIS B 236 49.16 9.04 0.63
N LYS B 237 47.84 8.94 0.77
CA LYS B 237 46.99 10.10 1.03
C LYS B 237 47.14 10.72 2.44
N PRO B 238 47.20 9.89 3.49
CA PRO B 238 47.20 10.43 4.85
C PRO B 238 48.33 11.42 5.16
N SER B 239 49.46 11.27 4.48
CA SER B 239 50.62 12.14 4.70
C SER B 239 50.82 13.14 3.57
N ASN B 240 49.93 13.08 2.57
CA ASN B 240 50.04 13.92 1.38
C ASN B 240 51.36 13.67 0.67
N THR B 241 51.50 12.48 0.08
CA THR B 241 52.73 12.10 -0.60
C THR B 241 52.43 11.28 -1.86
N LYS B 242 53.13 11.62 -2.94
CA LYS B 242 53.03 10.90 -4.20
C LYS B 242 54.42 10.72 -4.81
N VAL B 243 54.70 9.51 -5.28
CA VAL B 243 56.02 9.19 -5.82
C VAL B 243 55.92 8.31 -7.06
N ASP B 244 56.41 8.83 -8.17
CA ASP B 244 56.49 8.07 -9.42
C ASP B 244 57.95 7.66 -9.66
N LYS B 245 58.19 6.36 -9.78
CA LYS B 245 59.54 5.84 -9.93
C LYS B 245 59.67 4.98 -11.19
N LYS B 246 60.77 5.16 -11.91
CA LYS B 246 61.02 4.46 -13.17
C LYS B 246 61.92 3.24 -12.99
N VAL B 247 61.35 2.05 -13.19
CA VAL B 247 62.12 0.80 -13.15
C VAL B 247 62.92 0.67 -14.43
N GLU B 248 64.20 0.29 -14.30
CA GLU B 248 65.09 0.18 -15.44
C GLU B 248 66.02 -1.03 -15.32
N PRO B 249 66.58 -1.49 -16.45
CA PRO B 249 67.55 -2.60 -16.45
C PRO B 249 68.78 -2.31 -15.58
N MET C 1 12.51 -74.37 8.43
CA MET C 1 12.54 -73.19 7.57
C MET C 1 11.43 -72.21 7.97
N ASP C 2 10.48 -72.69 8.77
CA ASP C 2 9.38 -71.86 9.24
C ASP C 2 9.91 -70.70 10.08
N GLU C 3 10.99 -70.96 10.80
CA GLU C 3 11.59 -69.97 11.70
C GLU C 3 12.02 -68.70 10.96
N ILE C 4 12.08 -68.78 9.63
CA ILE C 4 12.41 -67.63 8.80
C ILE C 4 11.15 -66.86 8.42
N ILE C 5 10.11 -67.59 8.03
CA ILE C 5 8.81 -67.00 7.72
C ILE C 5 8.27 -66.28 8.96
N THR C 6 8.49 -66.87 10.13
CA THR C 6 8.07 -66.23 11.37
C THR C 6 8.74 -64.86 11.54
N ARG C 7 10.05 -64.83 11.32
CA ARG C 7 10.81 -63.59 11.40
C ARG C 7 10.32 -62.58 10.37
N TRP C 8 10.15 -63.03 9.13
CA TRP C 8 9.62 -62.16 8.08
C TRP C 8 8.29 -61.52 8.48
N ALA C 9 7.33 -62.35 8.89
CA ALA C 9 5.99 -61.86 9.21
C ALA C 9 5.99 -60.96 10.46
N THR C 10 6.75 -61.35 11.47
CA THR C 10 6.87 -60.52 12.68
C THR C 10 7.47 -59.16 12.33
N ASP C 11 8.59 -59.16 11.61
CA ASP C 11 9.21 -57.92 11.17
C ASP C 11 8.22 -57.08 10.37
N LEU C 12 7.51 -57.74 9.45
CA LEU C 12 6.51 -57.06 8.64
C LEU C 12 5.50 -56.33 9.51
N ALA C 13 4.81 -57.07 10.37
CA ALA C 13 3.77 -56.46 11.22
C ALA C 13 4.37 -55.38 12.11
N LYS C 14 5.54 -55.67 12.67
CA LYS C 14 6.24 -54.74 13.55
C LYS C 14 6.51 -53.40 12.87
N TYR C 15 7.04 -53.45 11.65
CA TYR C 15 7.38 -52.22 10.92
C TYR C 15 6.18 -51.57 10.26
N GLN C 16 5.15 -52.36 9.95
CA GLN C 16 3.90 -51.79 9.49
C GLN C 16 3.30 -50.91 10.58
N LYS C 17 3.16 -51.49 11.77
CA LYS C 17 2.59 -50.77 12.92
C LYS C 17 3.32 -49.46 13.20
N GLU C 18 4.58 -49.38 12.77
CA GLU C 18 5.39 -48.18 12.96
C GLU C 18 5.23 -47.19 11.80
N PHE C 19 5.24 -47.73 10.59
CA PHE C 19 5.02 -46.91 9.40
C PHE C 19 3.69 -46.17 9.46
N LYS C 20 2.66 -46.85 9.94
CA LYS C 20 1.36 -46.22 10.15
C LYS C 20 1.50 -44.99 11.05
N GLU C 21 2.22 -45.17 12.16
CA GLU C 21 2.44 -44.10 13.12
C GLU C 21 3.19 -42.93 12.49
N GLN C 22 4.29 -43.23 11.81
CA GLN C 22 5.06 -42.20 11.10
C GLN C 22 4.15 -41.40 10.17
N ALA C 23 3.46 -42.10 9.28
CA ALA C 23 2.55 -41.45 8.35
C ALA C 23 1.58 -40.53 9.10
N ALA C 24 0.95 -41.07 10.14
CA ALA C 24 0.01 -40.29 10.95
C ALA C 24 0.65 -39.01 11.46
N LYS C 25 1.86 -39.15 11.98
CA LYS C 25 2.61 -38.03 12.51
C LYS C 25 2.82 -36.98 11.42
N VAL C 26 3.23 -37.44 10.24
CA VAL C 26 3.41 -36.55 9.09
C VAL C 26 2.12 -35.81 8.76
N MET C 27 1.00 -36.54 8.75
CA MET C 27 -0.29 -35.94 8.48
C MET C 27 -0.58 -34.81 9.47
N GLU C 28 -0.42 -35.13 10.76
CA GLU C 28 -0.64 -34.15 11.81
C GLU C 28 0.22 -32.92 11.58
N TRP C 29 1.49 -33.15 11.25
CA TRP C 29 2.39 -32.06 10.92
C TRP C 29 1.87 -31.21 9.75
N ASP C 30 1.38 -31.85 8.70
CA ASP C 30 0.78 -31.11 7.59
C ASP C 30 -0.35 -30.22 8.08
N ARG C 31 -1.25 -30.81 8.87
CA ARG C 31 -2.36 -30.05 9.44
C ARG C 31 -1.84 -28.82 10.16
N LEU C 32 -0.83 -29.02 11.02
CA LEU C 32 -0.19 -27.92 11.72
C LEU C 32 0.31 -26.85 10.75
N LEU C 33 1.00 -27.30 9.71
CA LEU C 33 1.55 -26.38 8.70
C LEU C 33 0.49 -25.51 8.04
N VAL C 34 -0.58 -26.11 7.53
CA VAL C 34 -1.64 -25.30 6.89
C VAL C 34 -2.36 -24.41 7.91
N GLU C 35 -2.62 -24.98 9.09
CA GLU C 35 -3.27 -24.26 10.16
C GLU C 35 -2.52 -22.98 10.50
N ASN C 36 -1.19 -23.08 10.56
CA ASN C 36 -0.37 -21.88 10.74
C ASN C 36 -0.34 -20.98 9.51
N GLY C 37 -0.19 -21.60 8.34
CA GLY C 37 -0.17 -20.87 7.08
C GLY C 37 -1.31 -19.87 6.94
N GLU C 38 -2.53 -20.32 7.24
CA GLU C 38 -3.67 -19.41 7.27
C GLU C 38 -3.36 -18.18 8.12
N LYS C 39 -2.81 -18.41 9.30
CA LYS C 39 -2.49 -17.34 10.23
C LYS C 39 -1.40 -16.44 9.65
N ILE C 40 -0.41 -17.05 8.99
CA ILE C 40 0.63 -16.28 8.30
C ILE C 40 0.00 -15.31 7.31
N GLN C 41 -0.91 -15.82 6.48
CA GLN C 41 -1.62 -14.94 5.54
C GLN C 41 -2.35 -13.83 6.28
N LYS C 42 -3.07 -14.18 7.33
CA LYS C 42 -3.74 -13.16 8.14
C LYS C 42 -2.73 -12.10 8.58
N LEU C 43 -1.54 -12.53 8.98
CA LEU C 43 -0.48 -11.61 9.37
C LEU C 43 -0.05 -10.74 8.19
N TYR C 44 0.07 -11.33 7.00
CA TYR C 44 0.37 -10.56 5.80
C TYR C 44 -0.64 -9.43 5.61
N THR C 45 -1.93 -9.79 5.65
CA THR C 45 -2.98 -8.79 5.51
C THR C 45 -2.86 -7.69 6.56
N SER C 46 -2.90 -8.10 7.83
CA SER C 46 -2.81 -7.18 8.95
C SER C 46 -1.62 -6.24 8.82
N THR C 47 -0.49 -6.81 8.44
CA THR C 47 0.74 -6.05 8.26
C THR C 47 0.61 -5.03 7.13
N TYR C 48 0.15 -5.48 5.96
CA TYR C 48 -0.05 -4.56 4.84
C TYR C 48 -0.93 -3.40 5.28
N GLU C 49 -2.02 -3.73 5.96
CA GLU C 49 -2.92 -2.71 6.50
C GLU C 49 -2.14 -1.71 7.36
N ALA C 50 -1.40 -2.24 8.33
CA ALA C 50 -0.58 -1.40 9.20
C ALA C 50 0.34 -0.50 8.38
N GLU C 51 0.96 -1.08 7.36
CA GLU C 51 1.90 -0.36 6.51
C GLU C 51 1.21 0.83 5.85
N ARG C 52 0.09 0.54 5.20
CA ARG C 52 -0.69 1.57 4.53
C ARG C 52 -1.08 2.68 5.52
N ALA C 53 -1.57 2.27 6.69
CA ALA C 53 -1.97 3.24 7.71
C ALA C 53 -0.81 4.12 8.16
N SER C 54 0.36 3.50 8.40
CA SER C 54 1.54 4.27 8.80
C SER C 54 1.91 5.27 7.71
N ASN C 55 1.88 4.83 6.45
CA ASN C 55 2.12 5.74 5.33
C ASN C 55 1.15 6.91 5.36
N GLU C 56 -0.13 6.61 5.59
CA GLU C 56 -1.12 7.67 5.72
C GLU C 56 -0.76 8.67 6.83
N ILE C 57 -0.43 8.17 8.01
CA ILE C 57 -0.03 9.04 9.12
C ILE C 57 1.21 9.86 8.75
N GLU C 58 2.12 9.25 8.00
CA GLU C 58 3.30 9.95 7.53
C GLU C 58 2.84 11.10 6.65
N ARG C 59 1.91 10.82 5.74
CA ARG C 59 1.38 11.86 4.88
C ARG C 59 0.76 12.98 5.71
N GLN C 60 -0.02 12.61 6.72
CA GLN C 60 -0.68 13.60 7.58
C GLN C 60 0.28 14.54 8.31
N LEU C 61 1.43 13.98 8.72
CA LEU C 61 2.39 14.79 9.48
C LEU C 61 3.34 15.58 8.58
N SER C 62 2.91 15.83 7.36
CA SER C 62 3.64 16.71 6.45
C SER C 62 2.72 17.86 6.07
N ASN C 63 1.44 17.55 5.90
CA ASN C 63 0.42 18.56 5.68
C ASN C 63 0.27 19.40 6.96
N VAL C 64 0.16 18.71 8.09
CA VAL C 64 0.06 19.41 9.36
C VAL C 64 1.37 20.13 9.65
N GLU C 65 2.47 19.62 9.10
CA GLU C 65 3.77 20.22 9.32
C GLU C 65 4.02 21.43 8.40
N SER C 66 3.44 21.43 7.20
CA SER C 66 3.57 22.56 6.29
C SER C 66 2.53 23.67 6.58
N GLN C 67 1.42 23.24 7.18
CA GLN C 67 0.43 24.22 7.65
C GLN C 67 1.06 25.06 8.74
N GLN C 68 2.07 24.51 9.41
CA GLN C 68 2.84 25.27 10.38
C GLN C 68 4.06 25.90 9.70
N GLU C 69 3.90 26.26 8.43
CA GLU C 69 4.94 26.97 7.69
C GLU C 69 4.30 28.15 6.96
N GLU C 70 3.15 27.88 6.35
CA GLU C 70 2.42 28.97 5.72
C GLU C 70 1.82 29.91 6.76
N LEU C 71 1.25 29.31 7.80
CA LEU C 71 0.60 30.06 8.87
C LEU C 71 1.61 30.54 9.90
N THR C 72 2.89 30.52 9.51
CA THR C 72 3.95 31.09 10.31
C THR C 72 4.58 32.22 9.51
N ALA C 73 4.89 31.93 8.24
CA ALA C 73 5.44 32.96 7.37
C ALA C 73 4.45 34.12 7.25
N TRP C 74 3.17 33.80 7.17
CA TRP C 74 2.15 34.85 7.14
C TRP C 74 2.08 35.61 8.47
N LEU C 75 2.12 34.88 9.58
CA LEU C 75 2.16 35.52 10.90
C LEU C 75 3.35 36.47 10.99
N ASP C 76 4.46 36.10 10.36
CA ASP C 76 5.60 37.01 10.28
C ASP C 76 5.34 38.13 9.28
N ARG C 77 4.56 37.85 8.24
CA ARG C 77 4.24 38.85 7.23
C ARG C 77 3.35 39.96 7.80
N TYR C 78 2.43 39.58 8.69
CA TYR C 78 1.51 40.56 9.29
C TYR C 78 2.27 41.64 10.09
N GLU C 79 3.43 41.27 10.61
CA GLU C 79 4.23 42.16 11.46
C GLU C 79 4.66 43.43 10.73
N ARG C 80 4.75 43.34 9.41
CA ARG C 80 5.09 44.49 8.58
C ARG C 80 3.92 45.48 8.58
N GLU C 81 2.72 44.97 8.33
CA GLU C 81 1.51 45.79 8.37
C GLU C 81 1.27 46.29 9.79
N LEU C 82 1.71 45.50 10.78
CA LEU C 82 1.66 45.93 12.18
C LEU C 82 2.60 47.11 12.44
N ASP C 83 3.85 46.98 12.00
CA ASP C 83 4.81 48.07 12.14
C ASP C 83 4.38 49.28 11.30
N GLU C 84 3.68 49.01 10.21
CA GLU C 84 3.08 50.06 9.40
C GLU C 84 1.97 50.76 10.18
N LEU C 85 1.13 49.98 10.85
CA LEU C 85 0.09 50.52 11.71
C LEU C 85 0.71 51.37 12.81
N TYR C 86 1.80 50.88 13.41
CA TYR C 86 2.55 51.67 14.39
C TYR C 86 3.07 52.97 13.75
N ALA C 87 3.59 52.85 12.54
CA ALA C 87 4.09 54.02 11.80
C ALA C 87 2.97 55.02 11.54
N LYS C 88 1.77 54.51 11.28
CA LYS C 88 0.59 55.35 11.07
C LYS C 88 0.16 56.03 12.38
N GLN C 89 0.13 55.25 13.46
CA GLN C 89 -0.33 55.76 14.74
C GLN C 89 0.63 56.77 15.36
N MET C 90 1.94 56.51 15.22
CA MET C 90 2.96 57.37 15.82
C MET C 90 2.86 58.82 15.32
N GLY C 91 2.41 58.99 14.07
CA GLY C 91 2.28 60.30 13.49
C GLY C 91 1.02 61.01 13.94
N GLU C 106 -5.48 48.74 26.23
CA GLU C 106 -4.16 48.33 25.76
C GLU C 106 -3.45 47.54 26.85
N ARG C 107 -3.16 48.19 27.97
CA ARG C 107 -2.50 47.54 29.09
C ARG C 107 -3.38 46.41 29.62
N THR C 108 -4.69 46.58 29.50
CA THR C 108 -5.65 45.59 29.95
C THR C 108 -5.52 44.29 29.16
N TYR C 109 -5.38 44.40 27.83
CA TYR C 109 -5.12 43.23 27.00
C TYR C 109 -3.76 42.64 27.36
N LYS C 110 -2.79 43.53 27.54
CA LYS C 110 -1.43 43.12 27.90
C LYS C 110 -1.45 42.44 29.26
N LEU C 111 -2.44 42.78 30.08
CA LEU C 111 -2.68 42.09 31.35
C LEU C 111 -3.40 40.77 31.09
N ALA C 112 -4.34 40.78 30.13
CA ALA C 112 -5.08 39.58 29.77
C ALA C 112 -4.17 38.48 29.25
N GLU C 113 -3.21 38.85 28.40
CA GLU C 113 -2.28 37.87 27.83
C GLU C 113 -1.38 37.25 28.89
N LYS C 114 -0.79 38.10 29.72
CA LYS C 114 0.07 37.62 30.80
C LYS C 114 -0.75 36.81 31.81
N LEU C 115 -1.99 37.24 32.03
CA LEU C 115 -2.89 36.52 32.91
C LEU C 115 -3.21 35.13 32.36
N THR C 116 -3.47 35.06 31.06
CA THR C 116 -3.71 33.79 30.40
C THR C 116 -2.43 32.97 30.33
N ASP C 117 -1.30 33.65 30.21
CA ASP C 117 -0.01 33.00 30.06
C ASP C 117 0.55 32.48 31.39
N GLN C 118 0.23 33.17 32.47
CA GLN C 118 0.80 32.85 33.78
C GLN C 118 0.41 31.45 34.26
N LEU C 119 -0.80 31.02 33.94
CA LEU C 119 -1.29 29.73 34.42
C LEU C 119 -0.61 28.55 33.73
N ASP C 120 -0.06 28.82 32.54
CA ASP C 120 0.70 27.80 31.82
C ASP C 120 1.91 27.38 32.65
N GLU C 121 2.56 28.37 33.26
CA GLU C 121 3.69 28.11 34.14
C GLU C 121 3.24 27.28 35.33
N MET C 122 2.03 27.56 35.82
CA MET C 122 1.49 26.81 36.95
C MET C 122 1.23 25.37 36.55
N GLY C 123 0.69 25.18 35.35
CA GLY C 123 0.49 23.84 34.83
C GLY C 123 1.82 23.11 34.75
N LYS C 124 2.82 23.80 34.20
CA LYS C 124 4.15 23.22 34.06
C LYS C 124 4.74 22.82 35.42
N ASP C 125 4.68 23.74 36.38
CA ASP C 125 5.19 23.48 37.72
C ASP C 125 4.43 22.33 38.37
N LEU C 126 3.11 22.33 38.19
CA LEU C 126 2.27 21.28 38.76
C LEU C 126 2.67 19.94 38.15
N ALA C 127 2.92 19.94 36.85
CA ALA C 127 3.39 18.75 36.16
C ALA C 127 4.71 18.27 36.77
N LYS C 128 5.65 19.19 36.92
CA LYS C 128 6.92 18.88 37.58
C LYS C 128 6.68 18.22 38.93
N MET C 129 5.82 18.84 39.74
CA MET C 129 5.48 18.30 41.05
C MET C 129 4.99 16.86 40.95
N ILE C 130 3.97 16.64 40.12
CA ILE C 130 3.40 15.31 39.95
C ILE C 130 4.49 14.32 39.54
N LYS C 131 5.31 14.70 38.58
CA LYS C 131 6.43 13.87 38.15
C LYS C 131 7.31 13.48 39.34
N GLU C 132 7.71 14.48 40.11
CA GLU C 132 8.55 14.23 41.27
C GLU C 132 7.86 13.31 42.29
N ILE C 133 6.57 13.52 42.52
CA ILE C 133 5.81 12.67 43.43
C ILE C 133 5.84 11.22 42.93
N ASN C 134 5.60 11.05 41.64
CA ASN C 134 5.68 9.73 41.03
C ASN C 134 7.07 9.13 41.22
N ASP C 135 8.10 9.94 40.98
CA ASP C 135 9.48 9.49 41.18
C ASP C 135 9.69 9.00 42.61
N MET C 136 9.30 9.80 43.59
CA MET C 136 9.50 9.44 44.99
C MET C 136 8.73 8.20 45.40
N SER C 137 7.46 8.11 45.00
CA SER C 137 6.65 6.95 45.31
C SER C 137 7.23 5.69 44.66
N ASN C 138 7.54 5.76 43.37
CA ASN C 138 8.08 4.63 42.64
C ASN C 138 9.44 4.18 43.18
N THR C 139 10.33 5.14 43.43
CA THR C 139 11.66 4.83 43.94
C THR C 139 11.58 4.31 45.38
N LEU C 140 10.69 4.88 46.18
CA LEU C 140 10.50 4.41 47.55
C LEU C 140 9.98 2.98 47.58
N SER C 141 8.91 2.71 46.84
CA SER C 141 8.34 1.36 46.83
C SER C 141 9.33 0.34 46.30
N LYS C 142 10.09 0.72 45.27
CA LYS C 142 11.10 -0.16 44.67
C LYS C 142 12.26 0.66 44.10
N GLY C 143 13.48 0.34 44.49
CA GLY C 143 14.64 1.07 43.98
C GLY C 143 15.91 0.25 43.84
N SER C 144 15.79 -0.98 43.35
CA SER C 144 16.94 -1.83 43.07
C SER C 144 16.76 -2.51 41.72
N LYS C 145 15.74 -2.08 40.98
CA LYS C 145 15.40 -2.66 39.68
C LYS C 145 14.28 -1.83 39.06
N PRO C 146 14.61 -0.61 38.60
CA PRO C 146 13.63 0.28 37.95
C PRO C 146 13.19 -0.19 36.55
N ASP C 147 13.75 -1.28 36.07
CA ASP C 147 13.42 -1.82 34.75
C ASP C 147 12.51 -3.04 34.89
N ASP C 148 11.97 -3.23 36.10
CA ASP C 148 11.18 -4.41 36.46
C ASP C 148 9.75 -4.44 35.91
N PRO C 149 9.10 -5.62 35.96
CA PRO C 149 7.72 -5.78 35.47
C PRO C 149 6.61 -5.41 36.46
N LEU C 150 6.97 -5.11 37.71
CA LEU C 150 5.96 -4.74 38.69
C LEU C 150 5.44 -3.35 38.38
N THR C 151 6.32 -2.37 38.40
CA THR C 151 5.91 -0.99 38.11
C THR C 151 5.23 -0.94 36.74
N GLN C 152 5.64 -1.84 35.86
CA GLN C 152 4.98 -2.03 34.57
C GLN C 152 3.51 -2.36 34.76
N ILE C 153 3.23 -3.48 35.42
CA ILE C 153 1.85 -3.86 35.70
C ILE C 153 1.11 -2.74 36.41
N VAL C 154 1.73 -2.15 37.42
CA VAL C 154 1.14 -1.02 38.13
C VAL C 154 0.68 0.04 37.14
N ARG C 155 1.61 0.56 36.34
CA ARG C 155 1.32 1.62 35.38
C ARG C 155 0.21 1.25 34.40
N VAL C 156 0.39 0.14 33.69
CA VAL C 156 -0.60 -0.28 32.68
C VAL C 156 -1.96 -0.44 33.35
N LEU C 157 -1.96 -1.04 34.52
CA LEU C 157 -3.16 -1.30 35.29
C LEU C 157 -3.83 0.01 35.73
N ASN C 158 -3.01 1.01 36.09
CA ASN C 158 -3.53 2.36 36.36
C ASN C 158 -4.21 2.93 35.12
N GLY C 159 -3.53 2.82 33.98
CA GLY C 159 -4.10 3.24 32.72
C GLY C 159 -5.48 2.64 32.52
N HIS C 160 -5.55 1.32 32.65
CA HIS C 160 -6.81 0.62 32.54
C HIS C 160 -7.86 1.15 33.53
N LEU C 161 -7.44 1.39 34.77
CA LEU C 161 -8.34 1.98 35.75
C LEU C 161 -8.92 3.30 35.25
N ALA C 162 -8.03 4.21 34.83
CA ALA C 162 -8.45 5.51 34.33
C ALA C 162 -9.44 5.37 33.16
N GLN C 163 -9.07 4.56 32.17
CA GLN C 163 -9.92 4.35 31.01
C GLN C 163 -11.28 3.79 31.41
N LEU C 164 -11.27 2.83 32.33
CA LEU C 164 -12.50 2.23 32.83
C LEU C 164 -13.37 3.30 33.50
N GLN C 165 -12.73 4.17 34.28
CA GLN C 165 -13.43 5.28 34.91
C GLN C 165 -14.08 6.16 33.86
N TRP C 166 -13.31 6.53 32.84
CA TRP C 166 -13.83 7.33 31.73
C TRP C 166 -15.08 6.69 31.14
N ILE C 167 -14.95 5.41 30.78
CA ILE C 167 -16.06 4.64 30.25
C ILE C 167 -17.28 4.73 31.15
N ASP C 168 -17.09 4.37 32.42
CA ASP C 168 -18.16 4.41 33.41
C ASP C 168 -18.87 5.77 33.45
N THR C 169 -18.09 6.82 33.67
CA THR C 169 -18.62 8.17 33.79
C THR C 169 -19.39 8.59 32.53
N ASN C 170 -18.74 8.48 31.38
CA ASN C 170 -19.38 8.90 30.13
C ASN C 170 -20.64 8.09 29.85
N ALA C 171 -20.57 6.79 30.09
CA ALA C 171 -21.74 5.92 29.93
C ALA C 171 -22.86 6.39 30.86
N ALA C 172 -22.51 6.73 32.09
CA ALA C 172 -23.49 7.25 33.03
C ALA C 172 -24.11 8.54 32.49
N ALA C 173 -23.28 9.42 31.94
CA ALA C 173 -23.76 10.64 31.31
C ALA C 173 -24.76 10.34 30.19
N LEU C 174 -24.40 9.42 29.28
CA LEU C 174 -25.33 9.04 28.22
C LEU C 174 -26.62 8.44 28.78
N GLN C 175 -26.50 7.64 29.83
CA GLN C 175 -27.67 7.07 30.48
C GLN C 175 -28.57 8.19 31.00
N ALA C 176 -27.96 9.18 31.62
CA ALA C 176 -28.69 10.35 32.08
C ALA C 176 -29.36 11.08 30.91
N LYS C 177 -28.63 11.21 29.80
CA LYS C 177 -29.17 11.87 28.61
C LYS C 177 -30.43 11.22 28.05
N VAL C 178 -30.63 9.93 28.32
CA VAL C 178 -31.80 9.22 27.82
C VAL C 178 -33.05 9.58 28.61
N ALA C 179 -32.90 9.81 29.90
CA ALA C 179 -34.01 10.21 30.76
C ALA C 179 -34.73 11.44 30.21
N ALA C 180 -33.99 12.29 29.52
CA ALA C 180 -34.55 13.49 28.89
C ALA C 180 -35.53 13.13 27.79
N ALA C 181 -35.26 12.04 27.08
CA ALA C 181 -36.12 11.60 25.99
C ALA C 181 -37.33 10.84 26.53
N GLN C 182 -37.32 10.51 27.81
CA GLN C 182 -38.40 9.76 28.43
C GLN C 182 -39.59 10.64 28.81
N LYS C 183 -39.64 11.85 28.24
CA LYS C 183 -40.80 12.71 28.42
C LYS C 183 -42.00 12.17 27.64
N SER D 2 18.60 -76.36 -3.62
CA SER D 2 18.74 -75.47 -2.49
C SER D 2 19.40 -74.16 -2.90
N GLU D 3 20.05 -74.15 -4.05
CA GLU D 3 20.74 -72.96 -4.55
C GLU D 3 19.78 -71.83 -4.84
N ALA D 4 18.81 -72.09 -5.71
CA ALA D 4 17.82 -71.09 -6.11
C ALA D 4 17.07 -70.56 -4.89
N LEU D 5 16.70 -71.46 -3.99
CA LEU D 5 16.01 -71.09 -2.76
C LEU D 5 16.92 -70.26 -1.86
N GLN D 6 18.09 -70.79 -1.54
CA GLN D 6 19.02 -70.13 -0.61
C GLN D 6 19.48 -68.79 -1.18
N GLN D 7 19.47 -68.66 -2.50
CA GLN D 7 19.80 -67.39 -3.15
C GLN D 7 18.59 -66.45 -3.10
N GLU D 8 17.42 -67.00 -3.39
CA GLU D 8 16.18 -66.22 -3.39
C GLU D 8 15.91 -65.62 -2.01
N ILE D 9 16.05 -66.41 -0.96
CA ILE D 9 15.88 -65.92 0.40
C ILE D 9 16.86 -64.79 0.68
N ALA D 10 18.08 -64.91 0.17
CA ALA D 10 19.11 -63.90 0.36
C ALA D 10 18.68 -62.60 -0.31
N LYS D 11 18.28 -62.69 -1.58
CA LYS D 11 17.83 -61.52 -2.32
C LYS D 11 16.61 -60.87 -1.67
N ILE D 12 15.64 -61.68 -1.29
CA ILE D 12 14.43 -61.18 -0.62
C ILE D 12 14.78 -60.48 0.69
N ASP D 13 15.44 -61.20 1.60
CA ASP D 13 15.81 -60.65 2.90
C ASP D 13 16.70 -59.41 2.74
N GLU D 14 17.53 -59.41 1.70
CA GLU D 14 18.35 -58.25 1.38
C GLU D 14 17.49 -57.06 0.97
N GLU D 15 16.51 -57.31 0.09
CA GLU D 15 15.59 -56.26 -0.32
C GLU D 15 14.80 -55.70 0.85
N ILE D 16 14.26 -56.59 1.68
CA ILE D 16 13.53 -56.16 2.87
C ILE D 16 14.43 -55.31 3.76
N GLN D 17 15.63 -55.82 4.03
CA GLN D 17 16.62 -55.08 4.82
C GLN D 17 16.93 -53.73 4.17
N LYS D 18 16.93 -53.73 2.84
CA LYS D 18 17.19 -52.52 2.08
C LYS D 18 16.02 -51.55 2.23
N CYS D 19 14.81 -52.10 2.35
CA CYS D 19 13.65 -51.26 2.61
C CYS D 19 13.69 -50.69 4.04
N ILE D 20 14.05 -51.55 4.99
CA ILE D 20 14.14 -51.13 6.40
C ILE D 20 15.18 -50.04 6.54
N ARG D 21 16.19 -50.05 5.67
CA ARG D 21 17.15 -48.93 5.67
C ARG D 21 16.43 -47.61 5.36
N ASP D 22 15.50 -47.64 4.42
CA ASP D 22 14.70 -46.46 4.09
C ASP D 22 13.81 -46.08 5.27
N LYS D 23 13.18 -47.08 5.87
CA LYS D 23 12.39 -46.85 7.09
C LYS D 23 13.22 -46.13 8.15
N GLU D 24 14.44 -46.62 8.35
CA GLU D 24 15.36 -46.01 9.29
C GLU D 24 15.71 -44.59 8.83
N ALA D 25 15.89 -44.43 7.52
CA ALA D 25 16.18 -43.12 6.95
C ALA D 25 15.08 -42.13 7.30
N VAL D 26 13.83 -42.57 7.21
CA VAL D 26 12.72 -41.76 7.70
C VAL D 26 12.93 -41.45 9.17
N ASP D 27 13.04 -42.50 9.98
CA ASP D 27 13.21 -42.33 11.43
C ASP D 27 14.30 -41.33 11.80
N ALA D 28 15.38 -41.29 11.02
CA ALA D 28 16.48 -40.38 11.32
C ALA D 28 16.14 -38.91 11.08
N PHE D 29 15.43 -38.64 9.98
CA PHE D 29 15.17 -37.27 9.55
C PHE D 29 13.97 -36.63 10.25
N LEU D 30 13.46 -37.29 11.30
CA LEU D 30 12.24 -36.82 11.97
C LEU D 30 12.44 -35.76 13.06
N PRO D 31 13.28 -36.05 14.07
CA PRO D 31 13.32 -35.15 15.24
C PRO D 31 13.74 -33.72 14.92
N ALA D 32 14.75 -33.58 14.08
CA ALA D 32 15.19 -32.26 13.64
C ALA D 32 14.01 -31.52 13.01
N HIS D 33 13.49 -32.10 11.94
CA HIS D 33 12.35 -31.57 11.23
C HIS D 33 11.19 -31.30 12.19
N GLY D 34 11.10 -32.15 13.22
CA GLY D 34 10.04 -32.02 14.21
C GLY D 34 10.20 -30.75 15.00
N GLU D 35 11.43 -30.52 15.48
CA GLU D 35 11.75 -29.27 16.16
C GLU D 35 11.46 -28.08 15.24
N GLN D 36 11.95 -28.14 14.00
CA GLN D 36 11.72 -27.08 13.04
C GLN D 36 10.23 -26.76 12.93
N LEU D 37 9.42 -27.81 12.78
CA LEU D 37 7.98 -27.65 12.72
C LEU D 37 7.38 -27.04 13.97
N ALA D 38 7.78 -27.57 15.13
CA ALA D 38 7.27 -27.08 16.40
C ALA D 38 7.68 -25.63 16.63
N ALA D 39 8.81 -25.22 16.05
CA ALA D 39 9.27 -23.84 16.13
C ALA D 39 8.27 -22.85 15.51
N ILE D 40 7.68 -23.24 14.38
CA ILE D 40 6.83 -22.35 13.60
C ILE D 40 5.70 -21.73 14.41
N PRO D 41 4.80 -22.55 14.96
CA PRO D 41 3.64 -21.97 15.65
C PRO D 41 4.03 -21.00 16.76
N THR D 42 5.22 -21.17 17.33
CA THR D 42 5.65 -20.31 18.42
C THR D 42 6.05 -18.94 17.89
N ASP D 43 6.59 -18.91 16.68
CA ASP D 43 6.98 -17.66 16.05
C ASP D 43 5.78 -16.90 15.50
N VAL D 44 4.96 -17.59 14.72
CA VAL D 44 3.77 -16.95 14.16
C VAL D 44 2.87 -16.47 15.30
N ASN D 45 2.88 -17.20 16.41
CA ASN D 45 2.13 -16.80 17.60
C ASN D 45 2.84 -15.66 18.31
N PHE D 46 4.10 -15.43 17.95
CA PHE D 46 4.86 -14.30 18.46
C PHE D 46 4.76 -13.07 17.55
N VAL D 47 4.95 -13.28 16.26
CA VAL D 47 4.91 -12.19 15.29
C VAL D 47 3.51 -11.59 15.25
N THR D 48 2.50 -12.43 15.49
CA THR D 48 1.14 -11.97 15.51
C THR D 48 0.97 -11.01 16.69
N ARG D 49 1.74 -11.22 17.73
CA ARG D 49 1.69 -10.36 18.91
C ARG D 49 2.34 -9.01 18.62
N LYS D 50 3.49 -9.01 17.96
CA LYS D 50 4.19 -7.76 17.66
C LYS D 50 3.37 -6.90 16.71
N SER D 51 2.60 -7.55 15.84
CA SER D 51 1.72 -6.83 14.94
C SER D 51 0.67 -6.09 15.77
N GLU D 52 0.09 -6.80 16.74
CA GLU D 52 -0.90 -6.19 17.62
C GLU D 52 -0.32 -4.99 18.35
N GLY D 53 0.98 -5.04 18.64
CA GLY D 53 1.65 -3.95 19.29
C GLY D 53 1.71 -2.73 18.39
N ALA D 54 2.10 -2.95 17.14
CA ALA D 54 2.18 -1.89 16.17
C ALA D 54 0.80 -1.29 15.93
N HIS D 55 -0.20 -2.15 15.77
CA HIS D 55 -1.56 -1.69 15.53
C HIS D 55 -2.08 -0.85 16.70
N ASN D 56 -1.81 -1.30 17.92
CA ASN D 56 -2.20 -0.52 19.08
C ASN D 56 -1.41 0.78 19.14
N ALA D 57 -0.24 0.78 18.51
CA ALA D 57 0.61 1.96 18.48
C ALA D 57 0.17 2.93 17.40
N LEU D 58 -0.08 2.42 16.20
CA LEU D 58 -0.53 3.27 15.11
C LEU D 58 -1.91 3.83 15.42
N SER D 59 -2.81 2.98 15.91
CA SER D 59 -4.17 3.40 16.24
C SER D 59 -4.15 4.50 17.28
N SER D 60 -3.16 4.43 18.18
CA SER D 60 -2.97 5.46 19.19
C SER D 60 -2.39 6.71 18.52
N ASP D 61 -1.65 6.50 17.44
CA ASP D 61 -1.04 7.60 16.70
C ASP D 61 -2.08 8.37 15.88
N ILE D 62 -3.18 7.71 15.54
CA ILE D 62 -4.25 8.35 14.80
C ILE D 62 -4.81 9.53 15.58
N LEU D 63 -5.23 9.27 16.82
CA LEU D 63 -5.85 10.28 17.65
C LEU D 63 -4.92 11.46 17.86
N ALA D 64 -3.62 11.22 17.79
CA ALA D 64 -2.64 12.28 17.96
C ALA D 64 -2.75 13.31 16.83
N ILE D 65 -2.74 12.82 15.59
CA ILE D 65 -2.86 13.69 14.44
C ILE D 65 -4.24 14.34 14.43
N ASP D 66 -5.27 13.56 14.74
CA ASP D 66 -6.63 14.07 14.79
C ASP D 66 -6.72 15.29 15.69
N GLN D 67 -6.02 15.25 16.81
CA GLN D 67 -5.96 16.39 17.70
C GLN D 67 -5.19 17.52 17.02
N LEU D 68 -4.03 17.18 16.46
CA LEU D 68 -3.18 18.16 15.78
C LEU D 68 -3.85 18.76 14.55
N ARG D 69 -4.78 18.02 13.96
CA ARG D 69 -5.49 18.51 12.78
C ARG D 69 -6.40 19.67 13.18
N GLU D 70 -7.32 19.41 14.10
CA GLU D 70 -8.28 20.42 14.52
C GLU D 70 -7.63 21.59 15.25
N LEU D 71 -6.42 21.38 15.75
CA LEU D 71 -5.72 22.44 16.47
C LEU D 71 -5.15 23.50 15.53
N VAL D 72 -4.43 23.06 14.51
CA VAL D 72 -3.88 23.98 13.52
C VAL D 72 -4.99 24.66 12.73
N LYS D 73 -6.12 23.97 12.58
CA LYS D 73 -7.23 24.51 11.82
C LYS D 73 -7.91 25.69 12.52
N GLN D 74 -8.00 25.64 13.85
CA GLN D 74 -8.59 26.75 14.59
C GLN D 74 -7.55 27.86 14.76
N ASP D 75 -6.29 27.46 14.82
CA ASP D 75 -5.19 28.43 14.85
C ASP D 75 -5.00 29.08 13.49
N ALA D 76 -5.40 28.36 12.44
CA ALA D 76 -5.36 28.91 11.09
C ALA D 76 -6.43 29.99 10.95
N ASP D 77 -7.61 29.72 11.49
CA ASP D 77 -8.72 30.66 11.42
C ASP D 77 -8.52 31.86 12.34
N ASN D 78 -8.05 31.62 13.57
CA ASN D 78 -7.83 32.69 14.52
C ASN D 78 -6.69 33.61 14.09
N ALA D 79 -5.73 33.05 13.35
CA ALA D 79 -4.64 33.83 12.79
C ALA D 79 -5.06 34.51 11.49
N ARG D 80 -6.14 33.99 10.91
CA ARG D 80 -6.70 34.54 9.67
C ARG D 80 -7.66 35.68 9.98
N LEU D 81 -8.42 35.53 11.06
CA LEU D 81 -9.36 36.55 11.50
C LEU D 81 -8.63 37.82 11.94
N SER D 82 -7.37 37.68 12.30
CA SER D 82 -6.56 38.81 12.75
C SER D 82 -5.99 39.60 11.57
N PHE D 83 -5.61 38.91 10.51
CA PHE D 83 -5.03 39.59 9.34
C PHE D 83 -6.07 40.33 8.52
N LYS D 84 -7.26 39.72 8.37
CA LYS D 84 -8.34 40.35 7.62
C LYS D 84 -8.75 41.66 8.27
N ALA D 85 -8.52 41.77 9.57
CA ALA D 85 -8.80 43.00 10.30
C ALA D 85 -7.75 44.06 9.95
N ILE D 86 -6.51 43.63 9.79
CA ILE D 86 -5.42 44.55 9.43
C ILE D 86 -5.45 44.86 7.93
N ASP D 87 -5.80 43.87 7.12
CA ASP D 87 -5.93 44.06 5.68
C ASP D 87 -7.09 45.00 5.39
N ASN D 88 -8.10 44.97 6.26
CA ASN D 88 -9.23 45.88 6.20
C ASN D 88 -8.81 47.30 6.61
N LEU D 89 -7.82 47.37 7.50
CA LEU D 89 -7.32 48.65 8.01
C LEU D 89 -6.37 49.32 7.03
N LYS D 90 -5.50 48.52 6.42
CA LYS D 90 -4.47 49.05 5.52
C LYS D 90 -5.06 49.73 4.29
N LEU D 91 -6.31 49.40 3.96
CA LEU D 91 -7.01 50.00 2.83
C LEU D 91 -8.32 50.63 3.27
N SER D 124 -14.67 43.81 12.32
CA SER D 124 -14.27 42.55 12.93
C SER D 124 -13.89 42.74 14.40
N ASN D 125 -13.89 44.00 14.86
CA ASN D 125 -13.58 44.30 16.26
C ASN D 125 -14.61 43.70 17.21
N ALA D 126 -15.85 43.55 16.73
CA ALA D 126 -16.92 42.98 17.53
C ALA D 126 -16.87 41.45 17.51
N ASP D 127 -15.98 40.90 16.70
CA ASP D 127 -15.90 39.46 16.52
C ASP D 127 -14.89 38.81 17.46
N LEU D 128 -13.75 39.46 17.64
CA LEU D 128 -12.68 38.93 18.50
C LEU D 128 -13.08 38.92 19.97
N ILE D 129 -14.12 39.69 20.31
CA ILE D 129 -14.61 39.75 21.68
C ILE D 129 -15.04 38.36 22.13
N SER D 130 -15.75 37.66 21.25
CA SER D 130 -16.19 36.30 21.54
C SER D 130 -14.97 35.40 21.73
N TYR D 131 -13.95 35.61 20.92
CA TYR D 131 -12.71 34.83 20.99
C TYR D 131 -12.00 35.01 22.33
N PHE D 132 -11.79 36.26 22.73
CA PHE D 132 -11.17 36.53 24.02
C PHE D 132 -12.02 36.00 25.17
N SER D 133 -13.32 36.31 25.15
CA SER D 133 -14.22 35.81 26.19
C SER D 133 -14.27 34.29 26.17
N LYS D 134 -14.05 33.70 24.99
CA LYS D 134 -13.99 32.26 24.87
C LYS D 134 -12.74 31.72 25.56
N THR D 135 -11.58 32.28 25.24
CA THR D 135 -10.34 31.89 25.92
C THR D 135 -10.52 32.00 27.43
N ALA D 136 -11.13 33.10 27.86
CA ALA D 136 -11.43 33.30 29.27
C ALA D 136 -12.30 32.17 29.83
N ASP D 137 -13.43 31.91 29.16
CA ASP D 137 -14.35 30.87 29.57
C ASP D 137 -13.65 29.52 29.66
N GLU D 138 -12.76 29.25 28.70
CA GLU D 138 -12.00 28.02 28.67
C GLU D 138 -11.06 27.93 29.87
N MET D 139 -10.26 28.97 30.08
CA MET D 139 -9.30 29.00 31.17
C MET D 139 -9.97 28.93 32.53
N GLU D 140 -11.17 29.52 32.60
CA GLU D 140 -11.96 29.55 33.82
C GLU D 140 -12.15 28.16 34.43
N GLU D 141 -12.16 27.13 33.57
CA GLU D 141 -12.30 25.76 34.04
C GLU D 141 -10.94 25.13 34.27
N MET D 142 -9.96 25.52 33.46
CA MET D 142 -8.59 25.04 33.61
C MET D 142 -8.10 25.34 35.02
N MET D 143 -8.51 26.50 35.52
CA MET D 143 -8.22 26.86 36.91
C MET D 143 -8.89 25.87 37.87
N LYS D 144 -10.14 25.50 37.58
CA LYS D 144 -10.85 24.53 38.40
C LYS D 144 -10.14 23.18 38.35
N LYS D 145 -9.62 22.83 37.18
CA LYS D 145 -8.83 21.61 37.04
C LYS D 145 -7.62 21.70 37.94
N PHE D 146 -6.93 22.83 37.91
CA PHE D 146 -5.79 23.05 38.79
C PHE D 146 -6.21 22.83 40.25
N GLU D 147 -7.32 23.45 40.66
CA GLU D 147 -7.82 23.23 42.02
C GLU D 147 -8.05 21.75 42.32
N LYS D 148 -8.72 21.07 41.39
CA LYS D 148 -9.02 19.65 41.54
C LYS D 148 -7.74 18.85 41.74
N THR D 149 -6.82 18.96 40.78
CA THR D 149 -5.54 18.26 40.86
C THR D 149 -4.79 18.59 42.14
N ILE D 150 -4.80 19.86 42.55
CA ILE D 150 -4.19 20.26 43.80
C ILE D 150 -4.80 19.46 44.96
N THR D 151 -6.13 19.55 45.08
CA THR D 151 -6.83 18.83 46.15
C THR D 151 -6.51 17.34 46.13
N GLU D 152 -6.44 16.76 44.92
CA GLU D 152 -6.03 15.37 44.78
C GLU D 152 -4.63 15.15 45.33
N ILE D 153 -3.69 16.01 44.91
CA ILE D 153 -2.30 15.92 45.35
C ILE D 153 -2.22 15.95 46.87
N GLU D 154 -2.95 16.87 47.48
CA GLU D 154 -3.06 16.91 48.93
C GLU D 154 -3.52 15.55 49.43
N ALA D 155 -4.70 15.14 48.95
CA ALA D 155 -5.30 13.88 49.36
C ALA D 155 -4.38 12.69 49.13
N HIS D 156 -3.50 12.79 48.13
CA HIS D 156 -2.58 11.71 47.81
C HIS D 156 -1.38 11.68 48.74
N LEU D 157 -0.72 12.82 48.88
CA LEU D 157 0.46 12.91 49.73
C LEU D 157 0.09 12.59 51.17
N THR D 158 -1.11 12.99 51.58
CA THR D 158 -1.62 12.60 52.90
C THR D 158 -1.60 11.08 53.06
N GLY D 159 -1.77 10.38 51.95
CA GLY D 159 -1.69 8.93 51.95
C GLY D 159 -0.25 8.47 51.95
N VAL D 160 0.57 9.13 51.13
CA VAL D 160 2.01 8.86 51.10
C VAL D 160 2.57 8.90 52.51
N GLU D 161 2.17 9.92 53.28
CA GLU D 161 2.59 10.04 54.68
C GLU D 161 2.30 8.76 55.44
N ALA D 162 1.07 8.27 55.32
CA ALA D 162 0.66 7.07 56.01
C ALA D 162 1.47 5.86 55.55
N HIS D 163 1.63 5.73 54.24
CA HIS D 163 2.41 4.62 53.69
C HIS D 163 3.82 4.61 54.27
N ALA D 164 4.46 5.78 54.29
CA ALA D 164 5.78 5.91 54.88
C ALA D 164 5.69 5.70 56.39
N MET D 165 4.59 6.14 56.98
CA MET D 165 4.38 6.06 58.42
C MET D 165 4.20 4.61 58.87
N ALA D 166 3.72 3.78 57.97
CA ALA D 166 3.65 2.34 58.21
C ALA D 166 4.99 1.69 57.85
N MET D 167 5.57 2.14 56.75
CA MET D 167 6.83 1.58 56.26
C MET D 167 7.96 1.77 57.26
N GLN D 168 7.95 2.91 57.96
CA GLN D 168 8.93 3.17 59.00
C GLN D 168 8.62 2.31 60.23
N ASN D 169 7.33 2.08 60.47
CA ASN D 169 6.89 1.36 61.64
C ASN D 169 7.24 -0.13 61.54
N VAL D 170 7.04 -0.71 60.36
CA VAL D 170 7.42 -2.10 60.12
C VAL D 170 8.89 -2.32 60.43
N ALA D 171 9.73 -1.37 59.99
CA ALA D 171 11.17 -1.45 60.22
C ALA D 171 11.48 -1.30 61.70
N VAL D 182 6.98 -10.06 49.45
CA VAL D 182 7.16 -10.85 48.24
C VAL D 182 5.93 -11.72 47.98
N ASP D 183 5.80 -12.80 48.75
CA ASP D 183 4.72 -13.76 48.56
C ASP D 183 3.38 -13.22 49.05
N GLU D 184 3.44 -12.27 49.98
CA GLU D 184 2.24 -11.70 50.59
C GLU D 184 1.52 -10.75 49.62
N ARG D 185 2.29 -10.12 48.73
CA ARG D 185 1.75 -9.14 47.79
C ARG D 185 1.26 -9.79 46.50
N VAL D 186 1.74 -10.99 46.21
CA VAL D 186 1.28 -11.73 45.03
C VAL D 186 -0.23 -11.96 45.12
N TYR D 187 -0.74 -12.09 46.34
CA TYR D 187 -2.18 -12.27 46.54
C TYR D 187 -2.92 -10.99 46.15
N GLU D 188 -2.25 -9.86 46.35
CA GLU D 188 -2.86 -8.57 46.05
C GLU D 188 -3.19 -8.48 44.57
N LEU D 189 -2.22 -8.83 43.73
CA LEU D 189 -2.40 -8.77 42.27
C LEU D 189 -3.65 -9.53 41.84
N ALA D 190 -3.75 -10.78 42.30
CA ALA D 190 -4.91 -11.61 42.00
C ALA D 190 -6.18 -10.95 42.51
N ALA D 191 -6.13 -10.50 43.76
CA ALA D 191 -7.26 -9.81 44.38
C ALA D 191 -7.67 -8.57 43.58
N VAL D 192 -6.69 -7.91 42.95
CA VAL D 192 -6.97 -6.78 42.08
C VAL D 192 -7.66 -7.22 40.79
N LEU D 193 -7.01 -8.13 40.08
CA LEU D 193 -7.52 -8.58 38.78
C LEU D 193 -8.92 -9.19 38.85
N ARG D 194 -9.14 -10.07 39.83
CA ARG D 194 -10.46 -10.68 40.02
C ARG D 194 -11.52 -9.63 40.30
N GLU D 195 -11.07 -8.47 40.78
CA GLU D 195 -11.96 -7.35 41.10
C GLU D 195 -12.18 -6.48 39.86
N PHE D 196 -11.13 -6.31 39.06
CA PHE D 196 -11.28 -5.64 37.77
C PHE D 196 -12.23 -6.37 36.85
N GLU D 197 -12.12 -7.70 36.80
CA GLU D 197 -13.08 -8.50 36.04
C GLU D 197 -14.49 -8.05 36.40
N GLU D 198 -14.76 -8.03 37.70
CA GLU D 198 -16.07 -7.65 38.21
C GLU D 198 -16.43 -6.22 37.81
N SER D 199 -15.50 -5.29 37.99
CA SER D 199 -15.75 -3.89 37.64
C SER D 199 -16.08 -3.72 36.16
N ILE D 200 -15.29 -4.35 35.29
CA ILE D 200 -15.58 -4.33 33.86
C ILE D 200 -16.98 -4.88 33.62
N LEU D 201 -17.24 -6.07 34.17
CA LEU D 201 -18.55 -6.70 34.02
C LEU D 201 -19.67 -5.80 34.57
N LYS D 202 -19.35 -4.99 35.57
CA LYS D 202 -20.30 -4.00 36.07
C LYS D 202 -20.55 -2.91 35.03
N VAL D 203 -19.47 -2.31 34.55
CA VAL D 203 -19.57 -1.23 33.56
C VAL D 203 -20.29 -1.68 32.30
N ALA D 204 -19.97 -2.89 31.85
CA ALA D 204 -20.55 -3.46 30.64
C ALA D 204 -22.06 -3.36 30.66
N GLY D 205 -22.64 -3.64 31.83
CA GLY D 205 -24.08 -3.57 31.99
C GLY D 205 -24.59 -2.17 31.72
N VAL D 206 -23.89 -1.19 32.28
CA VAL D 206 -24.25 0.21 32.10
C VAL D 206 -24.20 0.54 30.61
N VAL D 207 -23.09 0.17 29.98
CA VAL D 207 -22.92 0.43 28.55
C VAL D 207 -24.06 -0.18 27.73
N GLY D 208 -24.30 -1.48 27.93
CA GLY D 208 -25.37 -2.17 27.23
C GLY D 208 -26.72 -1.49 27.44
N GLY D 209 -26.98 -1.11 28.69
CA GLY D 209 -28.20 -0.41 29.03
C GLY D 209 -28.34 0.88 28.25
N VAL D 210 -27.27 1.68 28.21
CA VAL D 210 -27.26 2.90 27.43
C VAL D 210 -27.56 2.59 25.95
N LYS D 211 -26.74 1.74 25.35
CA LYS D 211 -26.87 1.44 23.92
C LYS D 211 -28.30 1.01 23.57
N GLU D 212 -28.81 0.03 24.31
CA GLU D 212 -30.18 -0.43 24.09
C GLU D 212 -31.17 0.72 24.32
N GLY D 213 -30.88 1.54 25.34
CA GLY D 213 -31.70 2.70 25.63
C GLY D 213 -31.73 3.70 24.50
N VAL D 214 -30.62 3.83 23.78
CA VAL D 214 -30.57 4.70 22.61
C VAL D 214 -31.33 4.08 21.45
N THR D 215 -31.07 2.79 21.18
CA THR D 215 -31.76 2.12 20.09
C THR D 215 -33.27 2.15 20.31
N GLU D 216 -33.69 2.15 21.57
CA GLU D 216 -35.12 2.32 21.89
C GLU D 216 -35.68 3.59 21.24
N LEU D 217 -35.03 4.72 21.50
CA LEU D 217 -35.46 6.01 20.94
C LEU D 217 -35.34 6.00 19.42
N GLN D 218 -34.22 5.47 18.94
CA GLN D 218 -34.00 5.30 17.50
C GLN D 218 -35.18 4.59 16.87
N LEU D 219 -35.64 3.54 17.54
CA LEU D 219 -36.77 2.74 17.07
C LEU D 219 -38.05 3.57 17.12
N ARG D 220 -38.31 4.16 18.28
CA ARG D 220 -39.51 4.97 18.52
C ARG D 220 -39.60 6.15 17.53
N ASP D 221 -38.45 6.56 17.02
CA ASP D 221 -38.38 7.58 15.96
C ASP D 221 -39.08 7.10 14.69
N PHE D 222 -38.57 6.07 14.02
CA PHE D 222 -39.20 5.65 12.76
C PHE D 222 -40.35 4.68 12.98
N MET D 223 -40.42 4.05 14.15
CA MET D 223 -41.66 3.37 14.50
C MET D 223 -42.74 4.41 14.80
N PRO E 5 1.04 -74.38 1.37
CA PRO E 5 0.73 -72.96 1.59
C PRO E 5 1.98 -72.12 1.85
N ILE E 6 3.16 -72.68 1.55
CA ILE E 6 4.42 -72.00 1.81
C ILE E 6 4.78 -70.98 0.72
N PRO E 7 4.68 -71.37 -0.56
CA PRO E 7 5.10 -70.42 -1.60
C PRO E 7 4.07 -69.33 -1.86
N GLU E 8 3.00 -69.31 -1.08
CA GLU E 8 1.99 -68.26 -1.17
C GLU E 8 2.32 -67.14 -0.18
N GLN E 9 2.61 -67.51 1.06
CA GLN E 9 2.98 -66.53 2.08
C GLN E 9 4.21 -65.75 1.65
N ILE E 10 5.18 -66.47 1.09
CA ILE E 10 6.41 -65.86 0.61
C ILE E 10 6.11 -64.83 -0.47
N LYS E 11 5.30 -65.21 -1.45
CA LYS E 11 4.95 -64.30 -2.52
C LYS E 11 4.13 -63.13 -2.00
N LEU E 12 3.29 -63.39 -1.01
CA LEU E 12 2.49 -62.33 -0.41
C LEU E 12 3.37 -61.37 0.37
N ILE E 13 4.40 -61.88 1.04
CA ILE E 13 5.34 -61.02 1.75
C ILE E 13 6.18 -60.23 0.76
N VAL E 14 6.62 -60.88 -0.30
CA VAL E 14 7.35 -60.18 -1.37
C VAL E 14 6.44 -59.13 -1.96
N ASP E 15 5.14 -59.41 -2.03
CA ASP E 15 4.18 -58.43 -2.53
C ASP E 15 3.97 -57.29 -1.53
N LYS E 16 3.92 -57.60 -0.24
CA LYS E 16 3.73 -56.57 0.78
C LYS E 16 4.85 -55.53 0.71
N TRP E 17 6.08 -55.98 0.81
CA TRP E 17 7.22 -55.08 0.68
C TRP E 17 7.47 -54.73 -0.79
N ASN E 18 6.63 -53.86 -1.36
CA ASN E 18 6.78 -53.45 -2.76
C ASN E 18 5.91 -52.26 -3.15
N PRO E 19 6.40 -51.45 -4.13
CA PRO E 19 5.65 -50.28 -4.60
C PRO E 19 4.67 -50.60 -5.73
N ASN E 20 4.50 -51.88 -6.03
CA ASN E 20 3.63 -52.29 -7.13
C ASN E 20 2.15 -52.26 -6.74
N HIS E 21 1.89 -52.12 -5.45
CA HIS E 21 0.55 -52.01 -4.92
C HIS E 21 -0.33 -53.27 -5.05
N PRO E 22 0.26 -54.46 -4.88
CA PRO E 22 -0.59 -55.63 -4.68
C PRO E 22 -0.86 -55.84 -3.19
N ASN E 23 -1.74 -55.03 -2.61
CA ASN E 23 -1.93 -54.99 -1.17
C ASN E 23 -0.59 -54.63 -0.52
N CYS E 24 -0.15 -53.40 -0.76
CA CYS E 24 1.19 -52.94 -0.37
C CYS E 24 1.43 -52.98 1.15
N ALA E 25 0.35 -52.96 1.93
CA ALA E 25 0.45 -52.96 3.40
C ALA E 25 1.22 -51.77 3.95
N PHE E 26 1.46 -50.77 3.12
CA PHE E 26 2.03 -49.50 3.53
C PHE E 26 1.17 -48.43 2.88
N LYS E 27 -0.13 -48.72 2.86
CA LYS E 27 -1.10 -47.88 2.18
C LYS E 27 -1.69 -46.85 3.12
N THR E 28 -1.21 -45.62 3.00
CA THR E 28 -1.83 -44.50 3.67
C THR E 28 -1.95 -43.33 2.70
N TYR E 29 -3.04 -42.58 2.85
CA TYR E 29 -3.31 -41.45 1.99
C TYR E 29 -3.15 -40.15 2.74
N LEU E 30 -2.47 -39.20 2.11
CA LEU E 30 -2.29 -37.88 2.68
C LEU E 30 -3.00 -36.86 1.79
N TYR E 31 -3.70 -35.92 2.42
CA TYR E 31 -4.48 -34.94 1.69
C TYR E 31 -3.68 -33.69 1.37
N ASN E 32 -3.45 -33.47 0.09
CA ASN E 32 -2.78 -32.28 -0.39
C ASN E 32 -3.83 -31.22 -0.77
N LYS E 33 -3.70 -30.03 -0.21
CA LYS E 33 -4.63 -28.94 -0.51
C LYS E 33 -4.44 -28.42 -1.93
N VAL E 34 -5.56 -28.21 -2.63
CA VAL E 34 -5.54 -27.64 -3.98
C VAL E 34 -6.77 -26.76 -4.17
N ASP E 35 -6.54 -25.49 -4.46
CA ASP E 35 -7.64 -24.55 -4.62
C ASP E 35 -8.44 -24.88 -5.89
N GLU E 36 -9.73 -24.56 -5.85
CA GLU E 36 -10.58 -24.67 -7.03
C GLU E 36 -10.13 -23.62 -8.05
N HIS E 37 -10.46 -23.80 -9.32
CA HIS E 37 -11.25 -24.92 -9.83
C HIS E 37 -10.35 -26.02 -10.38
N THR E 38 -9.36 -26.42 -9.60
CA THR E 38 -8.43 -27.47 -10.01
C THR E 38 -8.79 -28.82 -9.42
N VAL E 39 -9.86 -28.85 -8.62
CA VAL E 39 -10.34 -30.09 -8.04
C VAL E 39 -10.68 -31.15 -9.10
N PRO E 40 -11.25 -30.73 -10.24
CA PRO E 40 -11.59 -31.70 -11.28
C PRO E 40 -10.38 -32.46 -11.83
N LEU E 41 -9.21 -31.82 -11.75
CA LEU E 41 -7.96 -32.47 -12.11
C LEU E 41 -7.56 -33.33 -10.92
N TYR E 42 -6.74 -34.35 -11.16
CA TYR E 42 -6.33 -35.27 -10.10
C TYR E 42 -7.53 -36.11 -9.62
N GLY E 43 -7.73 -37.31 -10.18
CA GLY E 43 -6.93 -37.85 -11.26
C GLY E 43 -5.72 -38.64 -10.79
N PRO E 44 -5.94 -39.85 -10.27
CA PRO E 44 -4.85 -40.78 -9.93
C PRO E 44 -4.17 -41.33 -11.18
N GLY E 45 -3.38 -42.40 -11.04
CA GLY E 45 -2.59 -42.90 -12.15
C GLY E 45 -2.57 -44.40 -12.31
N PRO E 46 -1.39 -45.02 -12.21
CA PRO E 46 -1.22 -46.40 -12.68
C PRO E 46 -2.02 -47.44 -11.90
N ASN E 47 -1.75 -47.56 -10.60
CA ASN E 47 -2.34 -48.63 -9.79
C ASN E 47 -3.18 -48.11 -8.64
N GLU E 48 -4.13 -47.23 -8.96
CA GLU E 48 -5.03 -46.67 -7.96
C GLU E 48 -6.38 -47.36 -8.01
N ASP E 49 -6.76 -47.99 -6.91
CA ASP E 49 -8.11 -48.52 -6.76
C ASP E 49 -9.09 -47.38 -6.48
N PRO E 50 -10.07 -47.18 -7.37
CA PRO E 50 -11.08 -46.14 -7.10
C PRO E 50 -11.73 -46.31 -5.72
N LYS E 51 -11.74 -47.53 -5.21
CA LYS E 51 -12.23 -47.82 -3.87
C LYS E 51 -11.48 -46.99 -2.83
N GLU E 52 -10.15 -47.12 -2.84
CA GLU E 52 -9.29 -46.43 -1.89
C GLU E 52 -9.39 -44.91 -2.08
N TRP E 53 -9.37 -44.49 -3.34
CA TRP E 53 -9.45 -43.09 -3.72
C TRP E 53 -10.73 -42.43 -3.22
N GLU E 54 -11.86 -43.05 -3.54
CA GLU E 54 -13.15 -42.55 -3.11
C GLU E 54 -13.30 -42.62 -1.60
N GLU E 55 -12.88 -43.73 -1.00
CA GLU E 55 -12.92 -43.87 0.45
C GLU E 55 -12.09 -42.79 1.11
N ALA E 56 -10.99 -42.39 0.46
CA ALA E 56 -10.21 -41.26 0.95
C ALA E 56 -11.00 -39.97 0.80
N LEU E 57 -11.54 -39.74 -0.38
CA LEU E 57 -12.37 -38.57 -0.61
C LEU E 57 -13.60 -38.56 0.28
N GLN E 58 -14.02 -39.73 0.73
CA GLN E 58 -15.23 -39.84 1.55
C GLN E 58 -15.02 -39.12 2.89
N ARG E 59 -14.06 -39.59 3.68
CA ARG E 59 -13.75 -38.93 4.95
C ARG E 59 -12.79 -37.77 4.68
N LYS E 60 -13.31 -36.75 4.02
CA LYS E 60 -12.52 -35.56 3.68
C LYS E 60 -12.51 -34.60 4.87
N PRO E 61 -11.34 -34.02 5.18
CA PRO E 61 -11.31 -33.11 6.34
C PRO E 61 -11.96 -31.77 6.03
N ALA E 62 -11.62 -31.20 4.87
CA ALA E 62 -12.19 -29.94 4.42
C ALA E 62 -12.17 -29.91 2.91
N PRO E 63 -13.05 -29.10 2.30
CA PRO E 63 -13.06 -29.03 0.83
C PRO E 63 -11.75 -28.49 0.27
N ASN E 64 -11.58 -28.61 -1.05
CA ASN E 64 -10.36 -28.18 -1.74
C ASN E 64 -9.13 -29.02 -1.36
N PHE E 65 -9.36 -30.18 -0.75
CA PHE E 65 -8.28 -31.13 -0.47
C PHE E 65 -8.39 -32.35 -1.38
N ILE E 66 -7.24 -32.78 -1.90
CA ILE E 66 -7.17 -33.95 -2.77
C ILE E 66 -6.28 -34.98 -2.09
N PRO E 67 -6.66 -36.27 -2.17
CA PRO E 67 -5.81 -37.24 -1.47
C PRO E 67 -4.55 -37.57 -2.26
N VAL E 68 -3.53 -38.06 -1.58
CA VAL E 68 -2.26 -38.40 -2.21
C VAL E 68 -1.79 -39.76 -1.72
N LEU E 69 -1.27 -40.55 -2.64
CA LEU E 69 -0.96 -41.96 -2.42
C LEU E 69 0.41 -42.10 -1.79
N CYS E 70 0.48 -42.49 -0.51
CA CYS E 70 1.79 -42.74 0.09
C CYS E 70 2.05 -44.22 0.31
N SER E 71 2.69 -44.81 -0.69
CA SER E 71 3.05 -46.22 -0.66
C SER E 71 4.47 -46.37 -0.13
N GLY E 72 4.58 -46.85 1.10
CA GLY E 72 5.87 -47.14 1.70
C GLY E 72 6.67 -45.93 2.14
N PHE E 73 7.98 -46.14 2.27
CA PHE E 73 8.86 -45.17 2.92
C PHE E 73 9.42 -44.04 2.04
N PRO E 74 9.88 -44.34 0.83
CA PRO E 74 10.37 -43.21 0.02
C PRO E 74 9.32 -42.09 -0.13
N SER E 75 8.05 -42.46 -0.17
CA SER E 75 6.98 -41.48 -0.30
C SER E 75 6.91 -40.59 0.94
N ILE E 76 6.98 -41.18 2.14
CA ILE E 76 6.90 -40.40 3.36
C ILE E 76 8.17 -39.55 3.52
N VAL E 77 9.30 -40.08 3.07
CA VAL E 77 10.51 -39.28 2.97
C VAL E 77 10.26 -38.05 2.09
N ALA E 78 9.71 -38.29 0.90
CA ALA E 78 9.42 -37.21 -0.02
C ALA E 78 8.48 -36.18 0.60
N ARG E 79 7.45 -36.66 1.28
CA ARG E 79 6.51 -35.78 1.96
C ARG E 79 7.27 -34.91 2.96
N LEU E 80 8.18 -35.52 3.70
CA LEU E 80 9.05 -34.75 4.58
C LEU E 80 9.85 -33.70 3.80
N MET E 81 10.45 -34.12 2.68
CA MET E 81 11.23 -33.21 1.83
C MET E 81 10.40 -31.95 1.54
N LEU E 82 9.19 -32.16 1.03
CA LEU E 82 8.28 -31.04 0.80
C LEU E 82 8.08 -30.25 2.09
N GLN E 83 7.78 -30.94 3.18
CA GLN E 83 7.51 -30.26 4.45
C GLN E 83 8.66 -29.33 4.86
N ARG E 84 9.89 -29.75 4.64
CA ARG E 84 11.01 -28.86 4.93
C ARG E 84 10.98 -27.69 3.94
N ARG E 85 10.88 -28.03 2.65
CA ARG E 85 10.87 -27.02 1.60
C ARG E 85 9.84 -25.92 1.89
N VAL E 86 8.71 -26.30 2.49
CA VAL E 86 7.71 -25.31 2.88
C VAL E 86 8.07 -24.69 4.23
N ILE E 87 8.71 -25.46 5.11
CA ILE E 87 9.16 -24.92 6.40
C ILE E 87 9.95 -23.64 6.15
N THR E 88 10.93 -23.73 5.25
CA THR E 88 11.82 -22.60 5.01
C THR E 88 11.05 -21.40 4.45
N GLU E 89 10.11 -21.67 3.56
CA GLU E 89 9.28 -20.63 2.97
C GLU E 89 8.48 -19.93 4.05
N PHE E 90 7.87 -20.73 4.92
CA PHE E 90 7.13 -20.23 6.07
C PHE E 90 7.96 -19.29 6.92
N ASN E 91 9.13 -19.78 7.36
CA ASN E 91 10.01 -18.97 8.18
C ASN E 91 10.37 -17.66 7.46
N ASN E 92 10.76 -17.77 6.19
CA ASN E 92 11.09 -16.59 5.39
C ASN E 92 9.98 -15.55 5.38
N LYS E 93 8.78 -15.95 4.95
CA LYS E 93 7.64 -15.04 4.92
C LYS E 93 7.43 -14.43 6.29
N LEU E 94 7.50 -15.27 7.31
CA LEU E 94 7.29 -14.81 8.67
C LEU E 94 8.32 -13.72 9.02
N HIS E 95 9.57 -13.95 8.62
CA HIS E 95 10.62 -12.95 8.86
C HIS E 95 10.37 -11.67 8.08
N GLN E 96 9.85 -11.80 6.86
CA GLN E 96 9.46 -10.62 6.09
C GLN E 96 8.48 -9.79 6.92
N ILE E 97 7.40 -10.45 7.36
CA ILE E 97 6.41 -9.78 8.21
C ILE E 97 7.08 -9.09 9.39
N ASN E 98 7.92 -9.85 10.08
CA ASN E 98 8.67 -9.33 11.21
C ASN E 98 9.42 -8.05 10.83
N ALA E 99 10.14 -8.08 9.72
CA ALA E 99 10.94 -6.94 9.27
C ALA E 99 10.08 -5.71 8.99
N SER E 100 8.98 -5.92 8.26
CA SER E 100 8.08 -4.79 7.96
C SER E 100 7.48 -4.21 9.24
N LEU E 101 7.12 -5.07 10.19
CA LEU E 101 6.66 -4.59 11.49
C LEU E 101 7.75 -3.79 12.21
N ASP E 102 8.98 -4.29 12.20
CA ASP E 102 10.09 -3.52 12.76
C ASP E 102 10.21 -2.14 12.11
N ALA E 103 10.12 -2.10 10.78
CA ALA E 103 10.16 -0.84 10.05
C ALA E 103 9.06 0.14 10.51
N ILE E 104 7.81 -0.34 10.54
CA ILE E 104 6.69 0.47 11.02
C ILE E 104 6.93 1.00 12.44
N LEU E 105 7.33 0.11 13.32
CA LEU E 105 7.59 0.49 14.71
C LEU E 105 8.74 1.49 14.81
N SER E 106 9.79 1.29 14.02
CA SER E 106 10.92 2.21 14.03
C SER E 106 10.48 3.59 13.58
N ARG E 107 9.69 3.62 12.51
CA ARG E 107 9.12 4.88 12.04
C ARG E 107 8.35 5.59 13.15
N HIS E 108 7.33 4.90 13.68
CA HIS E 108 6.46 5.47 14.70
C HIS E 108 7.20 5.89 15.97
N ASP E 109 7.98 4.97 16.51
CA ASP E 109 8.51 5.13 17.86
C ASP E 109 9.52 6.28 17.94
N LEU E 110 10.03 6.69 16.79
CA LEU E 110 11.07 7.72 16.73
C LEU E 110 10.74 8.87 15.79
N ASP E 111 10.49 8.56 14.52
CA ASP E 111 10.34 9.63 13.52
C ASP E 111 9.05 10.43 13.70
N HIS E 112 7.97 9.74 14.02
CA HIS E 112 6.65 10.35 14.09
C HIS E 112 6.34 10.97 15.46
N THR E 113 6.75 10.31 16.53
CA THR E 113 6.48 10.79 17.88
C THR E 113 7.08 12.17 18.07
N VAL E 114 8.34 12.30 17.64
CA VAL E 114 9.06 13.56 17.78
C VAL E 114 8.37 14.68 17.00
N ARG E 115 7.90 14.38 15.79
CA ARG E 115 7.25 15.38 14.97
C ARG E 115 5.88 15.74 15.54
N ALA E 116 5.20 14.75 16.11
CA ALA E 116 3.92 15.02 16.78
C ALA E 116 4.12 15.99 17.95
N PHE E 117 5.00 15.63 18.88
CA PHE E 117 5.27 16.49 20.02
C PHE E 117 5.75 17.87 19.59
N ASN E 118 6.76 17.89 18.72
CA ASN E 118 7.31 19.13 18.19
C ASN E 118 6.22 20.01 17.56
N ALA E 119 5.37 19.38 16.75
CA ALA E 119 4.27 20.10 16.10
C ALA E 119 3.27 20.67 17.11
N ARG E 120 2.98 19.88 18.14
CA ARG E 120 2.10 20.34 19.22
C ARG E 120 2.68 21.58 19.94
N ARG E 121 3.97 21.51 20.30
CA ARG E 121 4.59 22.68 20.93
C ARG E 121 4.58 23.88 19.98
N ARG E 122 4.91 23.65 18.71
CA ARG E 122 4.85 24.71 17.71
C ARG E 122 3.44 25.30 17.61
N HIS E 123 2.42 24.45 17.70
CA HIS E 123 1.05 24.95 17.73
C HIS E 123 0.84 25.87 18.93
N ALA E 124 1.21 25.40 20.12
CA ALA E 124 1.08 26.23 21.32
C ALA E 124 1.75 27.60 21.17
N GLU E 125 3.00 27.58 20.70
CA GLU E 125 3.74 28.80 20.44
C GLU E 125 3.00 29.72 19.46
N LEU E 126 2.57 29.15 18.35
CA LEU E 126 1.85 29.91 17.33
C LEU E 126 0.47 30.37 17.82
N SER E 127 -0.11 29.63 18.78
CA SER E 127 -1.37 30.04 19.39
C SER E 127 -1.12 31.29 20.22
N ARG E 128 -0.05 31.25 21.02
CA ARG E 128 0.36 32.45 21.76
C ARG E 128 0.57 33.64 20.82
N ARG E 129 1.39 33.46 19.79
CA ARG E 129 1.61 34.54 18.82
C ARG E 129 0.30 35.01 18.19
N CYS E 130 -0.56 34.06 17.85
CA CYS E 130 -1.84 34.39 17.25
C CYS E 130 -2.70 35.25 18.16
N LEU E 131 -2.76 34.89 19.44
CA LEU E 131 -3.51 35.70 20.40
C LEU E 131 -2.85 37.06 20.62
N HIS E 132 -1.52 37.08 20.65
CA HIS E 132 -0.78 38.34 20.78
C HIS E 132 -1.11 39.32 19.65
N LEU E 133 -1.04 38.84 18.42
CA LEU E 133 -1.42 39.65 17.26
C LEU E 133 -2.90 40.04 17.35
N ALA E 134 -3.75 39.03 17.56
CA ALA E 134 -5.19 39.24 17.70
C ALA E 134 -5.49 40.20 18.84
N ALA E 135 -4.56 40.32 19.79
CA ALA E 135 -4.67 41.29 20.86
C ALA E 135 -4.25 42.70 20.41
N ARG E 136 -3.09 42.82 19.78
CA ARG E 136 -2.60 44.13 19.31
C ARG E 136 -3.54 44.78 18.28
N VAL E 137 -4.20 43.94 17.49
CA VAL E 137 -5.21 44.41 16.53
C VAL E 137 -6.30 45.15 17.27
N GLN E 138 -6.67 44.62 18.44
CA GLN E 138 -7.74 45.21 19.23
C GLN E 138 -7.21 46.38 20.06
N VAL E 139 -5.93 46.68 19.89
CA VAL E 139 -5.30 47.82 20.56
C VAL E 139 -5.17 48.98 19.60
N LEU E 140 -4.23 48.87 18.66
CA LEU E 140 -3.87 50.01 17.82
C LEU E 140 -5.04 50.57 16.99
N ARG E 141 -5.78 49.70 16.31
CA ARG E 141 -6.92 50.15 15.53
C ARG E 141 -8.05 50.65 16.41
N ASN E 142 -8.28 49.96 17.51
CA ASN E 142 -9.39 50.28 18.40
C ASN E 142 -8.96 51.23 19.53
N ARG E 143 -7.98 52.08 19.22
CA ARG E 143 -7.46 53.07 20.17
C ARG E 143 -8.20 54.39 20.01
N GLY E 144 -9.40 54.34 19.44
CA GLY E 144 -10.21 55.52 19.24
C GLY E 144 -10.99 55.95 20.48
N TYR E 145 -10.54 55.48 21.64
CA TYR E 145 -11.13 55.84 22.93
C TYR E 145 -12.58 55.38 23.13
N ALA E 146 -13.21 54.91 22.07
CA ALA E 146 -14.63 54.55 22.11
C ALA E 146 -14.81 53.07 22.42
N LEU E 147 -13.87 52.50 23.18
CA LEU E 147 -13.88 51.08 23.49
C LEU E 147 -14.70 50.79 24.75
N SER E 148 -15.91 50.26 24.54
CA SER E 148 -16.81 49.94 25.63
C SER E 148 -17.84 48.91 25.16
N GLY E 149 -18.97 48.86 25.86
CA GLY E 149 -20.06 47.96 25.50
C GLY E 149 -19.93 46.57 26.09
N ASP E 150 -19.37 45.66 25.30
CA ASP E 150 -19.14 44.29 25.75
C ASP E 150 -17.79 44.15 26.44
N GLU E 151 -17.01 45.23 26.44
CA GLU E 151 -15.70 45.23 27.07
C GLU E 151 -15.83 45.05 28.57
N ASP E 152 -16.85 45.68 29.15
CA ASP E 152 -17.11 45.61 30.58
C ASP E 152 -17.23 44.16 31.03
N GLU E 153 -18.00 43.37 30.29
CA GLU E 153 -18.21 41.96 30.60
C GLU E 153 -16.89 41.19 30.53
N LEU E 154 -16.09 41.52 29.52
CA LEU E 154 -14.79 40.89 29.32
C LEU E 154 -13.87 41.17 30.51
N LYS E 155 -13.74 42.44 30.86
CA LYS E 155 -12.89 42.81 31.98
C LYS E 155 -13.50 42.38 33.31
N GLN E 156 -14.81 42.20 33.35
CA GLN E 156 -15.45 41.62 34.53
C GLN E 156 -15.01 40.18 34.73
N LYS E 157 -15.16 39.36 33.68
CA LYS E 157 -14.68 37.98 33.73
C LYS E 157 -13.20 37.93 34.07
N LEU E 158 -12.43 38.73 33.33
CA LEU E 158 -10.99 38.81 33.53
C LEU E 158 -10.65 39.19 34.96
N GLN E 159 -11.36 40.17 35.50
CA GLN E 159 -11.15 40.61 36.88
C GLN E 159 -11.49 39.50 37.85
N GLN E 160 -12.60 38.80 37.60
CA GLN E 160 -13.00 37.68 38.45
C GLN E 160 -11.93 36.59 38.51
N ILE E 161 -11.52 36.11 37.33
CA ILE E 161 -10.53 35.04 37.28
C ILE E 161 -9.18 35.54 37.81
N ASP E 162 -8.84 36.77 37.47
CA ASP E 162 -7.58 37.37 37.92
C ASP E 162 -7.57 37.52 39.43
N LYS E 163 -8.72 37.88 39.99
CA LYS E 163 -8.86 38.01 41.43
C LYS E 163 -8.78 36.63 42.09
N THR E 164 -9.42 35.65 41.46
CA THR E 164 -9.36 34.27 41.96
C THR E 164 -7.93 33.76 41.99
N LEU E 165 -7.17 34.04 40.94
CA LEU E 165 -5.76 33.61 40.90
C LEU E 165 -4.89 34.36 41.89
N ASN E 166 -4.94 35.70 41.87
CA ASN E 166 -4.08 36.51 42.72
C ASN E 166 -4.54 36.53 44.18
N ASP E 167 -4.57 35.37 44.79
CA ASP E 167 -4.96 35.24 46.20
C ASP E 167 -3.77 34.74 47.01
N PRO E 168 -3.63 35.21 48.27
CA PRO E 168 -2.53 34.72 49.09
C PRO E 168 -2.60 33.21 49.36
N ALA E 169 -3.75 32.74 49.82
CA ALA E 169 -3.93 31.33 50.19
C ALA E 169 -3.72 30.40 48.99
N GLN E 170 -4.42 30.67 47.90
CA GLN E 170 -4.35 29.84 46.69
C GLN E 170 -2.91 29.75 46.18
N GLY E 171 -2.21 30.87 46.18
CA GLY E 171 -0.82 30.91 45.78
C GLY E 171 0.07 30.24 46.80
N SER E 172 -0.30 30.38 48.07
CA SER E 172 0.50 29.82 49.16
C SER E 172 0.40 28.29 49.22
N ARG E 173 -0.77 27.75 48.90
CA ARG E 173 -0.99 26.31 48.98
C ARG E 173 0.06 25.51 48.22
N LEU E 174 0.41 25.96 47.02
CA LEU E 174 1.43 25.28 46.22
C LEU E 174 2.78 25.29 46.91
N GLU E 175 3.22 26.48 47.32
CA GLU E 175 4.48 26.63 48.02
C GLU E 175 4.54 25.75 49.26
N GLU E 176 3.45 25.74 50.02
CA GLU E 176 3.34 24.88 51.20
C GLU E 176 3.42 23.43 50.80
N LEU E 177 2.74 23.09 49.71
CA LEU E 177 2.70 21.73 49.22
C LEU E 177 4.10 21.25 48.85
N TRP E 178 4.83 22.07 48.12
CA TRP E 178 6.18 21.70 47.68
C TRP E 178 7.06 21.29 48.84
N SER E 179 7.18 22.16 49.84
CA SER E 179 7.95 21.83 51.03
C SER E 179 7.34 20.60 51.70
N ARG E 180 6.01 20.58 51.77
CA ARG E 180 5.28 19.46 52.34
C ARG E 180 5.63 18.17 51.62
N LEU E 181 6.00 18.29 50.34
CA LEU E 181 6.47 17.15 49.56
C LEU E 181 7.93 16.83 49.88
N ILE E 182 8.75 17.87 49.92
CA ILE E 182 10.18 17.71 50.22
C ILE E 182 10.41 17.02 51.57
N VAL E 183 9.53 17.31 52.54
CA VAL E 183 9.58 16.61 53.82
C VAL E 183 9.52 15.10 53.59
N LEU E 184 8.49 14.67 52.88
CA LEU E 184 8.33 13.26 52.56
C LEU E 184 9.45 12.76 51.67
N ARG E 185 10.00 13.66 50.85
CA ARG E 185 11.12 13.31 49.99
C ARG E 185 12.29 12.87 50.87
N GLY E 186 12.74 13.76 51.75
CA GLY E 186 13.83 13.47 52.65
C GLY E 186 13.55 12.28 53.55
N TYR E 187 12.35 12.27 54.13
CA TYR E 187 11.94 11.19 55.03
C TYR E 187 11.98 9.83 54.33
N ALA E 188 11.42 9.79 53.12
CA ALA E 188 11.38 8.57 52.33
C ALA E 188 12.77 8.15 51.91
N GLU E 189 13.57 9.10 51.45
CA GLU E 189 14.93 8.81 51.02
C GLU E 189 15.76 8.26 52.18
N ASP E 190 15.59 8.84 53.37
CA ASP E 190 16.26 8.34 54.56
C ASP E 190 15.80 6.94 54.91
N LEU E 191 14.49 6.77 55.06
CA LEU E 191 13.93 5.47 55.39
C LEU E 191 14.25 4.45 54.30
N LYS E 192 14.44 4.92 53.07
CA LYS E 192 14.81 4.04 51.97
C LYS E 192 16.27 3.60 52.09
N ASP E 193 17.16 4.57 52.31
CA ASP E 193 18.58 4.26 52.49
C ASP E 193 18.76 3.31 53.66
N GLN E 194 17.97 3.51 54.72
CA GLN E 194 18.01 2.60 55.86
C GLN E 194 17.65 1.19 55.43
N ILE E 195 16.53 1.04 54.73
CA ILE E 195 16.10 -0.28 54.26
C ILE E 195 16.53 -0.43 52.79
N ASN E 196 17.81 -0.18 52.54
CA ASN E 196 18.41 -0.41 51.23
C ASN E 196 19.31 -1.64 51.29
N GLN E 197 18.74 -2.77 51.71
CA GLN E 197 19.49 -4.01 51.83
C GLN E 197 18.76 -5.16 51.13
N ALA E 198 17.44 -5.17 51.24
CA ALA E 198 16.63 -6.21 50.62
C ALA E 198 16.55 -5.97 49.11
N GLY E 199 17.60 -6.37 48.40
CA GLY E 199 17.67 -6.21 46.96
C GLY E 199 17.45 -7.51 46.23
N ILE E 200 18.08 -8.58 46.73
CA ILE E 200 17.94 -9.91 46.14
C ILE E 200 16.52 -10.41 46.37
N THR E 201 16.02 -10.20 47.59
CA THR E 201 14.66 -10.57 47.94
C THR E 201 13.68 -9.85 47.03
N GLU E 202 13.97 -8.58 46.77
CA GLU E 202 13.14 -7.74 45.93
C GLU E 202 13.14 -8.18 44.46
N SER E 203 14.33 -8.24 43.87
CA SER E 203 14.49 -8.63 42.48
C SER E 203 14.01 -10.05 42.24
N ASP E 204 14.45 -10.98 43.08
CA ASP E 204 14.07 -12.39 42.90
C ASP E 204 12.63 -12.60 43.35
N GLY E 205 12.22 -11.87 44.39
CA GLY E 205 10.85 -11.95 44.87
C GLY E 205 9.88 -11.54 43.80
N LEU E 206 10.23 -10.49 43.07
CA LEU E 206 9.37 -9.98 42.01
C LEU E 206 9.39 -10.89 40.78
N GLY E 207 10.59 -11.18 40.28
CA GLY E 207 10.74 -12.04 39.12
C GLY E 207 10.09 -13.37 39.41
N GLU E 208 9.07 -13.70 38.62
CA GLU E 208 8.24 -14.86 38.89
C GLU E 208 7.68 -15.44 37.59
N GLU E 209 6.44 -15.90 37.61
CA GLU E 209 5.80 -16.54 36.47
C GLU E 209 4.38 -15.99 36.32
N ILE E 210 3.73 -15.75 37.46
CA ILE E 210 2.40 -15.14 37.52
C ILE E 210 2.38 -13.81 36.76
N GLU E 211 3.54 -13.15 36.70
CA GLU E 211 3.66 -11.88 35.99
C GLU E 211 3.27 -12.03 34.52
N ALA E 212 3.74 -13.10 33.90
CA ALA E 212 3.42 -13.39 32.49
C ALA E 212 1.90 -13.52 32.26
N LYS E 213 1.26 -14.27 33.16
CA LYS E 213 -0.18 -14.45 33.11
C LYS E 213 -0.88 -13.12 33.35
N ALA E 214 -0.38 -12.35 34.32
CA ALA E 214 -0.97 -11.05 34.64
C ALA E 214 -0.92 -10.14 33.41
N LYS E 215 0.22 -10.12 32.73
CA LYS E 215 0.37 -9.38 31.48
C LYS E 215 -0.72 -9.78 30.49
N LYS E 216 -0.86 -11.10 30.27
CA LYS E 216 -1.93 -11.59 29.39
C LYS E 216 -3.31 -11.06 29.81
N ILE E 217 -3.67 -11.28 31.07
CA ILE E 217 -4.96 -10.81 31.59
C ILE E 217 -5.10 -9.31 31.37
N LEU E 218 -4.00 -8.58 31.51
CA LEU E 218 -4.00 -7.14 31.28
C LEU E 218 -4.34 -6.83 29.83
N GLU E 219 -3.67 -7.48 28.90
CA GLU E 219 -3.95 -7.28 27.49
C GLU E 219 -5.42 -7.55 27.18
N ASP E 220 -5.92 -8.68 27.67
CA ASP E 220 -7.34 -9.00 27.52
C ASP E 220 -8.23 -7.88 28.04
N TYR E 221 -7.96 -7.43 29.27
CA TYR E 221 -8.68 -6.29 29.84
C TYR E 221 -8.59 -5.10 28.91
N ASP E 222 -7.42 -4.82 28.37
CA ASP E 222 -7.24 -3.67 27.50
C ASP E 222 -8.16 -3.79 26.29
N LYS E 223 -8.17 -4.96 25.67
CA LYS E 223 -9.06 -5.20 24.54
C LYS E 223 -10.53 -4.96 24.91
N GLN E 224 -10.98 -5.63 25.98
CA GLN E 224 -12.36 -5.46 26.44
C GLN E 224 -12.69 -3.99 26.70
N LEU E 225 -11.73 -3.29 27.31
CA LEU E 225 -11.89 -1.89 27.67
C LEU E 225 -12.00 -1.03 26.41
N GLN E 226 -11.12 -1.27 25.45
CA GLN E 226 -11.16 -0.55 24.19
C GLN E 226 -12.51 -0.74 23.51
N HIS E 227 -12.94 -1.99 23.43
CA HIS E 227 -14.24 -2.31 22.85
C HIS E 227 -15.37 -1.54 23.53
N LEU E 228 -15.43 -1.62 24.86
CA LEU E 228 -16.44 -0.88 25.63
C LEU E 228 -16.38 0.62 25.34
N LYS E 229 -15.17 1.18 25.39
CA LYS E 229 -14.95 2.60 25.13
C LYS E 229 -15.52 3.00 23.77
N LYS E 230 -15.15 2.26 22.73
CA LYS E 230 -15.63 2.55 21.38
C LYS E 230 -17.15 2.35 21.29
N GLN E 231 -17.66 1.35 22.00
CA GLN E 231 -19.10 1.11 22.02
C GLN E 231 -19.84 2.32 22.59
N VAL E 232 -19.34 2.83 23.71
CA VAL E 232 -19.91 4.03 24.31
C VAL E 232 -19.76 5.23 23.39
N GLU E 233 -18.59 5.37 22.78
CA GLU E 233 -18.35 6.44 21.82
C GLU E 233 -19.43 6.41 20.74
N GLU E 234 -19.64 5.24 20.18
CA GLU E 234 -20.68 5.05 19.18
C GLU E 234 -22.05 5.39 19.77
N ALA E 235 -22.30 4.93 20.99
CA ALA E 235 -23.56 5.21 21.66
C ALA E 235 -23.79 6.72 21.79
N LYS E 236 -22.71 7.47 21.99
CA LYS E 236 -22.81 8.91 22.04
C LYS E 236 -23.08 9.50 20.66
N LYS E 237 -22.18 9.21 19.73
CA LYS E 237 -22.27 9.73 18.36
C LYS E 237 -23.62 9.42 17.73
N ASP E 238 -24.17 8.27 18.09
CA ASP E 238 -25.42 7.78 17.52
C ASP E 238 -26.62 8.45 18.20
N PHE E 239 -26.40 8.99 19.40
CA PHE E 239 -27.46 9.65 20.16
C PHE E 239 -27.57 11.13 19.79
N GLU E 240 -26.44 11.80 19.61
CA GLU E 240 -26.44 13.19 19.20
C GLU E 240 -27.13 13.38 17.85
N GLU E 241 -27.30 12.27 17.12
CA GLU E 241 -28.10 12.29 15.91
C GLU E 241 -29.57 12.47 16.31
N TRP E 242 -30.04 11.57 17.16
CA TRP E 242 -31.41 11.63 17.68
C TRP E 242 -31.68 12.96 18.37
N GLU E 243 -30.66 13.54 19.00
CA GLU E 243 -30.79 14.86 19.60
C GLU E 243 -31.30 15.93 18.63
N LYS E 244 -31.09 15.72 17.33
CA LYS E 244 -31.51 16.68 16.31
C LYS E 244 -32.89 16.36 15.74
N GLN E 245 -33.29 15.10 15.89
CA GLN E 245 -34.54 14.61 15.29
C GLN E 245 -35.49 14.07 16.35
N ALA F 2 4.93 -7.53 21.91
CA ALA F 2 5.23 -6.11 21.98
C ALA F 2 3.99 -5.29 22.30
N LEU F 3 2.87 -5.97 22.57
CA LEU F 3 1.62 -5.28 22.89
C LEU F 3 1.69 -4.62 24.27
N PHE F 4 1.85 -5.45 25.29
CA PHE F 4 1.98 -4.97 26.67
C PHE F 4 3.07 -3.91 26.76
N ASP F 5 4.12 -4.09 25.95
CA ASP F 5 5.20 -3.12 25.88
C ASP F 5 4.68 -1.76 25.41
N SER F 6 3.83 -1.79 24.39
CA SER F 6 3.24 -0.56 23.86
C SER F 6 2.25 0.03 24.85
N LEU F 7 1.56 -0.84 25.59
CA LEU F 7 0.68 -0.38 26.66
C LEU F 7 1.47 0.37 27.74
N LEU F 8 2.59 -0.21 28.16
CA LEU F 8 3.50 0.49 29.07
C LEU F 8 3.96 1.80 28.47
N ALA F 9 4.51 1.72 27.26
CA ALA F 9 5.08 2.88 26.59
C ALA F 9 4.07 4.01 26.47
N ARG F 10 2.84 3.66 26.13
CA ARG F 10 1.77 4.64 26.02
C ARG F 10 1.43 5.20 27.39
N ASN F 11 1.26 4.30 28.36
CA ASN F 11 0.99 4.72 29.73
C ASN F 11 2.21 5.35 30.38
N LYS F 12 3.37 5.24 29.74
CA LYS F 12 4.57 5.90 30.21
C LYS F 12 4.63 7.33 29.67
N LYS F 13 4.51 7.47 28.35
CA LYS F 13 4.48 8.80 27.73
C LYS F 13 3.29 9.61 28.22
N GLN F 14 2.20 8.91 28.55
CA GLN F 14 1.02 9.55 29.14
C GLN F 14 1.37 10.40 30.35
N ALA F 15 1.85 9.74 31.41
CA ALA F 15 2.16 10.44 32.65
C ALA F 15 3.54 11.09 32.60
N GLU F 16 3.73 11.98 31.63
CA GLU F 16 4.98 12.70 31.49
C GLU F 16 4.78 13.92 30.58
N GLY F 17 4.09 14.93 31.13
CA GLY F 17 3.89 16.19 30.41
C GLY F 17 2.71 16.16 29.46
N GLU F 18 2.60 17.16 28.57
CA GLU F 18 3.52 18.29 28.50
C GLU F 18 2.73 19.60 28.37
N THR F 19 3.12 20.44 27.40
CA THR F 19 2.37 21.66 27.09
C THR F 19 1.28 21.37 26.06
N ALA F 20 0.15 20.84 26.52
CA ALA F 20 -0.93 20.43 25.63
C ALA F 20 -2.23 21.15 25.95
N LEU F 21 -2.14 22.23 26.73
CA LEU F 21 -3.30 23.03 27.11
C LEU F 21 -4.41 22.19 27.75
N GLY F 22 -4.08 21.48 28.83
CA GLY F 22 -5.08 20.72 29.55
C GLY F 22 -4.60 19.41 30.16
N GLU F 23 -4.01 18.56 29.32
CA GLU F 23 -3.60 17.22 29.76
C GLU F 23 -2.25 17.23 30.46
N LEU F 24 -2.29 17.36 31.79
CA LEU F 24 -1.10 17.26 32.61
C LEU F 24 -0.90 15.80 33.02
N PRO F 25 0.35 15.41 33.30
CA PRO F 25 0.61 14.02 33.68
C PRO F 25 -0.13 13.62 34.95
N SER F 26 -0.73 12.43 34.95
CA SER F 26 -1.48 11.94 36.10
C SER F 26 -0.60 11.07 36.99
N LEU F 27 -0.77 11.22 38.30
CA LEU F 27 -0.01 10.43 39.26
C LEU F 27 -0.52 8.99 39.30
N GLN F 28 0.41 8.05 39.38
CA GLN F 28 0.07 6.62 39.43
C GLN F 28 -0.11 6.17 40.87
N LEU F 29 -1.05 5.25 41.09
CA LEU F 29 -1.35 4.76 42.43
C LEU F 29 -0.83 3.34 42.63
N GLY F 30 -1.71 2.36 42.47
CA GLY F 30 -1.33 0.97 42.52
C GLY F 30 -1.70 0.23 43.80
N LEU F 31 -2.16 -1.00 43.60
CA LEU F 31 -2.35 -1.98 44.67
C LEU F 31 -3.33 -1.53 45.76
N ALA F 32 -2.80 -1.07 46.90
CA ALA F 32 -3.64 -0.78 48.07
C ALA F 32 -4.64 0.32 47.78
N ASP F 33 -4.13 1.51 47.47
CA ASP F 33 -5.00 2.66 47.21
C ASP F 33 -5.87 2.40 46.00
N LEU F 34 -5.31 1.67 45.03
CA LEU F 34 -5.96 1.46 43.75
C LEU F 34 -7.22 0.59 43.87
N ARG F 35 -7.13 -0.48 44.63
CA ARG F 35 -8.29 -1.35 44.86
C ARG F 35 -9.47 -0.55 45.40
N GLN F 36 -9.21 0.23 46.43
CA GLN F 36 -10.25 1.07 47.02
C GLN F 36 -10.71 2.10 46.00
N ARG F 37 -9.77 2.67 45.26
CA ARG F 37 -10.09 3.63 44.20
C ARG F 37 -10.94 2.99 43.12
N LEU F 38 -10.77 1.69 42.93
CA LEU F 38 -11.58 0.93 42.00
C LEU F 38 -12.96 0.68 42.59
N ARG F 39 -13.01 0.29 43.85
CA ARG F 39 -14.28 0.02 44.52
C ARG F 39 -15.12 1.28 44.62
N LYS F 40 -14.47 2.43 44.74
CA LYS F 40 -15.18 3.71 44.85
C LYS F 40 -15.72 4.18 43.49
N LEU F 41 -15.60 3.33 42.48
CA LEU F 41 -16.14 3.63 41.16
C LEU F 41 -17.67 3.68 41.20
N MET G 27 -39.69 20.25 -23.54
CA MET G 27 -40.46 20.95 -22.51
C MET G 27 -39.67 21.02 -21.21
N THR G 28 -38.62 21.83 -21.19
CA THR G 28 -37.83 22.06 -19.99
C THR G 28 -38.54 23.03 -19.07
N GLN G 29 -38.79 22.61 -17.83
CA GLN G 29 -39.59 23.41 -16.89
C GLN G 29 -38.81 23.78 -15.63
N SER G 30 -39.25 24.84 -14.95
CA SER G 30 -38.63 25.26 -13.71
C SER G 30 -39.37 24.62 -12.52
N PRO G 31 -38.66 24.44 -11.39
CA PRO G 31 -39.19 23.65 -10.27
C PRO G 31 -40.18 24.42 -9.39
N SER G 32 -41.05 23.67 -8.71
CA SER G 32 -42.02 24.26 -7.80
C SER G 32 -41.34 24.67 -6.50
N SER G 33 -41.33 25.98 -6.24
CA SER G 33 -40.64 26.51 -5.06
C SER G 33 -41.52 26.45 -3.82
N LEU G 34 -41.26 25.47 -2.97
CA LEU G 34 -41.88 25.38 -1.66
C LEU G 34 -40.91 25.87 -0.59
N SER G 35 -41.38 25.95 0.64
CA SER G 35 -40.56 26.47 1.73
C SER G 35 -40.99 25.90 3.07
N ALA G 36 -40.04 25.87 4.01
CA ALA G 36 -40.30 25.40 5.36
C ALA G 36 -39.17 25.84 6.28
N SER G 37 -39.45 25.89 7.58
CA SER G 37 -38.46 26.29 8.57
C SER G 37 -37.37 25.24 8.72
N VAL G 38 -36.35 25.55 9.50
CA VAL G 38 -35.24 24.63 9.70
C VAL G 38 -35.67 23.50 10.63
N GLY G 39 -35.41 22.26 10.23
CA GLY G 39 -35.74 21.10 11.03
C GLY G 39 -37.15 20.58 10.76
N ASP G 40 -37.83 21.17 9.78
CA ASP G 40 -39.17 20.73 9.42
C ASP G 40 -39.14 19.42 8.65
N ARG G 41 -40.16 18.59 8.87
CA ARG G 41 -40.26 17.30 8.19
C ARG G 41 -40.75 17.50 6.76
N VAL G 42 -39.85 17.29 5.79
CA VAL G 42 -40.15 17.51 4.38
C VAL G 42 -40.42 16.19 3.65
N THR G 43 -41.34 16.24 2.69
CA THR G 43 -41.67 15.06 1.89
C THR G 43 -42.01 15.48 0.46
N ILE G 44 -41.27 14.93 -0.50
CA ILE G 44 -41.46 15.24 -1.90
C ILE G 44 -41.92 14.00 -2.64
N THR G 45 -42.70 14.18 -3.69
CA THR G 45 -43.30 13.07 -4.42
C THR G 45 -43.30 13.29 -5.94
N CYS G 46 -42.90 12.25 -6.67
CA CYS G 46 -43.03 12.21 -8.12
C CYS G 46 -43.90 11.02 -8.50
N ARG G 47 -44.69 11.17 -9.55
CA ARG G 47 -45.56 10.09 -10.01
C ARG G 47 -45.22 9.71 -11.44
N ALA G 48 -44.63 8.53 -11.62
CA ALA G 48 -44.25 8.05 -12.93
C ALA G 48 -45.45 7.48 -13.68
N SER G 49 -45.66 7.97 -14.89
CA SER G 49 -46.75 7.50 -15.74
C SER G 49 -46.60 6.01 -15.99
N GLN G 50 -45.36 5.55 -16.07
CA GLN G 50 -45.05 4.13 -16.17
C GLN G 50 -44.25 3.71 -14.94
N SER G 51 -44.91 3.01 -14.03
CA SER G 51 -44.25 2.52 -12.82
C SER G 51 -43.10 1.59 -13.19
N VAL G 52 -41.89 1.99 -12.80
CA VAL G 52 -40.68 1.26 -13.16
C VAL G 52 -40.28 0.33 -12.04
N SER G 53 -39.45 -0.66 -12.35
CA SER G 53 -38.88 -1.54 -11.34
C SER G 53 -37.93 -0.79 -10.43
N SER G 54 -38.47 0.15 -9.65
CA SER G 54 -37.71 0.86 -8.63
C SER G 54 -36.44 1.55 -9.16
N ALA G 55 -36.33 1.67 -10.48
CA ALA G 55 -35.18 2.32 -11.11
C ALA G 55 -35.41 3.84 -11.19
N VAL G 56 -35.51 4.48 -10.04
CA VAL G 56 -35.72 5.91 -9.94
C VAL G 56 -34.74 6.58 -9.00
N ALA G 57 -33.80 7.32 -9.57
CA ALA G 57 -32.80 8.01 -8.78
C ALA G 57 -33.25 9.43 -8.46
N TRP G 58 -32.81 9.93 -7.30
CA TRP G 58 -33.09 11.30 -6.87
C TRP G 58 -31.81 12.11 -6.79
N TYR G 59 -31.90 13.38 -7.16
CA TYR G 59 -30.72 14.25 -7.22
C TYR G 59 -30.97 15.57 -6.51
N GLN G 60 -29.91 16.10 -5.91
CA GLN G 60 -29.92 17.43 -5.33
C GLN G 60 -29.05 18.35 -6.16
N GLN G 61 -29.36 19.64 -6.15
CA GLN G 61 -28.53 20.62 -6.85
C GLN G 61 -28.60 21.97 -6.15
N LYS G 62 -27.44 22.46 -5.73
CA LYS G 62 -27.32 23.81 -5.17
C LYS G 62 -27.01 24.78 -6.30
N PRO G 63 -27.37 26.05 -6.13
CA PRO G 63 -27.11 27.06 -7.19
C PRO G 63 -25.64 27.14 -7.59
N GLY G 64 -25.39 27.05 -8.90
CA GLY G 64 -24.04 27.18 -9.43
C GLY G 64 -23.25 25.89 -9.45
N LYS G 65 -23.73 24.89 -8.70
CA LYS G 65 -23.04 23.60 -8.60
C LYS G 65 -23.83 22.51 -9.31
N ALA G 66 -23.12 21.56 -9.91
CA ALA G 66 -23.74 20.48 -10.67
C ALA G 66 -24.62 19.62 -9.77
N PRO G 67 -25.43 18.74 -10.36
CA PRO G 67 -26.28 17.84 -9.56
C PRO G 67 -25.48 16.77 -8.83
N LYS G 68 -25.95 16.37 -7.65
CA LYS G 68 -25.36 15.27 -6.90
C LYS G 68 -26.40 14.20 -6.63
N LEU G 69 -25.96 12.95 -6.59
CA LEU G 69 -26.88 11.84 -6.37
C LEU G 69 -27.21 11.70 -4.90
N LEU G 70 -28.49 11.47 -4.62
CA LEU G 70 -28.95 11.21 -3.26
C LEU G 70 -29.31 9.74 -3.12
N ILE G 71 -30.43 9.36 -3.73
CA ILE G 71 -30.95 8.01 -3.67
C ILE G 71 -30.94 7.37 -5.04
N TYR G 72 -30.70 6.07 -5.07
CA TYR G 72 -30.85 5.29 -6.30
C TYR G 72 -31.63 4.04 -5.93
N SER G 73 -32.11 3.32 -6.94
CA SER G 73 -32.97 2.16 -6.71
C SER G 73 -34.14 2.55 -5.79
N ALA G 74 -34.64 3.76 -6.00
CA ALA G 74 -35.80 4.29 -5.27
C ALA G 74 -35.54 4.57 -3.79
N SER G 75 -35.04 3.57 -3.08
CA SER G 75 -34.91 3.65 -1.62
C SER G 75 -33.47 3.46 -1.13
N SER G 76 -32.64 2.81 -1.94
CA SER G 76 -31.26 2.54 -1.55
C SER G 76 -30.45 3.84 -1.50
N LEU G 77 -30.07 4.24 -0.29
CA LEU G 77 -29.28 5.45 -0.08
C LEU G 77 -27.91 5.32 -0.74
N TYR G 78 -27.40 6.43 -1.25
CA TYR G 78 -26.09 6.44 -1.90
C TYR G 78 -25.01 6.84 -0.90
N SER G 79 -23.79 6.39 -1.18
CA SER G 79 -22.66 6.66 -0.30
C SER G 79 -22.37 8.16 -0.23
N GLY G 80 -22.05 8.64 0.96
CA GLY G 80 -21.73 10.05 1.14
C GLY G 80 -22.98 10.90 1.23
N VAL G 81 -24.06 10.29 1.68
CA VAL G 81 -25.34 11.00 1.83
C VAL G 81 -25.86 10.82 3.25
N PRO G 82 -26.19 11.93 3.95
CA PRO G 82 -26.74 11.86 5.30
C PRO G 82 -27.96 10.92 5.44
N SER G 83 -28.19 10.44 6.65
CA SER G 83 -29.24 9.45 6.90
C SER G 83 -30.64 10.06 6.94
N ARG G 84 -30.72 11.38 7.04
CA ARG G 84 -32.00 12.08 7.10
C ARG G 84 -32.79 11.94 5.81
N PHE G 85 -32.09 11.85 4.68
CA PHE G 85 -32.74 11.58 3.39
C PHE G 85 -33.17 10.12 3.32
N SER G 86 -34.44 9.89 3.03
CA SER G 86 -34.98 8.54 2.92
C SER G 86 -36.00 8.44 1.79
N GLY G 87 -35.64 7.68 0.76
CA GLY G 87 -36.49 7.51 -0.40
C GLY G 87 -37.38 6.28 -0.27
N SER G 88 -38.55 6.34 -0.89
CA SER G 88 -39.47 5.21 -0.86
C SER G 88 -40.44 5.24 -2.04
N ARG G 89 -41.31 4.25 -2.11
CA ARG G 89 -42.29 4.13 -3.21
C ARG G 89 -43.64 3.63 -2.69
N SER G 90 -44.71 4.01 -3.38
CA SER G 90 -46.04 3.52 -3.07
C SER G 90 -46.85 3.34 -4.36
N GLY G 91 -46.68 2.19 -4.99
CA GLY G 91 -47.34 1.91 -6.25
C GLY G 91 -46.58 2.51 -7.42
N THR G 92 -47.16 3.56 -8.01
CA THR G 92 -46.55 4.25 -9.14
C THR G 92 -45.93 5.59 -8.71
N ASP G 93 -46.08 5.92 -7.43
CA ASP G 93 -45.57 7.18 -6.90
C ASP G 93 -44.30 6.97 -6.06
N PHE G 94 -43.25 7.70 -6.43
CA PHE G 94 -41.96 7.64 -5.72
C PHE G 94 -41.84 8.87 -4.83
N THR G 95 -41.21 8.71 -3.67
CA THR G 95 -41.17 9.76 -2.67
C THR G 95 -39.78 9.93 -2.06
N LEU G 96 -39.39 11.19 -1.83
CA LEU G 96 -38.16 11.53 -1.14
C LEU G 96 -38.50 12.23 0.17
N THR G 97 -38.19 11.58 1.29
CA THR G 97 -38.51 12.11 2.61
C THR G 97 -37.27 12.65 3.30
N ILE G 98 -37.35 13.89 3.78
CA ILE G 98 -36.32 14.46 4.65
C ILE G 98 -36.91 14.68 6.03
N SER G 99 -36.64 13.75 6.95
CA SER G 99 -37.22 13.78 8.29
C SER G 99 -36.83 15.03 9.09
N SER G 100 -35.65 15.58 8.82
CA SER G 100 -35.18 16.78 9.51
C SER G 100 -34.38 17.68 8.59
N LEU G 101 -34.99 18.80 8.20
CA LEU G 101 -34.35 19.75 7.29
C LEU G 101 -33.22 20.50 7.99
N GLN G 102 -32.04 20.52 7.36
CA GLN G 102 -30.86 21.14 7.93
C GLN G 102 -30.36 22.29 7.05
N PRO G 103 -29.53 23.19 7.60
CA PRO G 103 -28.99 24.36 6.89
C PRO G 103 -28.20 24.05 5.61
N GLU G 104 -27.93 22.78 5.34
CA GLU G 104 -27.26 22.39 4.10
C GLU G 104 -28.24 21.72 3.13
N ASP G 105 -29.49 21.57 3.56
CA ASP G 105 -30.51 20.92 2.76
C ASP G 105 -31.32 21.90 1.91
N PHE G 106 -30.95 23.18 1.97
CA PHE G 106 -31.63 24.19 1.17
C PHE G 106 -31.06 24.22 -0.23
N ALA G 107 -31.74 23.51 -1.14
CA ALA G 107 -31.30 23.38 -2.52
C ALA G 107 -32.42 22.79 -3.37
N THR G 108 -32.16 22.57 -4.65
CA THR G 108 -33.18 22.05 -5.57
C THR G 108 -33.09 20.53 -5.67
N TYR G 109 -34.25 19.89 -5.74
CA TYR G 109 -34.35 18.43 -5.75
C TYR G 109 -35.10 17.90 -6.98
N TYR G 110 -34.51 16.91 -7.65
CA TYR G 110 -35.13 16.27 -8.81
C TYR G 110 -35.29 14.76 -8.61
N CYS G 111 -36.28 14.16 -9.25
CA CYS G 111 -36.36 12.70 -9.39
C CYS G 111 -36.05 12.35 -10.85
N GLN G 112 -35.99 11.06 -11.15
CA GLN G 112 -35.60 10.61 -12.48
C GLN G 112 -36.31 9.34 -12.91
N GLN G 113 -37.05 9.41 -14.00
CA GLN G 113 -37.63 8.23 -14.61
C GLN G 113 -36.64 7.70 -15.64
N SER G 114 -36.70 6.40 -15.89
CA SER G 114 -35.74 5.76 -16.79
C SER G 114 -36.37 4.56 -17.49
N SER G 115 -36.55 4.69 -18.79
CA SER G 115 -37.23 3.68 -19.59
C SER G 115 -36.22 2.97 -20.51
N SER G 116 -36.48 3.00 -21.82
CA SER G 116 -35.62 2.31 -22.78
C SER G 116 -35.44 3.16 -24.04
N SER G 117 -34.66 4.23 -23.97
CA SER G 117 -33.88 4.62 -22.78
C SER G 117 -34.09 6.10 -22.45
N LEU G 118 -35.24 6.65 -22.81
CA LEU G 118 -35.51 8.07 -22.64
C LEU G 118 -35.54 8.44 -21.16
N ILE G 119 -34.37 8.74 -20.60
CA ILE G 119 -34.28 9.19 -19.22
C ILE G 119 -34.97 10.54 -19.04
N THR G 120 -35.97 10.58 -18.16
CA THR G 120 -36.78 11.77 -17.94
C THR G 120 -36.56 12.37 -16.55
N PHE G 121 -36.25 13.67 -16.50
CA PHE G 121 -36.10 14.37 -15.24
C PHE G 121 -37.39 15.09 -14.89
N GLY G 122 -37.79 15.00 -13.62
CA GLY G 122 -39.00 15.66 -13.15
C GLY G 122 -38.85 17.16 -13.17
N GLN G 123 -39.95 17.88 -12.95
CA GLN G 123 -39.92 19.34 -12.95
C GLN G 123 -38.94 19.87 -11.92
N GLY G 124 -38.69 19.07 -10.89
CA GLY G 124 -37.80 19.47 -9.82
C GLY G 124 -38.55 20.16 -8.72
N THR G 125 -37.85 20.45 -7.62
CA THR G 125 -38.45 21.10 -6.47
C THR G 125 -37.37 21.78 -5.64
N LYS G 126 -37.47 23.10 -5.51
CA LYS G 126 -36.54 23.87 -4.70
C LYS G 126 -37.14 24.20 -3.35
N VAL G 127 -36.36 23.98 -2.30
CA VAL G 127 -36.78 24.27 -0.93
C VAL G 127 -36.07 25.52 -0.46
N GLU G 128 -36.82 26.38 0.23
CA GLU G 128 -36.26 27.62 0.75
C GLU G 128 -36.64 27.79 2.22
N ILE G 129 -35.76 28.41 2.99
CA ILE G 129 -35.97 28.57 4.43
C ILE G 129 -37.14 29.51 4.69
N LYS G 130 -37.97 29.13 5.66
CA LYS G 130 -39.15 29.93 6.01
C LYS G 130 -38.79 30.91 7.12
N ARG G 131 -39.46 32.05 7.15
CA ARG G 131 -39.20 33.06 8.16
C ARG G 131 -40.42 33.96 8.36
N THR G 132 -40.29 34.93 9.26
CA THR G 132 -41.36 35.88 9.52
C THR G 132 -41.57 36.78 8.30
N VAL G 133 -42.78 37.32 8.18
CA VAL G 133 -43.14 38.15 7.05
C VAL G 133 -42.50 39.54 7.14
N ALA G 134 -41.86 39.96 6.06
CA ALA G 134 -41.22 41.27 5.98
C ALA G 134 -41.52 41.92 4.64
N ALA G 135 -42.03 43.15 4.69
CA ALA G 135 -42.44 43.87 3.49
C ALA G 135 -41.24 44.43 2.72
N PRO G 136 -41.39 44.60 1.40
CA PRO G 136 -40.29 45.12 0.57
C PRO G 136 -40.17 46.64 0.65
N SER G 137 -38.95 47.14 0.61
CA SER G 137 -38.72 48.58 0.51
C SER G 137 -38.76 48.98 -0.96
N VAL G 138 -39.73 49.83 -1.30
CA VAL G 138 -39.96 50.22 -2.69
C VAL G 138 -39.17 51.47 -3.06
N PHE G 139 -38.41 51.39 -4.14
CA PHE G 139 -37.63 52.53 -4.63
C PHE G 139 -37.73 52.68 -6.15
N ILE G 140 -38.45 53.70 -6.60
CA ILE G 140 -38.62 53.97 -8.02
C ILE G 140 -37.52 54.89 -8.53
N PHE G 141 -36.95 54.55 -9.68
CA PHE G 141 -35.85 55.33 -10.28
C PHE G 141 -36.18 55.73 -11.71
N PRO G 142 -36.32 57.04 -11.97
CA PRO G 142 -36.48 57.52 -13.34
C PRO G 142 -35.24 57.22 -14.18
N PRO G 143 -35.35 57.42 -15.51
CA PRO G 143 -34.23 57.13 -16.41
C PRO G 143 -33.16 58.21 -16.35
N SER G 144 -31.93 57.83 -16.64
CA SER G 144 -30.83 58.78 -16.65
C SER G 144 -30.93 59.71 -17.86
N ASP G 145 -30.41 60.92 -17.71
CA ASP G 145 -30.39 61.89 -18.80
C ASP G 145 -29.29 61.54 -19.81
N SER G 146 -28.36 60.70 -19.40
CA SER G 146 -27.30 60.22 -20.29
C SER G 146 -27.84 59.14 -21.20
N GLN G 147 -28.84 58.38 -20.70
CA GLN G 147 -29.49 57.35 -21.50
C GLN G 147 -30.46 57.98 -22.50
N LEU G 148 -31.13 59.04 -22.06
CA LEU G 148 -32.02 59.79 -22.94
C LEU G 148 -31.23 60.41 -24.09
N LYS G 149 -29.93 60.58 -23.90
CA LYS G 149 -29.05 61.14 -24.91
C LYS G 149 -28.80 60.14 -26.05
N SER G 150 -28.88 58.85 -25.73
CA SER G 150 -28.68 57.79 -26.72
C SER G 150 -29.97 57.47 -27.47
N GLY G 151 -31.11 57.78 -26.85
CA GLY G 151 -32.40 57.55 -27.45
C GLY G 151 -33.15 56.41 -26.78
N THR G 152 -33.05 56.33 -25.45
CA THR G 152 -33.71 55.28 -24.68
C THR G 152 -34.12 55.82 -23.31
N ALA G 153 -35.16 55.23 -22.73
CA ALA G 153 -35.63 55.63 -21.41
C ALA G 153 -36.08 54.43 -20.60
N SER G 154 -35.33 54.11 -19.54
CA SER G 154 -35.62 52.96 -18.69
C SER G 154 -36.01 53.40 -17.27
N VAL G 155 -37.24 53.09 -16.90
CA VAL G 155 -37.76 53.40 -15.56
C VAL G 155 -37.73 52.16 -14.67
N VAL G 156 -37.06 52.28 -13.52
CA VAL G 156 -36.85 51.13 -12.64
C VAL G 156 -37.73 51.19 -11.38
N CYS G 157 -38.11 50.01 -10.89
CA CYS G 157 -38.84 49.89 -9.63
C CYS G 157 -38.21 48.79 -8.78
N LEU G 158 -37.59 49.19 -7.68
CA LEU G 158 -36.84 48.27 -6.82
C LEU G 158 -37.61 47.88 -5.56
N LEU G 159 -37.84 46.58 -5.41
CA LEU G 159 -38.46 46.00 -4.21
C LEU G 159 -37.39 45.30 -3.38
N ASN G 160 -36.97 45.93 -2.29
CA ASN G 160 -35.81 45.46 -1.53
C ASN G 160 -36.15 44.71 -0.24
N ASN G 161 -35.63 43.49 -0.13
CA ASN G 161 -35.61 42.74 1.13
C ASN G 161 -36.99 42.37 1.69
N PHE G 162 -37.60 41.34 1.10
CA PHE G 162 -38.93 40.90 1.51
C PHE G 162 -39.06 39.38 1.58
N TYR G 163 -40.20 38.94 2.10
CA TYR G 163 -40.54 37.52 2.12
C TYR G 163 -42.04 37.39 2.39
N PRO G 164 -42.73 36.45 1.71
CA PRO G 164 -42.26 35.50 0.70
C PRO G 164 -41.93 36.10 -0.66
N ARG G 165 -41.51 35.26 -1.59
CA ARG G 165 -41.11 35.70 -2.92
C ARG G 165 -42.31 36.22 -3.72
N GLU G 166 -43.49 35.77 -3.33
CA GLU G 166 -44.72 36.18 -3.99
C GLU G 166 -44.93 37.68 -3.87
N ALA G 167 -44.97 38.36 -5.01
CA ALA G 167 -45.16 39.81 -5.06
C ALA G 167 -45.67 40.24 -6.44
N LYS G 168 -46.64 41.15 -6.47
CA LYS G 168 -47.24 41.59 -7.72
C LYS G 168 -46.81 43.02 -8.05
N VAL G 169 -46.59 43.28 -9.34
CA VAL G 169 -46.06 44.57 -9.81
C VAL G 169 -46.81 45.07 -11.05
N GLN G 170 -47.26 46.32 -11.01
CA GLN G 170 -47.90 46.95 -12.18
C GLN G 170 -47.44 48.38 -12.38
N TRP G 171 -47.06 48.71 -13.61
CA TRP G 171 -46.67 50.08 -13.95
C TRP G 171 -47.89 50.90 -14.35
N LYS G 172 -47.78 52.22 -14.22
CA LYS G 172 -48.82 53.13 -14.69
C LYS G 172 -48.21 54.39 -15.31
N VAL G 173 -48.56 54.64 -16.57
CA VAL G 173 -48.10 55.83 -17.29
C VAL G 173 -49.28 56.77 -17.53
N ASP G 174 -49.33 57.87 -16.77
CA ASP G 174 -50.48 58.77 -16.79
C ASP G 174 -51.74 57.98 -16.49
N ASN G 175 -51.64 57.13 -15.47
CA ASN G 175 -52.76 56.30 -15.02
C ASN G 175 -53.23 55.36 -16.12
N ALA G 176 -52.29 54.90 -16.95
CA ALA G 176 -52.57 53.91 -17.98
C ALA G 176 -51.76 52.65 -17.71
N LEU G 177 -52.47 51.55 -17.41
CA LEU G 177 -51.83 50.28 -17.07
C LEU G 177 -51.01 49.75 -18.25
N GLN G 178 -49.76 49.38 -17.96
CA GLN G 178 -48.86 48.83 -18.97
C GLN G 178 -48.54 47.37 -18.69
N SER G 179 -48.11 46.65 -19.73
CA SER G 179 -47.71 45.25 -19.59
C SER G 179 -46.97 44.78 -20.83
N GLY G 180 -46.05 43.83 -20.64
CA GLY G 180 -45.26 43.30 -21.74
C GLY G 180 -43.96 44.05 -21.96
N ASN G 181 -43.99 45.36 -21.71
CA ASN G 181 -42.79 46.19 -21.87
C ASN G 181 -41.96 46.25 -20.60
N SER G 182 -42.45 45.62 -19.53
CA SER G 182 -41.78 45.64 -18.23
C SER G 182 -41.22 44.27 -17.85
N GLN G 183 -39.91 44.19 -17.69
CA GLN G 183 -39.26 42.94 -17.32
C GLN G 183 -38.98 42.89 -15.82
N GLU G 184 -38.85 41.69 -15.27
CA GLU G 184 -38.56 41.52 -13.85
C GLU G 184 -37.34 40.63 -13.62
N SER G 185 -36.56 40.98 -12.61
CA SER G 185 -35.41 40.17 -12.20
C SER G 185 -35.33 40.05 -10.69
N VAL G 186 -35.25 38.80 -10.21
CA VAL G 186 -35.22 38.51 -8.78
C VAL G 186 -33.89 37.87 -8.40
N THR G 187 -33.44 38.13 -7.17
CA THR G 187 -32.19 37.56 -6.66
C THR G 187 -32.47 36.34 -5.78
N GLU G 188 -31.46 35.48 -5.65
CA GLU G 188 -31.58 34.29 -4.81
C GLU G 188 -31.85 34.70 -3.37
N GLN G 189 -32.47 33.81 -2.61
CA GLN G 189 -32.74 34.06 -1.20
C GLN G 189 -31.42 34.31 -0.47
N ASP G 190 -31.36 35.41 0.29
CA ASP G 190 -30.13 35.81 0.98
C ASP G 190 -29.69 34.71 1.95
N SER G 191 -28.38 34.58 2.12
CA SER G 191 -27.83 33.54 2.98
C SER G 191 -28.01 33.91 4.46
N LYS G 192 -27.92 35.20 4.75
CA LYS G 192 -27.98 35.68 6.14
C LYS G 192 -29.40 35.88 6.62
N ASP G 193 -30.08 36.87 6.04
CA ASP G 193 -31.40 37.29 6.50
C ASP G 193 -32.53 36.64 5.69
N SER G 194 -32.18 35.99 4.59
CA SER G 194 -33.14 35.24 3.78
C SER G 194 -34.31 36.09 3.30
N THR G 195 -33.99 37.16 2.58
CA THR G 195 -35.00 38.04 2.00
C THR G 195 -34.67 38.35 0.54
N TYR G 196 -35.68 38.25 -0.32
CA TYR G 196 -35.47 38.44 -1.74
C TYR G 196 -35.41 39.92 -2.11
N SER G 197 -34.93 40.20 -3.31
CA SER G 197 -34.93 41.55 -3.85
C SER G 197 -35.36 41.46 -5.31
N LEU G 198 -36.30 42.31 -5.71
CA LEU G 198 -36.91 42.24 -7.03
C LEU G 198 -36.81 43.56 -7.78
N SER G 199 -36.17 43.54 -8.95
CA SER G 199 -36.07 44.72 -9.79
C SER G 199 -37.03 44.59 -10.97
N SER G 200 -37.92 45.57 -11.09
CA SER G 200 -38.83 45.65 -12.23
C SER G 200 -38.36 46.78 -13.15
N THR G 201 -37.99 46.42 -14.37
CA THR G 201 -37.47 47.38 -15.34
C THR G 201 -38.45 47.63 -16.49
N LEU G 202 -38.92 48.87 -16.57
CA LEU G 202 -39.83 49.31 -17.63
C LEU G 202 -39.06 50.13 -18.67
N THR G 203 -38.78 49.51 -19.81
N THR G 203 -38.79 49.51 -19.81
CA THR G 203 -38.03 50.16 -20.88
CA THR G 203 -38.02 50.16 -20.87
C THR G 203 -38.96 50.83 -21.88
C THR G 203 -38.94 50.82 -21.90
N LEU G 204 -38.54 52.01 -22.35
CA LEU G 204 -39.30 52.74 -23.37
C LEU G 204 -38.35 53.56 -24.24
N SER G 205 -38.89 54.11 -25.33
CA SER G 205 -38.14 55.01 -26.19
C SER G 205 -38.35 56.45 -25.73
N LYS G 206 -37.42 57.34 -26.08
CA LYS G 206 -37.54 58.75 -25.71
C LYS G 206 -38.87 59.29 -26.23
N ALA G 207 -39.27 58.81 -27.40
CA ALA G 207 -40.50 59.25 -28.03
C ALA G 207 -41.69 59.02 -27.10
N ASP G 208 -42.03 57.75 -26.87
CA ASP G 208 -43.15 57.40 -26.01
C ASP G 208 -42.96 57.99 -24.61
N TYR G 209 -41.71 58.08 -24.17
CA TYR G 209 -41.42 58.55 -22.82
C TYR G 209 -41.80 60.03 -22.66
N GLU G 210 -41.20 60.90 -23.47
CA GLU G 210 -41.43 62.34 -23.36
C GLU G 210 -42.90 62.70 -23.56
N LYS G 211 -43.66 61.81 -24.20
CA LYS G 211 -45.07 62.07 -24.46
CA LYS G 211 -45.07 62.06 -24.46
C LYS G 211 -45.92 61.97 -23.19
N HIS G 212 -45.36 61.38 -22.15
CA HIS G 212 -46.08 61.22 -20.88
C HIS G 212 -45.37 61.91 -19.72
N LYS G 213 -46.04 61.99 -18.57
CA LYS G 213 -45.52 62.69 -17.41
C LYS G 213 -45.54 61.81 -16.16
N VAL G 214 -46.73 61.39 -15.74
CA VAL G 214 -46.90 60.63 -14.50
C VAL G 214 -46.50 59.16 -14.65
N TYR G 215 -45.41 58.78 -13.98
CA TYR G 215 -44.97 57.38 -13.93
C TYR G 215 -45.13 56.82 -12.52
N ALA G 216 -46.12 55.95 -12.35
CA ALA G 216 -46.41 55.36 -11.05
C ALA G 216 -46.14 53.85 -11.07
N CYS G 217 -45.43 53.37 -10.05
CA CYS G 217 -45.14 51.96 -9.87
C CYS G 217 -45.93 51.38 -8.70
N GLU G 218 -46.87 50.49 -9.02
CA GLU G 218 -47.72 49.86 -8.01
C GLU G 218 -47.19 48.49 -7.63
N VAL G 219 -47.02 48.29 -6.33
CA VAL G 219 -46.58 47.01 -5.77
C VAL G 219 -47.64 46.45 -4.84
N THR G 220 -47.86 45.14 -4.92
CA THR G 220 -48.79 44.45 -4.03
C THR G 220 -48.09 43.28 -3.37
N HIS G 221 -48.18 43.24 -2.04
CA HIS G 221 -47.51 42.20 -1.25
CA HIS G 221 -47.52 42.19 -1.26
C HIS G 221 -48.38 41.80 -0.06
N GLN G 222 -48.12 40.62 0.50
CA GLN G 222 -48.87 40.12 1.65
C GLN G 222 -48.57 40.93 2.91
N GLY G 223 -47.30 41.13 3.20
CA GLY G 223 -46.87 41.82 4.41
C GLY G 223 -47.40 43.24 4.54
N LEU G 224 -47.67 43.89 3.41
CA LEU G 224 -48.14 45.27 3.40
C LEU G 224 -49.63 45.35 3.75
N SER G 225 -50.02 46.43 4.41
CA SER G 225 -51.42 46.66 4.79
C SER G 225 -52.27 46.77 3.54
N SER G 226 -51.82 47.60 2.61
CA SER G 226 -52.46 47.74 1.31
C SER G 226 -51.42 48.16 0.28
N PRO G 227 -51.66 47.88 -1.01
CA PRO G 227 -50.71 48.17 -2.08
C PRO G 227 -50.12 49.58 -2.05
N VAL G 228 -48.80 49.65 -1.94
CA VAL G 228 -48.08 50.92 -1.91
C VAL G 228 -47.61 51.31 -3.31
N THR G 229 -47.95 52.52 -3.72
CA THR G 229 -47.61 53.02 -5.05
C THR G 229 -46.52 54.08 -4.97
N LYS G 230 -45.42 53.86 -5.68
CA LYS G 230 -44.31 54.80 -5.73
C LYS G 230 -44.23 55.44 -7.11
N SER G 231 -44.51 56.74 -7.16
CA SER G 231 -44.64 57.45 -8.42
C SER G 231 -43.74 58.67 -8.53
N PHE G 232 -43.53 59.13 -9.77
CA PHE G 232 -42.83 60.38 -10.02
C PHE G 232 -43.36 61.03 -11.30
N ASN G 233 -43.32 62.35 -11.34
CA ASN G 233 -43.72 63.11 -12.53
C ASN G 233 -42.49 63.62 -13.27
N ARG G 234 -42.47 63.39 -14.59
CA ARG G 234 -41.33 63.78 -15.41
C ARG G 234 -41.14 65.29 -15.39
N GLU H 27 -10.91 9.49 -6.74
CA GLU H 27 -9.88 9.47 -7.78
C GLU H 27 -10.50 9.42 -9.17
N VAL H 28 -11.72 9.95 -9.30
CA VAL H 28 -12.42 9.96 -10.58
C VAL H 28 -12.90 11.35 -10.93
N GLN H 29 -12.92 11.66 -12.22
CA GLN H 29 -13.36 12.98 -12.67
C GLN H 29 -13.81 12.97 -14.13
N LEU H 30 -14.65 13.95 -14.45
CA LEU H 30 -15.11 14.18 -15.81
C LEU H 30 -14.85 15.64 -16.22
N VAL H 31 -13.84 15.83 -17.07
CA VAL H 31 -13.50 17.16 -17.56
C VAL H 31 -14.32 17.45 -18.81
N GLU H 32 -14.99 18.60 -18.81
CA GLU H 32 -15.89 18.97 -19.91
C GLU H 32 -15.39 20.22 -20.61
N SER H 33 -15.39 20.18 -21.94
CA SER H 33 -14.91 21.32 -22.72
C SER H 33 -15.57 21.37 -24.09
N GLY H 34 -15.23 22.39 -24.87
CA GLY H 34 -15.75 22.53 -26.21
C GLY H 34 -16.96 23.45 -26.30
N GLY H 35 -17.47 23.86 -25.14
CA GLY H 35 -18.64 24.73 -25.10
C GLY H 35 -18.25 26.18 -25.31
N GLY H 36 -19.26 27.05 -25.35
CA GLY H 36 -19.03 28.47 -25.53
C GLY H 36 -20.11 29.12 -26.35
N LEU H 37 -19.71 30.11 -27.16
CA LEU H 37 -20.63 30.87 -28.00
C LEU H 37 -20.67 30.32 -29.42
N VAL H 38 -21.83 30.44 -30.07
CA VAL H 38 -21.98 30.00 -31.45
C VAL H 38 -23.22 30.63 -32.09
N GLN H 39 -23.12 30.91 -33.39
CA GLN H 39 -24.24 31.49 -34.13
C GLN H 39 -25.35 30.44 -34.28
N PRO H 40 -26.60 30.90 -34.44
CA PRO H 40 -27.72 29.95 -34.61
C PRO H 40 -27.53 29.06 -35.83
N GLY H 41 -27.96 27.81 -35.73
CA GLY H 41 -27.82 26.86 -36.81
C GLY H 41 -26.40 26.39 -37.01
N GLY H 42 -25.50 26.85 -36.14
CA GLY H 42 -24.10 26.50 -36.23
C GLY H 42 -23.86 25.07 -35.80
N SER H 43 -22.61 24.76 -35.46
CA SER H 43 -22.24 23.42 -35.05
C SER H 43 -21.16 23.45 -33.98
N LEU H 44 -21.22 22.50 -33.05
CA LEU H 44 -20.21 22.39 -32.00
C LEU H 44 -19.91 20.93 -31.70
N ARG H 45 -18.79 20.70 -31.02
CA ARG H 45 -18.45 19.37 -30.52
C ARG H 45 -18.06 19.48 -29.05
N LEU H 46 -18.95 19.02 -28.17
CA LEU H 46 -18.64 19.00 -26.75
C LEU H 46 -17.78 17.79 -26.44
N SER H 47 -16.83 17.97 -25.54
CA SER H 47 -15.90 16.91 -25.16
C SER H 47 -15.97 16.65 -23.66
N CYS H 48 -16.17 15.39 -23.29
CA CYS H 48 -16.16 14.99 -21.88
C CYS H 48 -15.07 13.95 -21.63
N ALA H 49 -13.92 14.41 -21.16
CA ALA H 49 -12.79 13.53 -20.87
C ALA H 49 -12.90 12.92 -19.49
N ALA H 50 -13.01 11.60 -19.44
CA ALA H 50 -13.15 10.89 -18.18
C ALA H 50 -11.81 10.37 -17.69
N SER H 51 -11.58 10.48 -16.39
CA SER H 51 -10.38 9.93 -15.76
C SER H 51 -10.76 9.20 -14.47
N GLY H 52 -10.30 7.96 -14.35
CA GLY H 52 -10.56 7.14 -13.18
C GLY H 52 -11.31 5.85 -13.47
N PHE H 53 -11.66 5.65 -14.73
CA PHE H 53 -12.40 4.46 -15.15
C PHE H 53 -12.44 4.37 -16.66
N ASN H 54 -12.47 3.14 -17.18
CA ASN H 54 -12.60 2.93 -18.62
C ASN H 54 -13.94 3.47 -19.13
N VAL H 55 -13.88 4.23 -20.22
CA VAL H 55 -15.10 4.80 -20.80
C VAL H 55 -15.90 3.70 -21.50
N TYR H 56 -15.22 2.70 -22.03
CA TYR H 56 -15.89 1.63 -22.74
C TYR H 56 -16.73 0.78 -21.80
N SER H 57 -16.18 0.47 -20.63
CA SER H 57 -16.86 -0.40 -19.68
C SER H 57 -18.16 0.21 -19.17
N TYR H 58 -18.15 1.53 -18.95
CA TYR H 58 -19.35 2.23 -18.48
C TYR H 58 -20.08 2.93 -19.62
N SER H 59 -21.26 3.47 -19.32
CA SER H 59 -22.02 4.23 -20.31
C SER H 59 -22.10 5.69 -19.90
N ILE H 60 -21.82 6.58 -20.85
CA ILE H 60 -21.75 8.00 -20.56
C ILE H 60 -22.98 8.72 -21.07
N HIS H 61 -23.44 9.69 -20.27
CA HIS H 61 -24.66 10.43 -20.53
C HIS H 61 -24.37 11.92 -20.62
N TRP H 62 -25.16 12.61 -21.43
CA TRP H 62 -25.15 14.06 -21.50
C TRP H 62 -26.48 14.61 -21.00
N VAL H 63 -26.41 15.65 -20.16
CA VAL H 63 -27.60 16.26 -19.58
C VAL H 63 -27.41 17.76 -19.51
N ARG H 64 -28.18 18.50 -20.30
CA ARG H 64 -28.06 19.95 -20.32
C ARG H 64 -29.09 20.57 -19.37
N GLN H 65 -28.81 21.78 -18.93
CA GLN H 65 -29.70 22.52 -18.06
C GLN H 65 -29.86 23.95 -18.56
N ALA H 66 -31.06 24.30 -18.99
CA ALA H 66 -31.33 25.65 -19.48
C ALA H 66 -31.39 26.61 -18.29
N PRO H 67 -30.79 27.81 -18.43
CA PRO H 67 -30.76 28.78 -17.33
C PRO H 67 -32.13 29.03 -16.70
N GLY H 68 -32.23 28.79 -15.40
CA GLY H 68 -33.47 29.00 -14.67
C GLY H 68 -34.44 27.84 -14.79
N LYS H 69 -34.10 26.87 -15.63
CA LYS H 69 -34.95 25.71 -15.85
C LYS H 69 -34.35 24.47 -15.18
N GLY H 70 -35.00 23.33 -15.38
CA GLY H 70 -34.58 22.08 -14.76
C GLY H 70 -33.62 21.29 -15.63
N LEU H 71 -33.41 20.03 -15.25
CA LEU H 71 -32.46 19.16 -15.94
C LEU H 71 -33.11 18.51 -17.15
N GLU H 72 -32.35 18.34 -18.22
CA GLU H 72 -32.85 17.76 -19.46
C GLU H 72 -31.89 16.73 -20.01
N TRP H 73 -32.33 15.48 -20.07
CA TRP H 73 -31.50 14.42 -20.63
C TRP H 73 -31.36 14.62 -22.13
N VAL H 74 -30.15 14.42 -22.64
CA VAL H 74 -29.85 14.68 -24.04
C VAL H 74 -29.52 13.41 -24.81
N ALA H 75 -28.51 12.67 -24.33
CA ALA H 75 -28.07 11.47 -25.04
C ALA H 75 -27.22 10.55 -24.17
N SER H 76 -27.19 9.27 -24.53
CA SER H 76 -26.41 8.26 -23.81
C SER H 76 -25.65 7.36 -24.77
N ILE H 77 -24.46 6.94 -24.35
CA ILE H 77 -23.66 6.00 -25.12
C ILE H 77 -22.95 4.96 -24.25
N TYR H 78 -23.05 3.70 -24.64
CA TYR H 78 -22.32 2.59 -24.01
C TYR H 78 -21.56 1.82 -25.09
N SER H 79 -20.24 1.97 -25.11
CA SER H 79 -19.42 1.42 -26.18
C SER H 79 -19.34 -0.10 -26.20
N TYR H 80 -19.24 -0.72 -25.03
CA TYR H 80 -19.11 -2.17 -24.95
C TYR H 80 -20.28 -2.89 -25.58
N TYR H 81 -21.42 -2.20 -25.67
CA TYR H 81 -22.60 -2.72 -26.33
C TYR H 81 -22.73 -2.15 -27.75
N GLY H 82 -22.10 -1.00 -27.97
CA GLY H 82 -22.17 -0.34 -29.26
C GLY H 82 -23.50 0.38 -29.43
N SER H 83 -24.05 0.84 -28.32
CA SER H 83 -25.38 1.43 -28.29
C SER H 83 -25.33 2.96 -28.27
N THR H 84 -26.34 3.58 -28.85
CA THR H 84 -26.48 5.05 -28.82
C THR H 84 -27.94 5.42 -28.64
N TYR H 85 -28.23 6.30 -27.69
CA TYR H 85 -29.60 6.75 -27.44
C TYR H 85 -29.67 8.27 -27.36
N TYR H 86 -30.74 8.83 -27.94
CA TYR H 86 -30.91 10.27 -28.00
C TYR H 86 -32.29 10.68 -27.51
N ALA H 87 -32.38 11.89 -26.95
CA ALA H 87 -33.67 12.43 -26.52
C ALA H 87 -34.44 12.86 -27.76
N ASP H 88 -35.77 12.82 -27.67
CA ASP H 88 -36.62 13.20 -28.80
C ASP H 88 -36.27 14.60 -29.29
N SER H 89 -36.00 15.50 -28.35
CA SER H 89 -35.82 16.91 -28.67
C SER H 89 -34.50 17.21 -29.37
N VAL H 90 -33.73 16.17 -29.69
CA VAL H 90 -32.44 16.36 -30.35
C VAL H 90 -32.12 15.24 -31.33
N LYS H 91 -33.12 14.45 -31.69
CA LYS H 91 -32.90 13.33 -32.59
C LYS H 91 -32.42 13.81 -33.95
N GLY H 92 -31.40 13.15 -34.49
CA GLY H 92 -30.87 13.48 -35.80
C GLY H 92 -29.96 14.68 -35.80
N ARG H 93 -30.31 15.71 -35.04
CA ARG H 93 -29.51 16.94 -35.00
C ARG H 93 -28.19 16.69 -34.28
N PHE H 94 -28.27 16.20 -33.05
CA PHE H 94 -27.08 15.88 -32.26
C PHE H 94 -26.54 14.50 -32.64
N THR H 95 -25.32 14.20 -32.20
CA THR H 95 -24.69 12.91 -32.46
C THR H 95 -23.66 12.60 -31.39
N ILE H 96 -23.99 11.66 -30.50
CA ILE H 96 -23.11 11.30 -29.40
C ILE H 96 -22.11 10.23 -29.83
N SER H 97 -20.91 10.28 -29.26
CA SER H 97 -19.89 9.29 -29.53
C SER H 97 -18.89 9.26 -28.39
N ALA H 98 -17.86 8.44 -28.52
CA ALA H 98 -16.83 8.37 -27.50
C ALA H 98 -15.60 7.61 -28.00
N ASP H 99 -14.43 8.24 -27.83
CA ASP H 99 -13.17 7.63 -28.19
C ASP H 99 -12.63 6.83 -27.01
N THR H 100 -12.53 5.52 -27.20
CA THR H 100 -12.07 4.62 -26.16
C THR H 100 -10.57 4.79 -25.94
N SER H 101 -9.84 4.95 -27.03
CA SER H 101 -8.39 5.13 -26.96
C SER H 101 -8.05 6.43 -26.25
N LYS H 102 -8.73 7.51 -26.62
CA LYS H 102 -8.55 8.78 -25.97
C LYS H 102 -9.30 8.82 -24.65
N ASN H 103 -10.16 7.82 -24.45
CA ASN H 103 -10.96 7.73 -23.23
C ASN H 103 -11.73 9.03 -23.01
N THR H 104 -12.53 9.39 -23.99
CA THR H 104 -13.26 10.66 -23.96
C THR H 104 -14.57 10.54 -24.72
N ALA H 105 -15.61 11.18 -24.19
CA ALA H 105 -16.91 11.22 -24.83
C ALA H 105 -17.06 12.49 -25.65
N TYR H 106 -17.91 12.43 -26.67
CA TYR H 106 -18.13 13.57 -27.54
C TYR H 106 -19.61 13.74 -27.83
N LEU H 107 -20.08 14.99 -27.76
CA LEU H 107 -21.43 15.33 -28.18
C LEU H 107 -21.37 16.30 -29.35
N GLN H 108 -21.57 15.78 -30.55
CA GLN H 108 -21.60 16.60 -31.76
C GLN H 108 -22.97 17.23 -31.92
N MET H 109 -23.02 18.56 -31.84
CA MET H 109 -24.27 19.29 -31.98
C MET H 109 -24.33 20.05 -33.30
N ASN H 110 -25.39 19.78 -34.06
CA ASN H 110 -25.64 20.44 -35.33
C ASN H 110 -27.03 21.06 -35.36
N SER H 111 -27.23 22.04 -36.24
CA SER H 111 -28.53 22.70 -36.40
C SER H 111 -29.04 23.26 -35.07
N LEU H 112 -28.13 23.85 -34.29
CA LEU H 112 -28.46 24.38 -32.98
C LEU H 112 -29.55 25.45 -33.07
N ARG H 113 -30.23 25.67 -31.95
CA ARG H 113 -31.27 26.71 -31.86
C ARG H 113 -31.11 27.51 -30.57
N ALA H 114 -31.84 28.62 -30.48
CA ALA H 114 -31.77 29.48 -29.30
C ALA H 114 -32.24 28.73 -28.07
N GLU H 115 -32.99 27.65 -28.28
CA GLU H 115 -33.52 26.84 -27.21
C GLU H 115 -32.52 25.78 -26.74
N ASP H 116 -31.43 25.62 -27.49
CA ASP H 116 -30.34 24.72 -27.08
C ASP H 116 -29.39 25.43 -26.12
N THR H 117 -29.63 26.71 -25.88
CA THR H 117 -28.82 27.47 -24.94
C THR H 117 -28.96 26.89 -23.54
N ALA H 118 -27.92 26.20 -23.08
CA ALA H 118 -27.98 25.54 -21.78
C ALA H 118 -26.60 25.10 -21.32
N VAL H 119 -26.49 24.83 -20.02
CA VAL H 119 -25.27 24.29 -19.43
C VAL H 119 -25.26 22.78 -19.64
N TYR H 120 -24.35 22.30 -20.47
CA TYR H 120 -24.26 20.87 -20.77
C TYR H 120 -23.38 20.14 -19.78
N TYR H 121 -23.96 19.15 -19.10
CA TYR H 121 -23.24 18.30 -18.15
C TYR H 121 -23.01 16.92 -18.76
N CYS H 122 -21.96 16.26 -18.27
CA CYS H 122 -21.63 14.90 -18.66
C CYS H 122 -21.55 14.01 -17.42
N ALA H 123 -22.14 12.83 -17.48
CA ALA H 123 -22.17 11.94 -16.32
C ALA H 123 -22.11 10.46 -16.71
N ARG H 124 -22.09 9.59 -15.71
CA ARG H 124 -22.06 8.14 -15.94
C ARG H 124 -23.06 7.45 -15.02
N LEU H 125 -23.34 6.17 -15.28
CA LEU H 125 -24.24 5.39 -14.44
C LEU H 125 -23.51 4.66 -13.34
N THR H 126 -24.24 3.90 -12.52
CA THR H 126 -23.65 3.16 -11.42
C THR H 126 -22.71 2.11 -11.95
N TRP H 127 -22.05 1.39 -11.03
CA TRP H 127 -21.06 0.38 -11.39
C TRP H 127 -21.64 -0.49 -12.50
N ARG H 128 -21.09 -0.28 -13.71
CA ARG H 128 -21.59 -0.82 -14.97
C ARG H 128 -23.07 -0.45 -15.19
N SER H 129 -23.96 -1.44 -15.23
CA SER H 129 -25.38 -1.18 -15.43
C SER H 129 -26.11 -0.86 -14.12
N TYR H 130 -26.06 -1.75 -13.12
CA TYR H 130 -25.53 -3.11 -13.20
C TYR H 130 -26.65 -4.05 -13.63
N ARG H 131 -27.79 -3.87 -12.97
CA ARG H 131 -29.01 -4.53 -13.37
C ARG H 131 -29.78 -3.53 -14.21
N GLY H 132 -30.87 -3.00 -13.66
CA GLY H 132 -31.62 -1.94 -14.31
C GLY H 132 -31.71 -0.77 -13.35
N VAL H 133 -30.54 -0.31 -12.90
CA VAL H 133 -30.45 0.74 -11.90
C VAL H 133 -29.90 2.02 -12.49
N HIS H 134 -30.69 2.66 -13.35
CA HIS H 134 -30.24 3.86 -14.04
C HIS H 134 -30.17 5.03 -13.07
N ALA H 135 -28.96 5.34 -12.63
CA ALA H 135 -28.71 6.47 -11.74
C ALA H 135 -27.36 7.07 -12.07
N LEU H 136 -27.31 8.39 -12.15
CA LEU H 136 -26.07 9.10 -12.47
C LEU H 136 -25.32 9.49 -11.20
N ASP H 137 -24.31 8.72 -10.82
CA ASP H 137 -23.61 8.96 -9.57
C ASP H 137 -22.63 10.12 -9.68
N TYR H 138 -21.73 10.02 -10.65
CA TYR H 138 -20.67 11.02 -10.81
C TYR H 138 -20.92 11.93 -12.02
N TRP H 139 -21.23 13.19 -11.74
CA TRP H 139 -21.37 14.21 -12.77
C TRP H 139 -20.10 15.04 -12.89
N GLY H 140 -19.93 15.71 -14.02
CA GLY H 140 -18.86 16.66 -14.18
C GLY H 140 -19.29 18.03 -13.70
N GLN H 141 -18.55 19.07 -14.07
CA GLN H 141 -18.89 20.43 -13.68
C GLN H 141 -19.61 21.18 -14.79
N GLY H 142 -19.65 20.56 -15.97
CA GLY H 142 -20.45 21.07 -17.08
C GLY H 142 -19.76 22.17 -17.85
N THR H 143 -20.28 22.41 -19.05
CA THR H 143 -19.80 23.49 -19.91
C THR H 143 -20.99 24.27 -20.46
N LEU H 144 -20.84 25.59 -20.55
CA LEU H 144 -21.93 26.46 -21.00
C LEU H 144 -21.91 26.63 -22.51
N VAL H 145 -23.01 26.22 -23.15
CA VAL H 145 -23.19 26.41 -24.59
C VAL H 145 -24.22 27.50 -24.85
N THR H 146 -23.78 28.60 -25.43
CA THR H 146 -24.66 29.73 -25.74
C THR H 146 -24.90 29.81 -27.24
N VAL H 147 -26.17 29.71 -27.63
CA VAL H 147 -26.57 29.84 -29.02
C VAL H 147 -27.33 31.15 -29.21
N SER H 148 -26.68 32.13 -29.84
CA SER H 148 -27.29 33.43 -30.07
C SER H 148 -26.70 34.07 -31.32
N SER H 149 -27.47 34.98 -31.93
CA SER H 149 -27.07 35.62 -33.18
C SER H 149 -26.27 36.89 -32.94
N ALA H 150 -26.50 37.55 -31.81
CA ALA H 150 -25.81 38.80 -31.49
C ALA H 150 -24.31 38.58 -31.38
N SER H 151 -23.54 39.63 -31.68
CA SER H 151 -22.08 39.58 -31.59
C SER H 151 -21.60 40.26 -30.32
N THR H 152 -20.29 40.24 -30.11
CA THR H 152 -19.68 40.82 -28.92
C THR H 152 -19.92 42.32 -28.85
N LYS H 153 -20.38 42.79 -27.69
CA LYS H 153 -20.68 44.21 -27.50
C LYS H 153 -20.45 44.64 -26.05
N GLY H 154 -19.78 45.78 -25.88
CA GLY H 154 -19.49 46.30 -24.56
C GLY H 154 -20.69 47.05 -24.01
N PRO H 155 -20.85 47.05 -22.67
CA PRO H 155 -22.01 47.69 -22.06
C PRO H 155 -21.91 49.20 -21.98
N SER H 156 -23.05 49.83 -21.72
CA SER H 156 -23.10 51.25 -21.40
C SER H 156 -23.65 51.38 -19.99
N VAL H 157 -22.87 52.03 -19.13
CA VAL H 157 -23.25 52.18 -17.73
C VAL H 157 -23.99 53.49 -17.49
N PHE H 158 -25.23 53.37 -17.03
CA PHE H 158 -26.05 54.54 -16.74
C PHE H 158 -26.39 54.62 -15.25
N PRO H 159 -26.24 55.79 -14.63
CA PRO H 159 -26.46 55.89 -13.18
C PRO H 159 -27.94 56.04 -12.80
N LEU H 160 -28.35 55.37 -11.72
CA LEU H 160 -29.69 55.52 -11.17
C LEU H 160 -29.63 56.36 -9.91
N ALA H 161 -29.84 57.67 -10.08
CA ALA H 161 -29.64 58.62 -8.99
C ALA H 161 -30.65 58.44 -7.85
N PRO H 162 -30.26 58.83 -6.63
CA PRO H 162 -31.18 58.79 -5.48
C PRO H 162 -32.04 60.06 -5.39
N SER H 163 -33.36 59.87 -5.28
CA SER H 163 -34.28 60.99 -5.18
C SER H 163 -34.59 61.34 -3.73
N SER H 164 -34.50 60.35 -2.85
CA SER H 164 -34.77 60.54 -1.44
C SER H 164 -33.80 61.56 -0.84
N LYS H 165 -34.30 62.41 0.06
CA LYS H 165 -33.49 63.47 0.67
C LYS H 165 -32.41 62.90 1.57
N SER H 166 -31.31 63.64 1.71
CA SER H 166 -30.19 63.22 2.54
C SER H 166 -30.47 63.49 4.01
N THR H 167 -31.43 64.37 4.28
CA THR H 167 -31.80 64.73 5.64
C THR H 167 -33.09 64.04 6.07
N SER H 168 -33.45 62.96 5.37
CA SER H 168 -34.64 62.19 5.72
C SER H 168 -34.36 61.26 6.89
N GLY H 169 -33.12 60.79 6.97
CA GLY H 169 -32.68 59.94 8.06
C GLY H 169 -32.97 58.46 7.82
N GLY H 170 -33.85 58.17 6.87
CA GLY H 170 -34.22 56.80 6.56
C GLY H 170 -33.18 56.10 5.70
N THR H 171 -33.67 55.32 4.74
CA THR H 171 -32.79 54.58 3.83
C THR H 171 -32.90 55.13 2.41
N ALA H 172 -31.75 55.45 1.83
CA ALA H 172 -31.67 55.93 0.45
C ALA H 172 -31.06 54.87 -0.45
N ALA H 173 -31.71 54.62 -1.59
CA ALA H 173 -31.26 53.59 -2.53
C ALA H 173 -30.59 54.23 -3.75
N LEU H 174 -29.54 53.59 -4.25
CA LEU H 174 -28.88 54.04 -5.47
C LEU H 174 -28.45 52.83 -6.29
N GLY H 175 -27.88 53.07 -7.47
CA GLY H 175 -27.44 51.97 -8.32
C GLY H 175 -26.95 52.37 -9.69
N CYS H 176 -26.50 51.37 -10.46
CA CYS H 176 -26.02 51.58 -11.82
C CYS H 176 -26.72 50.63 -12.79
N LEU H 177 -26.74 51.03 -14.06
CA LEU H 177 -27.44 50.30 -15.10
C LEU H 177 -26.48 49.89 -16.22
N VAL H 178 -26.04 48.64 -16.20
CA VAL H 178 -25.16 48.10 -17.23
C VAL H 178 -26.01 47.59 -18.40
N LYS H 179 -26.16 48.43 -19.43
CA LYS H 179 -27.12 48.14 -20.50
C LYS H 179 -26.44 47.77 -21.81
N ASP H 180 -27.13 46.90 -22.57
CA ASP H 180 -26.72 46.51 -23.92
C ASP H 180 -25.29 45.99 -24.00
N TYR H 181 -25.12 44.69 -23.73
CA TYR H 181 -23.83 44.05 -23.88
C TYR H 181 -24.00 42.56 -24.17
N PHE H 182 -22.95 41.96 -24.70
CA PHE H 182 -22.99 40.55 -25.07
C PHE H 182 -21.58 40.05 -25.35
N PRO H 183 -21.26 38.81 -24.96
CA PRO H 183 -22.09 37.84 -24.20
C PRO H 183 -21.95 38.05 -22.69
N GLU H 184 -22.26 37.02 -21.91
CA GLU H 184 -22.02 37.04 -20.48
C GLU H 184 -20.59 36.58 -20.20
N PRO H 185 -20.08 36.86 -18.99
CA PRO H 185 -20.66 37.63 -17.89
C PRO H 185 -20.02 39.01 -17.70
N VAL H 186 -20.64 39.84 -16.85
CA VAL H 186 -20.08 41.13 -16.49
C VAL H 186 -19.93 41.23 -14.98
N THR H 187 -18.94 42.00 -14.53
CA THR H 187 -18.68 42.16 -13.10
C THR H 187 -18.89 43.61 -12.68
N VAL H 188 -19.75 43.79 -11.68
CA VAL H 188 -20.05 45.11 -11.14
C VAL H 188 -19.72 45.14 -9.65
N SER H 189 -19.02 46.18 -9.23
CA SER H 189 -18.69 46.35 -7.83
C SER H 189 -18.89 47.81 -7.39
N TRP H 190 -18.80 48.02 -6.08
CA TRP H 190 -18.99 49.34 -5.50
C TRP H 190 -17.77 49.81 -4.72
N ASN H 191 -17.32 51.01 -5.02
CA ASN H 191 -16.19 51.62 -4.33
C ASN H 191 -14.95 50.71 -4.41
N SER H 192 -14.77 50.11 -5.57
CA SER H 192 -13.64 49.22 -5.83
C SER H 192 -13.57 48.08 -4.81
N GLY H 193 -14.68 47.36 -4.67
CA GLY H 193 -14.73 46.19 -3.81
C GLY H 193 -14.94 46.51 -2.35
N ALA H 194 -14.87 47.79 -2.00
CA ALA H 194 -15.02 48.22 -0.61
C ALA H 194 -16.42 47.94 -0.09
N LEU H 195 -17.38 48.75 -0.50
CA LEU H 195 -18.77 48.56 -0.09
C LEU H 195 -19.35 47.29 -0.71
N THR H 196 -19.83 46.39 0.15
CA THR H 196 -20.41 45.14 -0.31
C THR H 196 -21.66 44.77 0.48
N SER H 197 -21.80 45.33 1.68
CA SER H 197 -22.95 45.05 2.53
C SER H 197 -24.18 45.81 2.03
N GLY H 198 -25.26 45.06 1.76
CA GLY H 198 -26.50 45.65 1.30
C GLY H 198 -26.57 45.77 -0.21
N VAL H 199 -25.47 45.46 -0.88
CA VAL H 199 -25.38 45.55 -2.34
C VAL H 199 -26.25 44.47 -2.99
N HIS H 200 -26.82 44.80 -4.14
CA HIS H 200 -27.62 43.86 -4.91
C HIS H 200 -27.34 44.00 -6.41
N THR H 201 -26.62 43.03 -6.95
CA THR H 201 -26.39 42.93 -8.39
C THR H 201 -27.34 41.87 -8.95
N PHE H 202 -28.43 42.32 -9.58
CA PHE H 202 -29.46 41.41 -10.05
C PHE H 202 -28.97 40.52 -11.19
N PRO H 203 -29.59 39.34 -11.35
CA PRO H 203 -29.20 38.45 -12.46
C PRO H 203 -29.42 39.12 -13.82
N ALA H 204 -28.44 38.98 -14.71
CA ALA H 204 -28.53 39.59 -16.03
C ALA H 204 -29.66 38.97 -16.84
N VAL H 205 -30.56 39.81 -17.32
CA VAL H 205 -31.68 39.35 -18.15
C VAL H 205 -31.38 39.59 -19.63
N LEU H 206 -32.12 38.88 -20.48
CA LEU H 206 -31.97 38.99 -21.93
C LEU H 206 -33.03 39.91 -22.52
N GLN H 207 -32.59 40.90 -23.27
CA GLN H 207 -33.50 41.83 -23.93
C GLN H 207 -33.96 41.28 -25.28
N SER H 208 -34.95 41.94 -25.87
CA SER H 208 -35.51 41.53 -27.14
C SER H 208 -34.45 41.49 -28.23
N SER H 209 -33.60 42.50 -28.25
CA SER H 209 -32.57 42.63 -29.28
C SER H 209 -31.64 41.43 -29.30
N GLY H 210 -31.50 40.78 -28.15
CA GLY H 210 -30.57 39.69 -27.99
C GLY H 210 -29.37 40.12 -27.15
N LEU H 211 -29.42 41.35 -26.66
CA LEU H 211 -28.38 41.87 -25.79
C LEU H 211 -28.80 41.69 -24.33
N TYR H 212 -27.81 41.42 -23.47
CA TYR H 212 -28.09 41.25 -22.04
C TYR H 212 -28.06 42.62 -21.35
N SER H 213 -28.76 42.72 -20.23
CA SER H 213 -28.83 43.97 -19.48
C SER H 213 -29.23 43.70 -18.03
N LEU H 214 -28.62 44.43 -17.10
CA LEU H 214 -28.87 44.25 -15.68
C LEU H 214 -28.88 45.57 -14.93
N SER H 215 -29.35 45.52 -13.68
CA SER H 215 -29.35 46.68 -12.79
C SER H 215 -28.70 46.32 -11.47
N SER H 216 -27.68 47.08 -11.08
CA SER H 216 -26.93 46.83 -9.86
C SER H 216 -27.18 47.93 -8.82
N VAL H 217 -27.96 47.60 -7.79
CA VAL H 217 -28.39 48.60 -6.82
C VAL H 217 -27.70 48.41 -5.48
N VAL H 218 -27.90 49.38 -4.58
CA VAL H 218 -27.38 49.30 -3.22
C VAL H 218 -28.13 50.28 -2.33
N THR H 219 -28.46 49.82 -1.12
CA THR H 219 -29.18 50.64 -0.14
C THR H 219 -28.23 51.15 0.92
N VAL H 220 -28.32 52.44 1.22
CA VAL H 220 -27.44 53.07 2.21
C VAL H 220 -28.21 54.08 3.06
N PRO H 221 -27.62 54.49 4.21
CA PRO H 221 -28.27 55.51 5.04
C PRO H 221 -28.48 56.82 4.30
N SER H 222 -29.44 57.61 4.75
CA SER H 222 -29.74 58.89 4.11
C SER H 222 -28.64 59.92 4.36
N SER H 223 -28.07 59.90 5.56
CA SER H 223 -27.04 60.86 5.93
C SER H 223 -25.74 60.62 5.15
N SER H 224 -25.57 59.39 4.66
CA SER H 224 -24.35 59.03 3.94
C SER H 224 -24.28 59.72 2.57
N LEU H 225 -25.40 60.26 2.12
CA LEU H 225 -25.45 60.95 0.84
C LEU H 225 -24.65 62.26 0.90
N GLY H 226 -23.79 62.45 -0.09
CA GLY H 226 -22.91 63.60 -0.13
C GLY H 226 -21.58 63.29 0.54
N THR H 227 -21.66 62.66 1.72
CA THR H 227 -20.47 62.28 2.46
C THR H 227 -19.69 61.22 1.71
N GLN H 228 -20.28 60.04 1.59
CA GLN H 228 -19.62 58.91 0.93
C GLN H 228 -19.68 59.07 -0.58
N THR H 229 -18.54 58.91 -1.23
CA THR H 229 -18.46 58.98 -2.69
C THR H 229 -18.77 57.61 -3.29
N TYR H 230 -19.96 57.47 -3.86
CA TYR H 230 -20.38 56.22 -4.46
C TYR H 230 -20.00 56.17 -5.93
N ILE H 231 -19.16 55.19 -6.29
CA ILE H 231 -18.73 55.00 -7.67
C ILE H 231 -18.81 53.51 -8.03
N CYS H 232 -19.62 53.18 -9.02
CA CYS H 232 -19.79 51.79 -9.44
C CYS H 232 -18.76 51.42 -10.49
N ASN H 233 -18.06 50.32 -10.24
CA ASN H 233 -17.03 49.82 -11.14
C ASN H 233 -17.56 48.63 -11.93
N VAL H 234 -17.72 48.82 -13.24
CA VAL H 234 -18.24 47.78 -14.12
C VAL H 234 -17.14 47.29 -15.05
N ASN H 235 -17.09 45.97 -15.26
CA ASN H 235 -16.11 45.38 -16.15
C ASN H 235 -16.70 44.25 -16.98
N HIS H 236 -16.30 44.21 -18.26
CA HIS H 236 -16.76 43.20 -19.20
C HIS H 236 -15.58 42.61 -19.98
N LYS H 237 -15.21 41.39 -19.63
CA LYS H 237 -13.99 40.77 -20.15
C LYS H 237 -14.05 40.41 -21.64
N PRO H 238 -15.17 39.83 -22.11
CA PRO H 238 -15.22 39.35 -23.50
C PRO H 238 -14.93 40.42 -24.55
N SER H 239 -15.24 41.68 -24.25
CA SER H 239 -15.03 42.77 -25.20
C SER H 239 -13.84 43.65 -24.82
N ASN H 240 -13.21 43.33 -23.70
CA ASN H 240 -12.10 44.12 -23.18
C ASN H 240 -12.55 45.57 -22.93
N THR H 241 -13.43 45.73 -21.96
CA THR H 241 -14.00 47.04 -21.63
C THR H 241 -14.19 47.19 -20.12
N LYS H 242 -13.83 48.37 -19.61
CA LYS H 242 -14.00 48.68 -18.19
C LYS H 242 -14.52 50.10 -18.03
N VAL H 243 -15.52 50.27 -17.17
CA VAL H 243 -16.16 51.57 -16.97
C VAL H 243 -16.47 51.82 -15.50
N ASP H 244 -15.88 52.88 -14.96
CA ASP H 244 -16.17 53.34 -13.60
C ASP H 244 -17.07 54.57 -13.66
N LYS H 245 -18.24 54.49 -13.03
CA LYS H 245 -19.22 55.56 -13.08
C LYS H 245 -19.59 56.04 -11.68
N LYS H 246 -19.70 57.37 -11.53
CA LYS H 246 -20.00 57.97 -10.24
C LYS H 246 -21.48 58.30 -10.11
N VAL H 247 -22.16 57.59 -9.21
CA VAL H 247 -23.56 57.85 -8.92
C VAL H 247 -23.69 59.11 -8.08
N GLU H 248 -24.63 59.97 -8.44
CA GLU H 248 -24.82 61.24 -7.76
C GLU H 248 -26.31 61.56 -7.61
N PRO H 249 -26.67 62.44 -6.66
CA PRO H 249 -28.07 62.87 -6.50
C PRO H 249 -28.63 63.54 -7.75
N MET I 1 -69.04 -15.33 26.71
CA MET I 1 -67.85 -14.50 26.67
C MET I 1 -66.66 -15.28 26.10
N ASP I 2 -66.80 -16.60 26.03
CA ASP I 2 -65.75 -17.45 25.48
C ASP I 2 -65.49 -17.14 24.02
N GLU I 3 -66.54 -16.74 23.30
CA GLU I 3 -66.44 -16.43 21.89
C GLU I 3 -65.45 -15.30 21.62
N ILE I 4 -65.09 -14.58 22.67
CA ILE I 4 -64.09 -13.51 22.60
C ILE I 4 -62.70 -14.08 22.88
N ILE I 5 -62.64 -14.96 23.88
CA ILE I 5 -61.39 -15.66 24.21
C ILE I 5 -60.91 -16.45 23.00
N THR I 6 -61.84 -17.06 22.28
CA THR I 6 -61.51 -17.77 21.05
C THR I 6 -60.88 -16.83 20.02
N ARG I 7 -61.47 -15.65 19.84
CA ARG I 7 -60.91 -14.67 18.91
C ARG I 7 -59.50 -14.30 19.35
N TRP I 8 -59.34 -14.01 20.64
CA TRP I 8 -58.03 -13.69 21.22
C TRP I 8 -56.99 -14.76 20.94
N ALA I 9 -57.30 -16.01 21.30
CA ALA I 9 -56.37 -17.11 21.16
C ALA I 9 -56.10 -17.46 19.69
N THR I 10 -57.13 -17.42 18.85
CA THR I 10 -56.94 -17.67 17.42
C THR I 10 -55.99 -16.63 16.84
N ASP I 11 -56.30 -15.35 17.08
CA ASP I 11 -55.44 -14.26 16.62
C ASP I 11 -54.03 -14.45 17.18
N LEU I 12 -53.97 -14.80 18.46
CA LEU I 12 -52.70 -15.05 19.14
C LEU I 12 -51.86 -16.09 18.41
N ALA I 13 -52.39 -17.31 18.30
CA ALA I 13 -51.67 -18.41 17.68
C ALA I 13 -51.33 -18.11 16.22
N LYS I 14 -52.30 -17.54 15.51
CA LYS I 14 -52.12 -17.17 14.11
C LYS I 14 -50.95 -16.21 13.94
N TYR I 15 -50.90 -15.18 14.79
CA TYR I 15 -49.87 -14.16 14.68
C TYR I 15 -48.52 -14.60 15.28
N GLN I 16 -48.56 -15.50 16.26
CA GLN I 16 -47.32 -16.11 16.74
C GLN I 16 -46.70 -16.93 15.61
N LYS I 17 -47.50 -17.84 15.05
CA LYS I 17 -47.05 -18.70 13.95
C LYS I 17 -46.46 -17.90 12.80
N GLU I 18 -46.87 -16.64 12.68
CA GLU I 18 -46.36 -15.75 11.64
C GLU I 18 -45.11 -15.03 12.14
N PHE I 19 -45.14 -14.58 13.38
CA PHE I 19 -43.98 -13.93 14.00
C PHE I 19 -42.76 -14.83 13.93
N LYS I 20 -42.95 -16.12 14.18
CA LYS I 20 -41.88 -17.09 14.02
C LYS I 20 -41.31 -17.02 12.60
N GLU I 21 -42.18 -16.96 11.61
CA GLU I 21 -41.76 -16.87 10.21
C GLU I 21 -40.95 -15.60 9.97
N GLN I 22 -41.49 -14.47 10.43
CA GLN I 22 -40.79 -13.19 10.32
C GLN I 22 -39.38 -13.29 10.90
N ALA I 23 -39.31 -13.68 12.17
CA ALA I 23 -38.05 -13.83 12.87
C ALA I 23 -37.10 -14.71 12.08
N ALA I 24 -37.60 -15.87 11.65
CA ALA I 24 -36.81 -16.82 10.87
C ALA I 24 -36.23 -16.14 9.63
N LYS I 25 -37.08 -15.41 8.91
CA LYS I 25 -36.66 -14.70 7.71
C LYS I 25 -35.56 -13.68 8.02
N VAL I 26 -35.74 -12.92 9.09
CA VAL I 26 -34.73 -11.97 9.53
C VAL I 26 -33.41 -12.69 9.85
N MET I 27 -33.50 -13.80 10.57
CA MET I 27 -32.32 -14.58 10.93
C MET I 27 -31.57 -15.03 9.69
N GLU I 28 -32.31 -15.65 8.76
CA GLU I 28 -31.72 -16.09 7.50
C GLU I 28 -31.07 -14.89 6.81
N TRP I 29 -31.75 -13.75 6.83
CA TRP I 29 -31.20 -12.53 6.28
C TRP I 29 -29.87 -12.16 6.94
N ASP I 30 -29.80 -12.24 8.26
CA ASP I 30 -28.54 -12.01 8.97
C ASP I 30 -27.45 -12.94 8.43
N ARG I 31 -27.78 -14.22 8.36
CA ARG I 31 -26.84 -15.22 7.82
C ARG I 31 -26.34 -14.77 6.44
N LEU I 32 -27.26 -14.39 5.57
CA LEU I 32 -26.90 -13.89 4.25
C LEU I 32 -25.95 -12.70 4.35
N LEU I 33 -26.31 -11.75 5.20
CA LEU I 33 -25.51 -10.55 5.38
C LEU I 33 -24.07 -10.85 5.78
N VAL I 34 -23.89 -11.68 6.82
CA VAL I 34 -22.53 -12.02 7.25
C VAL I 34 -21.79 -12.84 6.19
N GLU I 35 -22.52 -13.80 5.59
CA GLU I 35 -21.97 -14.63 4.54
C GLU I 35 -21.41 -13.77 3.40
N ASN I 36 -22.15 -12.72 3.05
CA ASN I 36 -21.65 -11.76 2.07
C ASN I 36 -20.50 -10.92 2.62
N GLY I 37 -20.65 -10.45 3.85
CA GLY I 37 -19.63 -9.66 4.51
C GLY I 37 -18.24 -10.27 4.43
N GLU I 38 -18.16 -11.57 4.75
CA GLU I 38 -16.91 -12.30 4.59
C GLU I 38 -16.33 -12.08 3.18
N LYS I 39 -17.19 -12.23 2.17
CA LYS I 39 -16.76 -12.07 0.79
C LYS I 39 -16.34 -10.62 0.53
N ILE I 40 -17.06 -9.67 1.11
CA ILE I 40 -16.68 -8.27 1.00
C ILE I 40 -15.26 -8.07 1.48
N GLN I 41 -14.97 -8.59 2.68
CA GLN I 41 -13.62 -8.50 3.23
C GLN I 41 -12.59 -9.13 2.30
N LYS I 42 -12.87 -10.35 1.85
CA LYS I 42 -11.98 -11.02 0.90
C LYS I 42 -11.73 -10.13 -0.32
N LEU I 43 -12.79 -9.46 -0.78
CA LEU I 43 -12.68 -8.52 -1.88
C LEU I 43 -11.80 -7.34 -1.51
N TYR I 44 -11.95 -6.84 -0.28
CA TYR I 44 -11.09 -5.76 0.22
C TYR I 44 -9.62 -6.15 0.14
N THR I 45 -9.30 -7.32 0.69
CA THR I 45 -7.94 -7.83 0.64
C THR I 45 -7.44 -7.95 -0.80
N SER I 46 -8.18 -8.70 -1.61
CA SER I 46 -7.84 -8.90 -3.02
C SER I 46 -7.60 -7.58 -3.72
N THR I 47 -8.46 -6.62 -3.44
CA THR I 47 -8.38 -5.29 -4.03
C THR I 47 -7.08 -4.59 -3.61
N TYR I 48 -6.82 -4.54 -2.31
CA TYR I 48 -5.58 -3.94 -1.83
C TYR I 48 -4.38 -4.58 -2.50
N GLU I 49 -4.36 -5.91 -2.54
CA GLU I 49 -3.26 -6.63 -3.19
C GLU I 49 -3.12 -6.15 -4.64
N ALA I 50 -4.22 -6.17 -5.38
CA ALA I 50 -4.21 -5.71 -6.77
C ALA I 50 -3.65 -4.30 -6.87
N GLU I 51 -4.08 -3.45 -5.96
CA GLU I 51 -3.65 -2.06 -5.94
C GLU I 51 -2.13 -1.97 -5.77
N ARG I 52 -1.64 -2.62 -4.72
CA ARG I 52 -0.20 -2.62 -4.44
C ARG I 52 0.59 -3.15 -5.63
N ALA I 53 0.14 -4.27 -6.19
CA ALA I 53 0.80 -4.86 -7.35
C ALA I 53 0.81 -3.87 -8.53
N SER I 54 -0.31 -3.19 -8.74
CA SER I 54 -0.38 -2.19 -9.80
C SER I 54 0.63 -1.08 -9.57
N ASN I 55 0.70 -0.59 -8.33
CA ASN I 55 1.70 0.41 -7.96
C ASN I 55 3.11 -0.07 -8.25
N GLU I 56 3.42 -1.30 -7.86
CA GLU I 56 4.72 -1.89 -8.16
C GLU I 56 5.00 -1.90 -9.66
N ILE I 57 4.04 -2.37 -10.45
CA ILE I 57 4.20 -2.37 -11.91
C ILE I 57 4.44 -0.96 -12.45
N GLU I 58 3.75 0.00 -11.84
CA GLU I 58 3.93 1.40 -12.21
C GLU I 58 5.37 1.80 -11.94
N ARG I 59 5.86 1.49 -10.75
CA ARG I 59 7.23 1.80 -10.39
C ARG I 59 8.24 1.15 -11.33
N GLN I 60 8.04 -0.15 -11.62
CA GLN I 60 8.96 -0.88 -12.49
C GLN I 60 9.02 -0.27 -13.89
N LEU I 61 7.87 0.25 -14.33
CA LEU I 61 7.78 0.83 -15.66
C LEU I 61 8.24 2.29 -15.67
N SER I 62 9.05 2.65 -14.67
CA SER I 62 9.68 3.97 -14.61
C SER I 62 11.19 3.77 -14.60
N ASN I 63 11.63 2.72 -13.91
CA ASN I 63 13.04 2.33 -13.93
C ASN I 63 13.41 1.85 -15.32
N VAL I 64 12.56 0.99 -15.88
CA VAL I 64 12.81 0.52 -17.24
C VAL I 64 12.66 1.68 -18.22
N GLU I 65 11.85 2.68 -17.84
CA GLU I 65 11.62 3.84 -18.68
C GLU I 65 12.76 4.86 -18.59
N SER I 66 13.43 4.94 -17.44
CA SER I 66 14.58 5.86 -17.27
C SER I 66 15.90 5.24 -17.73
N GLN I 67 15.97 3.91 -17.71
CA GLN I 67 17.13 3.23 -18.28
C GLN I 67 17.19 3.49 -19.78
N GLN I 68 16.02 3.78 -20.36
CA GLN I 68 15.94 4.19 -21.76
C GLN I 68 16.00 5.72 -21.87
N GLU I 69 16.76 6.31 -20.95
CA GLU I 69 17.04 7.74 -20.97
C GLU I 69 18.54 7.85 -20.77
N GLU I 70 19.04 7.06 -19.82
CA GLU I 70 20.48 7.00 -19.62
C GLU I 70 21.15 6.28 -20.81
N LEU I 71 20.56 5.18 -21.25
CA LEU I 71 21.14 4.41 -22.34
C LEU I 71 20.76 4.98 -23.71
N THR I 72 20.27 6.23 -23.69
CA THR I 72 19.99 6.97 -24.91
C THR I 72 20.92 8.18 -24.93
N ALA I 73 20.98 8.89 -23.81
CA ALA I 73 21.91 10.02 -23.72
C ALA I 73 23.34 9.53 -23.90
N TRP I 74 23.66 8.38 -23.33
CA TRP I 74 24.98 7.79 -23.52
C TRP I 74 25.21 7.38 -24.97
N LEU I 75 24.20 6.74 -25.56
CA LEU I 75 24.24 6.35 -26.96
C LEU I 75 24.48 7.56 -27.84
N ASP I 76 23.90 8.71 -27.45
CA ASP I 76 24.17 9.97 -28.14
C ASP I 76 25.56 10.50 -27.80
N ARG I 77 26.02 10.23 -26.58
CA ARG I 77 27.33 10.70 -26.15
C ARG I 77 28.46 9.97 -26.91
N TYR I 78 28.28 8.69 -27.18
CA TYR I 78 29.29 7.90 -27.90
C TYR I 78 29.58 8.49 -29.27
N GLU I 79 28.59 9.17 -29.84
CA GLU I 79 28.69 9.71 -31.19
C GLU I 79 29.82 10.74 -31.32
N ARG I 80 30.19 11.36 -30.20
CA ARG I 80 31.30 12.32 -30.19
C ARG I 80 32.62 11.59 -30.42
N GLU I 81 32.84 10.54 -29.63
CA GLU I 81 34.03 9.71 -29.76
C GLU I 81 34.01 8.98 -31.11
N LEU I 82 32.81 8.71 -31.60
CA LEU I 82 32.65 8.13 -32.94
C LEU I 82 33.11 9.13 -34.00
N ASP I 83 32.65 10.37 -33.87
CA ASP I 83 33.06 11.44 -34.78
C ASP I 83 34.55 11.74 -34.60
N GLU I 84 35.06 11.49 -33.40
CA GLU I 84 36.49 11.60 -33.13
C GLU I 84 37.25 10.52 -33.91
N LEU I 85 36.73 9.30 -33.86
CA LEU I 85 37.29 8.19 -34.63
C LEU I 85 37.26 8.52 -36.13
N TYR I 86 36.12 9.04 -36.59
CA TYR I 86 36.01 9.50 -37.97
C TYR I 86 37.02 10.60 -38.28
N ALA I 87 37.16 11.54 -37.34
CA ALA I 87 38.11 12.64 -37.51
C ALA I 87 39.54 12.12 -37.61
N LYS I 88 39.86 11.09 -36.81
CA LYS I 88 41.19 10.48 -36.87
C LYS I 88 41.43 9.69 -38.16
N GLN I 89 40.46 8.85 -38.52
CA GLN I 89 40.61 7.97 -39.67
C GLN I 89 40.51 8.70 -41.02
N MET I 90 39.61 9.68 -41.12
CA MET I 90 39.39 10.39 -42.37
C MET I 90 40.63 11.11 -42.87
N GLY I 91 41.49 11.55 -41.95
CA GLY I 91 42.70 12.25 -42.31
C GLY I 91 43.81 11.31 -42.72
N GLU I 106 34.55 -3.90 -43.40
CA GLU I 106 33.69 -2.74 -43.21
C GLU I 106 32.33 -2.96 -43.87
N ARG I 107 32.33 -3.10 -45.19
CA ARG I 107 31.12 -3.31 -45.95
C ARG I 107 30.45 -4.62 -45.54
N THR I 108 31.25 -5.59 -45.11
CA THR I 108 30.74 -6.88 -44.68
C THR I 108 29.83 -6.74 -43.47
N TYR I 109 30.26 -5.95 -42.49
CA TYR I 109 29.43 -5.64 -41.32
C TYR I 109 28.19 -4.85 -41.74
N LYS I 110 28.39 -3.86 -42.61
CA LYS I 110 27.29 -3.03 -43.07
C LYS I 110 26.29 -3.85 -43.88
N LEU I 111 26.77 -4.94 -44.49
CA LEU I 111 25.89 -5.89 -45.15
C LEU I 111 25.24 -6.81 -44.12
N ALA I 112 26.01 -7.20 -43.11
CA ALA I 112 25.50 -8.05 -42.03
C ALA I 112 24.34 -7.39 -41.28
N GLU I 113 24.49 -6.12 -40.94
CA GLU I 113 23.46 -5.40 -40.20
C GLU I 113 22.20 -5.20 -41.04
N LYS I 114 22.38 -4.77 -42.28
CA LYS I 114 21.24 -4.62 -43.20
C LYS I 114 20.60 -5.97 -43.47
N LEU I 115 21.42 -7.01 -43.53
CA LEU I 115 20.93 -8.37 -43.71
C LEU I 115 20.09 -8.76 -42.49
N THR I 116 20.59 -8.40 -41.31
CA THR I 116 19.85 -8.63 -40.07
C THR I 116 18.60 -7.74 -40.03
N ASP I 117 18.71 -6.57 -40.64
CA ASP I 117 17.64 -5.59 -40.61
C ASP I 117 16.54 -5.93 -41.62
N GLN I 118 16.93 -6.56 -42.72
CA GLN I 118 16.01 -6.83 -43.83
C GLN I 118 14.88 -7.78 -43.41
N LEU I 119 15.19 -8.72 -42.53
CA LEU I 119 14.19 -9.73 -42.14
C LEU I 119 13.12 -9.11 -41.25
N ASP I 120 13.42 -7.97 -40.64
CA ASP I 120 12.44 -7.24 -39.86
C ASP I 120 11.28 -6.86 -40.77
N GLU I 121 11.62 -6.41 -41.98
CA GLU I 121 10.62 -6.07 -42.99
C GLU I 121 9.80 -7.30 -43.36
N MET I 122 10.45 -8.45 -43.42
CA MET I 122 9.77 -9.71 -43.74
C MET I 122 8.80 -10.10 -42.63
N GLY I 123 9.25 -9.97 -41.39
CA GLY I 123 8.39 -10.22 -40.24
C GLY I 123 7.19 -9.30 -40.23
N LYS I 124 7.46 -8.01 -40.43
CA LYS I 124 6.40 -7.00 -40.46
C LYS I 124 5.40 -7.28 -41.58
N ASP I 125 5.93 -7.54 -42.78
CA ASP I 125 5.10 -7.84 -43.93
C ASP I 125 4.28 -9.11 -43.69
N LEU I 126 4.93 -10.11 -43.09
CA LEU I 126 4.27 -11.36 -42.76
C LEU I 126 3.14 -11.10 -41.76
N ALA I 127 3.41 -10.27 -40.77
CA ALA I 127 2.41 -9.87 -39.79
C ALA I 127 1.23 -9.20 -40.49
N LYS I 128 1.52 -8.24 -41.35
CA LYS I 128 0.49 -7.56 -42.14
C LYS I 128 -0.37 -8.59 -42.89
N MET I 129 0.30 -9.51 -43.57
CA MET I 129 -0.39 -10.57 -44.30
C MET I 129 -1.33 -11.32 -43.36
N ILE I 130 -0.80 -11.81 -42.25
CA ILE I 130 -1.59 -12.55 -41.27
C ILE I 130 -2.81 -11.74 -40.82
N LYS I 131 -2.58 -10.48 -40.48
CA LYS I 131 -3.67 -9.58 -40.08
C LYS I 131 -4.75 -9.54 -41.16
N GLU I 132 -4.33 -9.32 -42.41
CA GLU I 132 -5.27 -9.27 -43.52
C GLU I 132 -6.03 -10.59 -43.68
N ILE I 133 -5.33 -11.71 -43.53
CA ILE I 133 -5.98 -13.02 -43.60
C ILE I 133 -7.05 -13.14 -42.51
N ASN I 134 -6.70 -12.77 -41.29
CA ASN I 134 -7.67 -12.77 -40.20
C ASN I 134 -8.87 -11.87 -40.51
N ASP I 135 -8.60 -10.66 -41.00
CA ASP I 135 -9.65 -9.73 -41.38
C ASP I 135 -10.60 -10.37 -42.40
N MET I 136 -10.02 -10.92 -43.46
CA MET I 136 -10.82 -11.52 -44.53
C MET I 136 -11.62 -12.72 -44.04
N SER I 137 -10.98 -13.59 -43.27
CA SER I 137 -11.67 -14.76 -42.74
C SER I 137 -12.83 -14.33 -41.84
N ASN I 138 -12.57 -13.38 -40.94
CA ASN I 138 -13.60 -12.88 -40.04
C ASN I 138 -14.75 -12.21 -40.77
N THR I 139 -14.43 -11.37 -41.76
CA THR I 139 -15.44 -10.68 -42.53
C THR I 139 -16.23 -11.67 -43.40
N LEU I 140 -15.54 -12.66 -43.95
CA LEU I 140 -16.16 -13.70 -44.75
C LEU I 140 -17.14 -14.51 -43.91
N SER I 141 -16.67 -14.93 -42.72
CA SER I 141 -17.47 -15.72 -41.80
C SER I 141 -18.75 -14.99 -41.40
N LYS I 142 -18.70 -13.67 -41.31
CA LYS I 142 -19.84 -12.86 -40.89
C LYS I 142 -19.89 -11.54 -41.67
N GLY I 143 -18.95 -10.65 -41.40
CA GLY I 143 -18.87 -9.39 -42.13
C GLY I 143 -19.25 -8.15 -41.34
N SER I 144 -20.12 -8.35 -40.35
CA SER I 144 -20.53 -7.26 -39.46
C SER I 144 -20.54 -7.72 -38.02
N LYS I 145 -19.97 -8.89 -37.77
CA LYS I 145 -19.95 -9.46 -36.42
C LYS I 145 -18.57 -9.53 -35.78
N PRO I 146 -17.88 -8.39 -35.66
CA PRO I 146 -16.66 -8.44 -34.84
C PRO I 146 -17.01 -8.24 -33.38
N ASP I 147 -18.26 -7.87 -33.11
CA ASP I 147 -18.74 -7.60 -31.77
C ASP I 147 -19.70 -8.68 -31.26
N ASP I 148 -19.87 -9.75 -32.03
CA ASP I 148 -20.83 -10.79 -31.65
C ASP I 148 -20.21 -11.66 -30.57
N PRO I 149 -21.03 -12.47 -29.89
CA PRO I 149 -20.48 -13.29 -28.81
C PRO I 149 -19.88 -14.62 -29.27
N LEU I 150 -20.05 -14.97 -30.53
CA LEU I 150 -19.48 -16.21 -31.05
C LEU I 150 -17.98 -16.07 -31.26
N THR I 151 -17.58 -15.11 -32.10
CA THR I 151 -16.18 -14.86 -32.41
C THR I 151 -15.38 -14.60 -31.13
N GLN I 152 -16.05 -14.08 -30.11
CA GLN I 152 -15.48 -13.93 -28.79
C GLN I 152 -14.95 -15.29 -28.32
N ILE I 153 -15.89 -16.21 -28.19
CA ILE I 153 -15.61 -17.58 -27.78
C ILE I 153 -14.57 -18.20 -28.70
N VAL I 154 -14.73 -18.01 -30.00
CA VAL I 154 -13.76 -18.50 -30.98
C VAL I 154 -12.34 -18.08 -30.58
N ARG I 155 -12.12 -16.76 -30.50
CA ARG I 155 -10.80 -16.21 -30.17
C ARG I 155 -10.27 -16.74 -28.85
N VAL I 156 -11.06 -16.60 -27.79
CA VAL I 156 -10.60 -17.06 -26.47
C VAL I 156 -10.24 -18.53 -26.54
N LEU I 157 -11.08 -19.30 -27.22
CA LEU I 157 -10.87 -20.73 -27.35
C LEU I 157 -9.60 -21.03 -28.15
N ASN I 158 -9.32 -20.21 -29.16
CA ASN I 158 -8.05 -20.31 -29.89
C ASN I 158 -6.88 -20.09 -28.93
N GLY I 159 -6.98 -19.04 -28.14
CA GLY I 159 -5.99 -18.76 -27.12
C GLY I 159 -5.75 -19.97 -26.24
N HIS I 160 -6.83 -20.49 -25.68
CA HIS I 160 -6.76 -21.67 -24.82
C HIS I 160 -6.10 -22.84 -25.56
N LEU I 161 -6.48 -23.04 -26.81
CA LEU I 161 -5.86 -24.09 -27.61
C LEU I 161 -4.35 -23.89 -27.66
N ALA I 162 -3.92 -22.69 -28.05
CA ALA I 162 -2.50 -22.39 -28.16
C ALA I 162 -1.75 -22.63 -26.85
N GLN I 163 -2.29 -22.09 -25.76
CA GLN I 163 -1.66 -22.25 -24.45
C GLN I 163 -1.58 -23.73 -24.08
N LEU I 164 -2.67 -24.45 -24.37
CA LEU I 164 -2.71 -25.88 -24.10
C LEU I 164 -1.63 -26.60 -24.91
N GLN I 165 -1.46 -26.18 -26.17
CA GLN I 165 -0.38 -26.71 -27.01
C GLN I 165 0.98 -26.46 -26.35
N TRP I 166 1.19 -25.23 -25.90
CA TRP I 166 2.43 -24.90 -25.18
C TRP I 166 2.66 -25.86 -24.01
N ILE I 167 1.65 -25.97 -23.15
CA ILE I 167 1.74 -26.88 -22.01
C ILE I 167 2.13 -28.29 -22.44
N ASP I 168 1.35 -28.84 -23.35
CA ASP I 168 1.61 -30.19 -23.85
C ASP I 168 3.05 -30.34 -24.35
N THR I 169 3.44 -29.49 -25.29
CA THR I 169 4.77 -29.58 -25.91
C THR I 169 5.90 -29.44 -24.88
N ASN I 170 5.88 -28.36 -24.10
CA ASN I 170 6.95 -28.13 -23.14
C ASN I 170 7.00 -29.24 -22.09
N ALA I 171 5.83 -29.65 -21.61
CA ALA I 171 5.76 -30.74 -20.65
C ALA I 171 6.34 -32.01 -21.26
N ALA I 172 6.01 -32.27 -22.52
CA ALA I 172 6.53 -33.43 -23.22
C ALA I 172 8.05 -33.37 -23.33
N ALA I 173 8.57 -32.20 -23.68
CA ALA I 173 10.01 -31.98 -23.73
C ALA I 173 10.64 -32.29 -22.38
N LEU I 174 10.04 -31.74 -21.33
CA LEU I 174 10.50 -32.00 -19.97
C LEU I 174 10.45 -33.49 -19.66
N GLN I 175 9.39 -34.15 -20.13
CA GLN I 175 9.26 -35.59 -19.95
C GLN I 175 10.43 -36.31 -20.60
N ALA I 176 10.75 -35.89 -21.82
CA ALA I 176 11.88 -36.46 -22.54
C ALA I 176 13.19 -36.24 -21.79
N LYS I 177 13.38 -35.02 -21.28
CA LYS I 177 14.60 -34.70 -20.54
C LYS I 177 14.81 -35.59 -19.31
N VAL I 178 13.74 -36.14 -18.75
CA VAL I 178 13.85 -36.99 -17.57
C VAL I 178 14.39 -38.36 -17.95
N ALA I 179 14.04 -38.84 -19.16
CA ALA I 179 14.50 -40.14 -19.63
C ALA I 179 16.02 -40.27 -19.54
N ALA I 180 16.72 -39.14 -19.66
CA ALA I 180 18.16 -39.11 -19.52
C ALA I 180 18.55 -39.47 -18.08
N ALA I 181 17.71 -39.04 -17.14
CA ALA I 181 17.96 -39.30 -15.72
C ALA I 181 17.53 -40.71 -15.35
N GLN I 182 16.83 -41.39 -16.25
CA GLN I 182 16.36 -42.75 -15.97
C GLN I 182 17.48 -43.78 -16.21
N LYS I 183 18.69 -43.28 -16.36
CA LYS I 183 19.87 -44.13 -16.45
C LYS I 183 20.21 -44.73 -15.08
N SER J 2 -70.76 -5.03 34.59
CA SER J 2 -70.46 -5.16 33.17
C SER J 2 -69.52 -4.06 32.70
N GLU J 3 -69.44 -2.98 33.47
CA GLU J 3 -68.60 -1.84 33.11
C GLU J 3 -67.12 -2.21 33.12
N ALA J 4 -66.64 -2.71 34.26
CA ALA J 4 -65.24 -3.09 34.41
C ALA J 4 -64.82 -4.11 33.36
N LEU J 5 -65.70 -5.09 33.11
CA LEU J 5 -65.43 -6.10 32.11
C LEU J 5 -65.38 -5.49 30.71
N GLN J 6 -66.44 -4.80 30.33
CA GLN J 6 -66.57 -4.21 29.00
C GLN J 6 -65.50 -3.16 28.73
N GLN J 7 -65.00 -2.53 29.79
CA GLN J 7 -63.91 -1.58 29.66
C GLN J 7 -62.57 -2.31 29.56
N GLU J 8 -62.40 -3.31 30.43
CA GLU J 8 -61.17 -4.10 30.46
C GLU J 8 -60.90 -4.78 29.11
N ILE J 9 -61.94 -5.40 28.55
CA ILE J 9 -61.82 -6.02 27.24
C ILE J 9 -61.42 -4.99 26.19
N ALA J 10 -61.99 -3.79 26.31
CA ALA J 10 -61.73 -2.74 25.35
C ALA J 10 -60.26 -2.31 25.39
N LYS J 11 -59.77 -1.98 26.58
CA LYS J 11 -58.38 -1.57 26.74
C LYS J 11 -57.42 -2.70 26.34
N ILE J 12 -57.68 -3.91 26.81
CA ILE J 12 -56.84 -5.05 26.46
C ILE J 12 -56.81 -5.28 24.95
N ASP J 13 -57.98 -5.52 24.38
CA ASP J 13 -58.10 -5.79 22.95
C ASP J 13 -57.53 -4.63 22.13
N GLU J 14 -57.69 -3.41 22.65
CA GLU J 14 -57.11 -2.24 22.00
C GLU J 14 -55.59 -2.32 22.00
N GLU J 15 -55.03 -2.69 23.15
CA GLU J 15 -53.58 -2.87 23.24
C GLU J 15 -53.11 -3.96 22.28
N ILE J 16 -53.81 -5.08 22.26
CA ILE J 16 -53.46 -6.17 21.34
C ILE J 16 -53.49 -5.67 19.90
N GLN J 17 -54.58 -5.00 19.51
CA GLN J 17 -54.70 -4.44 18.17
C GLN J 17 -53.57 -3.45 17.90
N LYS J 18 -53.18 -2.72 18.94
CA LYS J 18 -52.09 -1.77 18.83
C LYS J 18 -50.80 -2.53 18.61
N CYS J 19 -50.69 -3.71 19.19
CA CYS J 19 -49.54 -4.58 18.96
C CYS J 19 -49.58 -5.11 17.52
N ILE J 20 -50.75 -5.53 17.08
CA ILE J 20 -50.91 -6.05 15.72
C ILE J 20 -50.56 -4.96 14.71
N ARG J 21 -50.77 -3.70 15.07
CA ARG J 21 -50.31 -2.61 14.20
C ARG J 21 -48.80 -2.70 14.00
N ASP J 22 -48.08 -2.98 15.08
CA ASP J 22 -46.63 -3.16 15.00
C ASP J 22 -46.31 -4.40 14.16
N LYS J 23 -47.05 -5.48 14.40
CA LYS J 23 -46.89 -6.69 13.59
C LYS J 23 -47.00 -6.36 12.09
N GLU J 24 -48.03 -5.59 11.74
CA GLU J 24 -48.21 -5.16 10.36
C GLU J 24 -47.04 -4.29 9.92
N ALA J 25 -46.56 -3.42 10.79
CA ALA J 25 -45.41 -2.59 10.47
C ALA J 25 -44.20 -3.47 10.11
N VAL J 26 -44.02 -4.55 10.87
CA VAL J 26 -43.00 -5.52 10.50
C VAL J 26 -43.29 -6.02 9.11
N ASP J 27 -44.48 -6.59 8.93
CA ASP J 27 -44.86 -7.12 7.61
C ASP J 27 -44.60 -6.11 6.51
N ALA J 28 -44.79 -4.83 6.84
CA ALA J 28 -44.61 -3.74 5.87
C ALA J 28 -43.13 -3.52 5.54
N PHE J 29 -42.27 -3.60 6.54
CA PHE J 29 -40.87 -3.25 6.34
C PHE J 29 -40.06 -4.39 5.72
N LEU J 30 -40.72 -5.47 5.32
CA LEU J 30 -40.02 -6.66 4.85
C LEU J 30 -39.61 -6.60 3.38
N PRO J 31 -40.59 -6.42 2.47
CA PRO J 31 -40.26 -6.51 1.05
C PRO J 31 -39.24 -5.47 0.60
N ALA J 32 -39.39 -4.25 1.10
CA ALA J 32 -38.44 -3.18 0.80
C ALA J 32 -37.04 -3.63 1.17
N HIS J 33 -36.86 -3.88 2.46
CA HIS J 33 -35.60 -4.36 3.00
C HIS J 33 -35.12 -5.62 2.27
N GLY J 34 -36.06 -6.44 1.85
CA GLY J 34 -35.75 -7.69 1.18
C GLY J 34 -35.09 -7.49 -0.17
N GLU J 35 -35.69 -6.64 -1.01
CA GLU J 35 -35.11 -6.31 -2.30
C GLU J 35 -33.70 -5.77 -2.09
N GLN J 36 -33.57 -4.79 -1.22
CA GLN J 36 -32.29 -4.17 -0.90
C GLN J 36 -31.27 -5.25 -0.53
N LEU J 37 -31.70 -6.20 0.28
CA LEU J 37 -30.85 -7.33 0.67
C LEU J 37 -30.41 -8.13 -0.54
N ALA J 38 -31.38 -8.50 -1.38
CA ALA J 38 -31.12 -9.35 -2.54
C ALA J 38 -30.17 -8.66 -3.53
N ALA J 39 -30.17 -7.34 -3.54
CA ALA J 39 -29.23 -6.59 -4.36
C ALA J 39 -27.79 -6.92 -4.00
N ILE J 40 -27.53 -7.05 -2.70
CA ILE J 40 -26.16 -7.19 -2.18
C ILE J 40 -25.39 -8.36 -2.79
N PRO J 41 -25.86 -9.60 -2.59
CA PRO J 41 -25.07 -10.74 -3.06
C PRO J 41 -24.82 -10.69 -4.56
N THR J 42 -25.70 -10.00 -5.27
CA THR J 42 -25.61 -9.91 -6.73
C THR J 42 -24.49 -8.95 -7.12
N ASP J 43 -24.28 -7.93 -6.31
CA ASP J 43 -23.24 -6.96 -6.56
C ASP J 43 -21.88 -7.53 -6.17
N VAL J 44 -21.78 -8.05 -4.95
CA VAL J 44 -20.52 -8.62 -4.49
C VAL J 44 -20.10 -9.76 -5.41
N ASN J 45 -21.07 -10.48 -5.94
CA ASN J 45 -20.78 -11.55 -6.89
C ASN J 45 -20.45 -10.97 -8.26
N PHE J 46 -20.73 -9.68 -8.43
CA PHE J 46 -20.34 -8.96 -9.64
C PHE J 46 -18.98 -8.31 -9.47
N VAL J 47 -18.80 -7.64 -8.36
CA VAL J 47 -17.56 -6.94 -8.07
C VAL J 47 -16.42 -7.95 -7.95
N THR J 48 -16.74 -9.12 -7.41
CA THR J 48 -15.75 -10.17 -7.24
C THR J 48 -15.26 -10.67 -8.59
N ARG J 49 -16.13 -10.60 -9.60
CA ARG J 49 -15.75 -11.02 -10.94
C ARG J 49 -14.79 -10.01 -11.55
N LYS J 50 -15.08 -8.73 -11.35
CA LYS J 50 -14.26 -7.68 -11.93
C LYS J 50 -12.85 -7.72 -11.36
N SER J 51 -12.73 -8.14 -10.10
CA SER J 51 -11.42 -8.27 -9.48
C SER J 51 -10.62 -9.32 -10.22
N GLU J 52 -11.25 -10.46 -10.51
CA GLU J 52 -10.60 -11.54 -11.24
C GLU J 52 -10.12 -11.01 -12.59
N GLY J 53 -10.85 -10.04 -13.13
CA GLY J 53 -10.50 -9.43 -14.39
C GLY J 53 -9.25 -8.61 -14.26
N ALA J 54 -9.20 -7.78 -13.22
CA ALA J 54 -8.04 -6.94 -12.97
C ALA J 54 -6.80 -7.79 -12.67
N HIS J 55 -6.96 -8.76 -11.77
CA HIS J 55 -5.84 -9.62 -11.39
C HIS J 55 -5.29 -10.38 -12.58
N ASN J 56 -6.19 -10.88 -13.43
CA ASN J 56 -5.78 -11.58 -14.64
C ASN J 56 -5.10 -10.62 -15.61
N ALA J 57 -5.42 -9.33 -15.49
CA ALA J 57 -4.84 -8.31 -16.34
C ALA J 57 -3.47 -7.88 -15.82
N LEU J 58 -3.39 -7.67 -14.50
CA LEU J 58 -2.15 -7.25 -13.87
C LEU J 58 -1.09 -8.33 -14.03
N SER J 59 -1.50 -9.59 -13.85
CA SER J 59 -0.59 -10.72 -13.95
C SER J 59 0.06 -10.77 -15.33
N SER J 60 -0.66 -10.32 -16.36
CA SER J 60 -0.11 -10.26 -17.71
C SER J 60 0.92 -9.15 -17.83
N ASP J 61 0.77 -8.09 -17.04
CA ASP J 61 1.71 -6.98 -17.05
C ASP J 61 3.01 -7.37 -16.35
N ILE J 62 2.93 -8.35 -15.47
CA ILE J 62 4.11 -8.83 -14.76
C ILE J 62 5.12 -9.35 -15.79
N LEU J 63 4.68 -10.31 -16.60
CA LEU J 63 5.54 -10.92 -17.59
C LEU J 63 6.02 -9.89 -18.61
N ALA J 64 5.21 -8.85 -18.82
CA ALA J 64 5.55 -7.80 -19.77
C ALA J 64 6.76 -7.01 -19.29
N ILE J 65 6.70 -6.55 -18.05
CA ILE J 65 7.79 -5.78 -17.47
C ILE J 65 9.03 -6.67 -17.32
N ASP J 66 8.82 -7.90 -16.86
CA ASP J 66 9.91 -8.86 -16.70
C ASP J 66 10.66 -9.02 -18.02
N GLN J 67 9.91 -9.07 -19.11
CA GLN J 67 10.51 -9.13 -20.45
C GLN J 67 11.19 -7.81 -20.75
N LEU J 68 10.51 -6.71 -20.47
CA LEU J 68 11.05 -5.37 -20.72
C LEU J 68 12.28 -5.08 -19.87
N ARG J 69 12.38 -5.73 -18.71
CA ARG J 69 13.54 -5.55 -17.85
C ARG J 69 14.77 -6.22 -18.44
N GLU J 70 14.70 -7.51 -18.67
CA GLU J 70 15.85 -8.27 -19.16
C GLU J 70 16.26 -7.84 -20.57
N LEU J 71 15.35 -7.20 -21.28
CA LEU J 71 15.65 -6.75 -22.63
C LEU J 71 16.52 -5.50 -22.59
N VAL J 72 16.11 -4.51 -21.82
CA VAL J 72 16.90 -3.29 -21.64
C VAL J 72 18.18 -3.62 -20.88
N LYS J 73 18.12 -4.66 -20.04
CA LYS J 73 19.27 -5.07 -19.26
C LYS J 73 20.34 -5.68 -20.16
N GLN J 74 19.90 -6.40 -21.19
CA GLN J 74 20.81 -7.00 -22.16
C GLN J 74 21.27 -5.98 -23.20
N ASP J 75 20.41 -5.00 -23.51
CA ASP J 75 20.79 -3.89 -24.38
C ASP J 75 21.72 -2.93 -23.66
N ALA J 76 21.61 -2.89 -22.33
CA ALA J 76 22.51 -2.09 -21.51
C ALA J 76 23.91 -2.70 -21.56
N ASP J 77 23.98 -4.02 -21.52
CA ASP J 77 25.25 -4.74 -21.53
C ASP J 77 25.90 -4.69 -22.91
N ASN J 78 25.11 -4.93 -23.95
CA ASN J 78 25.61 -4.93 -25.32
C ASN J 78 25.99 -3.53 -25.81
N ALA J 79 25.34 -2.51 -25.27
CA ALA J 79 25.66 -1.13 -25.60
C ALA J 79 26.84 -0.61 -24.78
N ARG J 80 27.12 -1.29 -23.67
CA ARG J 80 28.23 -0.94 -22.80
C ARG J 80 29.52 -1.58 -23.28
N LEU J 81 29.41 -2.81 -23.78
CA LEU J 81 30.56 -3.54 -24.31
C LEU J 81 31.13 -2.85 -25.55
N SER J 82 30.28 -2.07 -26.22
CA SER J 82 30.69 -1.34 -27.42
C SER J 82 31.43 -0.05 -27.04
N PHE J 83 30.95 0.58 -25.97
CA PHE J 83 31.56 1.82 -25.49
C PHE J 83 32.89 1.55 -24.80
N LYS J 84 32.96 0.43 -24.08
CA LYS J 84 34.17 0.04 -23.39
C LYS J 84 35.31 -0.17 -24.39
N ALA J 85 34.95 -0.55 -25.62
CA ALA J 85 35.94 -0.71 -26.68
C ALA J 85 36.45 0.64 -27.17
N ILE J 86 35.55 1.62 -27.22
CA ILE J 86 35.90 2.96 -27.67
C ILE J 86 36.62 3.74 -26.58
N ASP J 87 36.19 3.55 -25.33
CA ASP J 87 36.82 4.20 -24.19
C ASP J 87 38.25 3.68 -24.01
N ASN J 88 38.46 2.43 -24.40
CA ASN J 88 39.79 1.83 -24.39
C ASN J 88 40.64 2.40 -25.52
N LEU J 89 40.00 2.76 -26.63
CA LEU J 89 40.70 3.31 -27.78
C LEU J 89 41.04 4.78 -27.61
N LYS J 90 40.09 5.55 -27.09
CA LYS J 90 40.27 6.98 -26.94
C LYS J 90 41.41 7.31 -25.97
N LEU J 91 41.75 6.34 -25.12
CA LEU J 91 42.82 6.49 -24.14
C LEU J 91 43.86 5.39 -24.30
N SER J 124 39.64 -6.51 -26.85
CA SER J 124 38.18 -6.69 -26.79
C SER J 124 37.61 -6.98 -28.18
N ASN J 125 38.44 -6.90 -29.21
CA ASN J 125 38.00 -7.20 -30.57
C ASN J 125 37.56 -8.66 -30.71
N ALA J 126 38.13 -9.51 -29.87
CA ALA J 126 37.80 -10.94 -29.88
C ALA J 126 36.50 -11.21 -29.13
N ASP J 127 35.96 -10.17 -28.50
CA ASP J 127 34.77 -10.31 -27.66
C ASP J 127 33.49 -10.08 -28.46
N LEU J 128 33.50 -9.09 -29.35
CA LEU J 128 32.33 -8.75 -30.14
C LEU J 128 31.95 -9.86 -31.12
N ILE J 129 32.91 -10.74 -31.38
CA ILE J 129 32.70 -11.86 -32.28
C ILE J 129 31.56 -12.75 -31.78
N SER J 130 31.58 -13.01 -30.48
CA SER J 130 30.52 -13.81 -29.85
C SER J 130 29.17 -13.12 -29.99
N TYR J 131 29.14 -11.79 -29.80
CA TYR J 131 27.92 -11.01 -29.91
C TYR J 131 27.34 -11.06 -31.32
N PHE J 132 28.17 -10.78 -32.31
CA PHE J 132 27.73 -10.84 -33.69
C PHE J 132 27.30 -12.26 -34.08
N SER J 133 28.12 -13.25 -33.75
CA SER J 133 27.77 -14.63 -34.02
C SER J 133 26.52 -15.02 -33.24
N LYS J 134 26.30 -14.39 -32.09
CA LYS J 134 25.08 -14.64 -31.30
C LYS J 134 23.85 -14.12 -32.04
N THR J 135 23.89 -12.85 -32.45
CA THR J 135 22.80 -12.28 -33.23
C THR J 135 22.53 -13.13 -34.45
N ALA J 136 23.62 -13.54 -35.12
CA ALA J 136 23.53 -14.42 -36.28
C ALA J 136 22.81 -15.72 -35.92
N ASP J 137 23.30 -16.39 -34.88
CA ASP J 137 22.73 -17.67 -34.44
C ASP J 137 21.25 -17.51 -34.12
N GLU J 138 20.89 -16.40 -33.48
CA GLU J 138 19.49 -16.15 -33.16
C GLU J 138 18.66 -15.98 -34.41
N MET J 139 19.09 -15.09 -35.30
CA MET J 139 18.35 -14.82 -36.52
C MET J 139 18.27 -16.03 -37.43
N GLU J 140 19.30 -16.87 -37.38
CA GLU J 140 19.37 -18.09 -38.19
C GLU J 140 18.14 -18.99 -38.02
N GLU J 141 17.50 -18.90 -36.85
CA GLU J 141 16.33 -19.72 -36.55
C GLU J 141 15.04 -19.02 -36.96
N MET J 142 15.05 -17.70 -36.87
CA MET J 142 13.90 -16.89 -37.25
C MET J 142 13.47 -17.20 -38.68
N MET J 143 14.45 -17.49 -39.54
CA MET J 143 14.16 -17.91 -40.90
C MET J 143 13.36 -19.22 -40.92
N LYS J 144 13.76 -20.17 -40.08
CA LYS J 144 13.04 -21.42 -39.96
C LYS J 144 11.62 -21.16 -39.47
N LYS J 145 11.50 -20.26 -38.48
CA LYS J 145 10.20 -19.85 -37.99
C LYS J 145 9.35 -19.28 -39.14
N PHE J 146 9.96 -18.40 -39.93
CA PHE J 146 9.28 -17.84 -41.09
C PHE J 146 8.81 -18.94 -42.03
N GLU J 147 9.69 -19.88 -42.35
CA GLU J 147 9.32 -20.99 -43.22
C GLU J 147 8.12 -21.75 -42.66
N LYS J 148 8.18 -22.09 -41.37
CA LYS J 148 7.07 -22.79 -40.72
C LYS J 148 5.77 -22.00 -40.85
N THR J 149 5.79 -20.75 -40.39
CA THR J 149 4.60 -19.90 -40.45
C THR J 149 4.06 -19.78 -41.88
N ILE J 150 4.96 -19.62 -42.84
CA ILE J 150 4.56 -19.57 -44.24
C ILE J 150 3.83 -20.84 -44.63
N THR J 151 4.46 -21.98 -44.41
CA THR J 151 3.87 -23.27 -44.74
C THR J 151 2.50 -23.42 -44.08
N GLU J 152 2.38 -22.97 -42.83
CA GLU J 152 1.10 -22.94 -42.15
C GLU J 152 0.09 -22.08 -42.90
N ILE J 153 0.50 -20.87 -43.26
CA ILE J 153 -0.37 -19.94 -43.99
C ILE J 153 -0.88 -20.59 -45.27
N GLU J 154 0.03 -21.21 -46.01
CA GLU J 154 -0.36 -21.97 -47.20
C GLU J 154 -1.41 -23.02 -46.83
N ALA J 155 -1.04 -23.89 -45.90
CA ALA J 155 -1.91 -24.98 -45.46
C ALA J 155 -3.27 -24.49 -44.98
N HIS J 156 -3.32 -23.28 -44.44
CA HIS J 156 -4.56 -22.71 -43.95
C HIS J 156 -5.41 -22.15 -45.10
N LEU J 157 -4.78 -21.33 -45.93
CA LEU J 157 -5.48 -20.71 -47.06
C LEU J 157 -6.02 -21.78 -48.01
N THR J 158 -5.27 -22.86 -48.18
CA THR J 158 -5.75 -24.00 -48.96
C THR J 158 -7.08 -24.51 -48.39
N GLY J 159 -7.24 -24.35 -47.08
CA GLY J 159 -8.48 -24.72 -46.42
C GLY J 159 -9.55 -23.66 -46.61
N VAL J 160 -9.15 -22.40 -46.46
CA VAL J 160 -10.07 -21.28 -46.72
C VAL J 160 -10.71 -21.42 -48.10
N GLU J 161 -9.88 -21.75 -49.08
CA GLU J 161 -10.34 -22.01 -50.43
C GLU J 161 -11.46 -23.06 -50.45
N ALA J 162 -11.23 -24.17 -49.75
CA ALA J 162 -12.22 -25.24 -49.67
C ALA J 162 -13.50 -24.74 -49.01
N HIS J 163 -13.34 -24.00 -47.90
CA HIS J 163 -14.46 -23.43 -47.18
C HIS J 163 -15.33 -22.55 -48.09
N ALA J 164 -14.69 -21.66 -48.83
CA ALA J 164 -15.40 -20.81 -49.78
C ALA J 164 -15.98 -21.65 -50.93
N MET J 165 -15.24 -22.67 -51.34
CA MET J 165 -15.64 -23.53 -52.44
C MET J 165 -16.85 -24.41 -52.08
N ALA J 166 -17.00 -24.69 -50.79
CA ALA J 166 -18.19 -25.36 -50.30
C ALA J 166 -19.31 -24.36 -50.05
N MET J 167 -18.95 -23.20 -49.49
CA MET J 167 -19.92 -22.16 -49.17
C MET J 167 -20.62 -21.65 -50.42
N GLN J 168 -19.88 -21.57 -51.53
CA GLN J 168 -20.48 -21.21 -52.80
C GLN J 168 -21.34 -22.35 -53.32
N ASN J 169 -20.94 -23.58 -53.01
CA ASN J 169 -21.63 -24.77 -53.48
C ASN J 169 -22.99 -24.97 -52.82
N VAL J 170 -23.05 -24.75 -51.51
CA VAL J 170 -24.32 -24.84 -50.78
C VAL J 170 -25.38 -23.93 -51.38
N ALA J 171 -24.99 -22.71 -51.73
CA ALA J 171 -25.91 -21.73 -52.31
C ALA J 171 -26.35 -22.16 -53.70
N VAL J 182 -27.78 -21.87 -38.28
CA VAL J 182 -28.16 -21.20 -37.04
C VAL J 182 -28.13 -22.16 -35.87
N ASP J 183 -29.14 -23.02 -35.79
CA ASP J 183 -29.30 -23.95 -34.69
C ASP J 183 -28.30 -25.10 -34.78
N GLU J 184 -27.85 -25.37 -36.00
CA GLU J 184 -26.92 -26.48 -36.23
C GLU J 184 -25.53 -26.14 -35.70
N ARG J 185 -25.18 -24.85 -35.70
CA ARG J 185 -23.84 -24.42 -35.29
C ARG J 185 -23.77 -24.16 -33.78
N VAL J 186 -24.89 -23.77 -33.18
CA VAL J 186 -24.97 -23.57 -31.73
C VAL J 186 -24.67 -24.87 -31.00
N TYR J 187 -25.04 -25.96 -31.66
CA TYR J 187 -24.83 -27.30 -31.14
C TYR J 187 -23.36 -27.73 -31.09
N GLU J 188 -22.56 -27.22 -32.01
CA GLU J 188 -21.13 -27.58 -32.13
C GLU J 188 -20.32 -27.22 -30.87
N LEU J 189 -20.55 -26.02 -30.37
CA LEU J 189 -19.79 -25.48 -29.25
C LEU J 189 -19.71 -26.45 -28.08
N ALA J 190 -20.84 -27.00 -27.66
CA ALA J 190 -20.88 -27.95 -26.55
C ALA J 190 -19.98 -29.16 -26.84
N ALA J 191 -20.13 -29.72 -28.03
CA ALA J 191 -19.33 -30.86 -28.46
C ALA J 191 -17.84 -30.53 -28.45
N VAL J 192 -17.50 -29.28 -28.77
CA VAL J 192 -16.11 -28.83 -28.70
C VAL J 192 -15.61 -28.74 -27.25
N LEU J 193 -16.34 -27.98 -26.43
CA LEU J 193 -15.95 -27.76 -25.03
C LEU J 193 -15.80 -29.09 -24.29
N ARG J 194 -16.76 -29.98 -24.49
CA ARG J 194 -16.72 -31.30 -23.87
C ARG J 194 -15.45 -32.05 -24.28
N GLU J 195 -14.88 -31.68 -25.42
CA GLU J 195 -13.65 -32.30 -25.89
C GLU J 195 -12.43 -31.60 -25.30
N PHE J 196 -12.51 -30.28 -25.17
CA PHE J 196 -11.48 -29.55 -24.44
C PHE J 196 -11.35 -30.07 -23.01
N GLU J 197 -12.47 -30.35 -22.38
CA GLU J 197 -12.45 -30.98 -21.05
C GLU J 197 -11.51 -32.18 -21.06
N GLU J 198 -11.74 -33.08 -22.02
CA GLU J 198 -10.95 -34.30 -22.15
C GLU J 198 -9.48 -34.00 -22.41
N SER J 199 -9.20 -33.10 -23.35
CA SER J 199 -7.82 -32.75 -23.67
C SER J 199 -7.08 -32.18 -22.45
N ILE J 200 -7.74 -31.30 -21.72
CA ILE J 200 -7.17 -30.78 -20.48
C ILE J 200 -6.88 -31.94 -19.53
N LEU J 201 -7.88 -32.77 -19.28
CA LEU J 201 -7.70 -33.92 -18.41
C LEU J 201 -6.59 -34.84 -18.88
N LYS J 202 -6.36 -34.89 -20.19
CA LYS J 202 -5.24 -35.66 -20.72
C LYS J 202 -3.92 -35.00 -20.36
N VAL J 203 -3.79 -33.71 -20.67
CA VAL J 203 -2.54 -32.99 -20.39
C VAL J 203 -2.18 -33.03 -18.91
N ALA J 204 -3.19 -32.84 -18.06
CA ALA J 204 -3.01 -32.84 -16.61
C ALA J 204 -2.24 -34.07 -16.16
N GLY J 205 -2.57 -35.22 -16.74
CA GLY J 205 -1.90 -36.46 -16.41
C GLY J 205 -0.43 -36.42 -16.75
N VAL J 206 -0.13 -35.90 -17.94
CA VAL J 206 1.25 -35.79 -18.40
C VAL J 206 2.02 -34.89 -17.44
N VAL J 207 1.46 -33.73 -17.14
CA VAL J 207 2.08 -32.78 -16.22
C VAL J 207 2.35 -33.46 -14.88
N GLY J 208 1.32 -34.09 -14.32
CA GLY J 208 1.45 -34.80 -13.06
C GLY J 208 2.56 -35.84 -13.12
N GLY J 209 2.61 -36.55 -14.25
CA GLY J 209 3.64 -37.55 -14.49
C GLY J 209 5.02 -36.92 -14.42
N VAL J 210 5.19 -35.80 -15.11
CA VAL J 210 6.44 -35.05 -15.05
C VAL J 210 6.78 -34.71 -13.61
N LYS J 211 5.84 -34.04 -12.93
CA LYS J 211 6.05 -33.59 -11.56
C LYS J 211 6.54 -34.75 -10.69
N GLU J 212 5.82 -35.87 -10.74
CA GLU J 212 6.20 -37.05 -9.99
C GLU J 212 7.59 -37.54 -10.43
N GLY J 213 7.83 -37.46 -11.74
CA GLY J 213 9.12 -37.83 -12.30
C GLY J 213 10.28 -36.98 -11.84
N VAL J 214 10.04 -35.69 -11.65
CA VAL J 214 11.07 -34.79 -11.14
C VAL J 214 11.27 -35.04 -9.67
N THR J 215 10.18 -35.07 -8.91
CA THR J 215 10.27 -35.33 -7.48
C THR J 215 10.91 -36.70 -7.23
N GLU J 216 10.71 -37.63 -8.15
CA GLU J 216 11.40 -38.92 -8.10
C GLU J 216 12.91 -38.74 -8.04
N LEU J 217 13.47 -38.02 -9.01
CA LEU J 217 14.91 -37.80 -9.04
C LEU J 217 15.33 -37.01 -7.84
N GLN J 218 14.57 -35.98 -7.53
CA GLN J 218 14.84 -35.20 -6.34
C GLN J 218 14.95 -36.11 -5.12
N LEU J 219 14.04 -37.07 -5.02
CA LEU J 219 14.07 -37.98 -3.88
C LEU J 219 15.28 -38.91 -3.92
N ARG J 220 15.49 -39.60 -5.04
CA ARG J 220 16.61 -40.53 -5.14
C ARG J 220 17.93 -39.80 -4.91
N ASP J 221 17.93 -38.53 -5.28
CA ASP J 221 19.04 -37.61 -5.05
C ASP J 221 19.27 -37.32 -3.56
N PHE J 222 18.30 -36.66 -2.91
CA PHE J 222 18.49 -36.26 -1.52
C PHE J 222 18.69 -37.46 -0.58
N MET J 223 18.29 -38.65 -1.03
CA MET J 223 18.61 -39.87 -0.28
C MET J 223 20.10 -40.18 -0.38
N PRO K 5 -60.78 -22.69 34.18
CA PRO K 5 -60.77 -21.37 34.83
C PRO K 5 -60.72 -20.23 33.81
N ILE K 6 -61.66 -19.30 33.90
CA ILE K 6 -61.77 -18.19 32.95
C ILE K 6 -60.82 -17.02 33.27
N PRO K 7 -60.76 -16.58 34.54
CA PRO K 7 -59.95 -15.38 34.82
C PRO K 7 -58.44 -15.66 34.86
N GLU K 8 -58.04 -16.89 34.58
CA GLU K 8 -56.62 -17.24 34.49
C GLU K 8 -56.14 -17.13 33.05
N GLN K 9 -56.90 -17.73 32.13
CA GLN K 9 -56.56 -17.67 30.70
C GLN K 9 -56.46 -16.23 30.22
N ILE K 10 -57.38 -15.38 30.69
CA ILE K 10 -57.37 -13.97 30.34
C ILE K 10 -56.04 -13.34 30.78
N LYS K 11 -55.66 -13.61 32.02
CA LYS K 11 -54.41 -13.10 32.56
C LYS K 11 -53.23 -13.69 31.80
N LEU K 12 -53.36 -14.94 31.38
CA LEU K 12 -52.31 -15.58 30.62
C LEU K 12 -52.18 -14.94 29.25
N ILE K 13 -53.31 -14.55 28.65
CA ILE K 13 -53.28 -13.86 27.36
C ILE K 13 -52.71 -12.45 27.52
N VAL K 14 -53.11 -11.76 28.57
CA VAL K 14 -52.56 -10.44 28.85
C VAL K 14 -51.05 -10.57 29.07
N ASP K 15 -50.64 -11.67 29.71
CA ASP K 15 -49.22 -11.94 29.94
C ASP K 15 -48.49 -12.31 28.65
N LYS K 16 -49.12 -13.08 27.77
CA LYS K 16 -48.50 -13.46 26.50
C LYS K 16 -48.14 -12.22 25.70
N TRP K 17 -49.13 -11.35 25.48
CA TRP K 17 -48.89 -10.08 24.78
C TRP K 17 -48.26 -9.04 25.71
N ASN K 18 -46.96 -9.17 25.96
CA ASN K 18 -46.25 -8.22 26.81
C ASN K 18 -44.72 -8.39 26.73
N PRO K 19 -43.97 -7.30 26.97
CA PRO K 19 -42.51 -7.38 26.90
C PRO K 19 -41.86 -7.81 28.21
N ASN K 20 -42.67 -8.20 29.20
CA ASN K 20 -42.15 -8.61 30.50
C ASN K 20 -41.64 -10.05 30.50
N HIS K 21 -42.00 -10.79 29.45
CA HIS K 21 -41.54 -12.16 29.27
C HIS K 21 -42.05 -13.15 30.33
N PRO K 22 -43.34 -13.03 30.73
CA PRO K 22 -43.90 -14.16 31.48
C PRO K 22 -44.49 -15.17 30.51
N ASN K 23 -43.61 -15.95 29.87
CA ASN K 23 -43.99 -16.81 28.76
C ASN K 23 -44.61 -15.97 27.65
N CYS K 24 -43.81 -15.09 27.06
CA CYS K 24 -44.31 -14.13 26.09
C CYS K 24 -44.87 -14.77 24.82
N ALA K 25 -44.46 -16.01 24.55
CA ALA K 25 -44.89 -16.74 23.36
C ALA K 25 -44.47 -16.03 22.06
N PHE K 26 -43.57 -15.07 22.18
CA PHE K 26 -42.97 -14.40 21.03
C PHE K 26 -41.46 -14.39 21.26
N LYS K 27 -40.97 -15.51 21.79
CA LYS K 27 -39.57 -15.66 22.18
C LYS K 27 -38.75 -16.22 21.03
N THR K 28 -37.94 -15.37 20.40
CA THR K 28 -36.98 -15.84 19.42
C THR K 28 -35.61 -15.23 19.66
N TYR K 29 -34.58 -16.04 19.37
CA TYR K 29 -33.20 -15.64 19.59
C TYR K 29 -32.48 -15.44 18.28
N LEU K 30 -31.76 -14.32 18.19
CA LEU K 30 -30.94 -14.01 17.02
C LEU K 30 -29.47 -13.96 17.42
N TYR K 31 -28.62 -14.55 16.60
CA TYR K 31 -27.20 -14.58 16.90
C TYR K 31 -26.49 -13.38 16.30
N ASN K 32 -26.03 -12.49 17.16
CA ASN K 32 -25.25 -11.33 16.76
C ASN K 32 -23.76 -11.66 16.89
N LYS K 33 -23.00 -11.45 15.82
CA LYS K 33 -21.57 -11.75 15.82
C LYS K 33 -20.80 -10.79 16.72
N VAL K 34 -19.90 -11.36 17.51
CA VAL K 34 -19.07 -10.57 18.41
C VAL K 34 -17.67 -11.17 18.50
N ASP K 35 -16.67 -10.40 18.10
CA ASP K 35 -15.29 -10.86 18.10
C ASP K 35 -14.72 -10.99 19.51
N GLU K 36 -13.81 -11.94 19.69
CA GLU K 36 -13.07 -12.10 20.93
C GLU K 36 -12.13 -10.90 21.14
N HIS K 37 -11.68 -10.63 22.36
CA HIS K 37 -12.02 -11.41 23.55
C HIS K 37 -13.14 -10.74 24.35
N THR K 38 -14.20 -10.36 23.65
CA THR K 38 -15.34 -9.69 24.28
C THR K 38 -16.49 -10.66 24.53
N VAL K 39 -16.25 -11.92 24.21
CA VAL K 39 -17.25 -12.97 24.41
C VAL K 39 -17.71 -13.04 25.87
N PRO K 40 -16.81 -12.82 26.84
CA PRO K 40 -17.22 -12.87 28.25
C PRO K 40 -18.29 -11.85 28.62
N LEU K 41 -18.37 -10.76 27.86
CA LEU K 41 -19.43 -9.79 28.04
C LEU K 41 -20.67 -10.32 27.33
N TYR K 42 -21.85 -9.86 27.75
CA TYR K 42 -23.11 -10.34 27.19
C TYR K 42 -23.34 -11.80 27.57
N GLY K 43 -24.02 -12.08 28.68
CA GLY K 43 -24.52 -11.07 29.60
C GLY K 43 -25.91 -10.57 29.28
N PRO K 44 -26.94 -11.40 29.52
CA PRO K 44 -28.34 -10.97 29.42
C PRO K 44 -28.73 -9.99 30.53
N GLY K 45 -30.02 -9.74 30.73
CA GLY K 45 -30.45 -8.72 31.68
C GLY K 45 -31.63 -9.09 32.57
N PRO K 46 -32.74 -8.33 32.46
CA PRO K 46 -33.79 -8.38 33.48
C PRO K 46 -34.54 -9.70 33.58
N ASN K 47 -35.18 -10.12 32.50
CA ASN K 47 -36.06 -11.29 32.52
C ASN K 47 -35.58 -12.39 31.58
N GLU K 48 -34.32 -12.78 31.73
CA GLU K 48 -33.74 -13.83 30.91
C GLU K 48 -33.66 -15.14 31.69
N ASP K 49 -34.30 -16.17 31.15
CA ASP K 49 -34.17 -17.52 31.68
C ASP K 49 -32.80 -18.06 31.29
N PRO K 50 -31.94 -18.38 32.28
CA PRO K 50 -30.65 -18.97 31.91
C PRO K 50 -30.82 -20.22 31.04
N LYS K 51 -31.97 -20.88 31.22
CA LYS K 51 -32.33 -22.03 30.40
C LYS K 51 -32.33 -21.66 28.92
N GLU K 52 -33.09 -20.61 28.59
CA GLU K 52 -33.22 -20.16 27.22
C GLU K 52 -31.86 -19.66 26.68
N TRP K 53 -31.13 -18.92 27.50
CA TRP K 53 -29.83 -18.40 27.11
C TRP K 53 -28.88 -19.54 26.76
N GLU K 54 -28.79 -20.54 27.64
CA GLU K 54 -27.95 -21.70 27.38
C GLU K 54 -28.44 -22.45 26.15
N GLU K 55 -29.75 -22.64 26.05
CA GLU K 55 -30.34 -23.30 24.89
C GLU K 55 -30.02 -22.55 23.60
N ALA K 56 -29.95 -21.23 23.71
CA ALA K 56 -29.53 -20.40 22.59
C ALA K 56 -28.06 -20.65 22.29
N LEU K 57 -27.24 -20.61 23.33
CA LEU K 57 -25.82 -20.88 23.17
C LEU K 57 -25.59 -22.29 22.65
N GLN K 58 -26.54 -23.18 22.94
CA GLN K 58 -26.43 -24.57 22.54
C GLN K 58 -26.49 -24.69 21.02
N ARG K 59 -27.59 -24.25 20.44
CA ARG K 59 -27.75 -24.27 19.00
C ARG K 59 -27.10 -23.06 18.35
N LYS K 60 -25.78 -22.96 18.49
CA LYS K 60 -25.03 -21.85 17.91
C LYS K 60 -24.67 -22.18 16.47
N PRO K 61 -24.81 -21.21 15.55
CA PRO K 61 -24.50 -21.46 14.13
C PRO K 61 -23.01 -21.49 13.86
N ALA K 62 -22.28 -20.54 14.44
CA ALA K 62 -20.83 -20.47 14.30
C ALA K 62 -20.25 -19.81 15.55
N PRO K 63 -18.98 -20.08 15.87
CA PRO K 63 -18.37 -19.47 17.06
C PRO K 63 -18.29 -17.96 16.96
N ASN K 64 -17.99 -17.30 18.08
CA ASN K 64 -17.90 -15.84 18.14
C ASN K 64 -19.24 -15.16 17.90
N PHE K 65 -20.33 -15.94 18.01
CA PHE K 65 -21.68 -15.39 17.93
C PHE K 65 -22.35 -15.45 19.30
N ILE K 66 -23.06 -14.37 19.64
CA ILE K 66 -23.78 -14.29 20.91
C ILE K 66 -25.26 -14.16 20.60
N PRO K 67 -26.13 -14.84 21.38
CA PRO K 67 -27.54 -14.75 21.03
C PRO K 67 -28.18 -13.45 21.52
N VAL K 68 -29.30 -13.08 20.93
CA VAL K 68 -29.98 -11.83 21.24
C VAL K 68 -31.48 -12.07 21.38
N LEU K 69 -32.07 -11.42 22.39
CA LEU K 69 -33.45 -11.65 22.77
C LEU K 69 -34.43 -10.79 21.97
N CYS K 70 -35.25 -11.41 21.13
CA CYS K 70 -36.31 -10.70 20.44
C CYS K 70 -37.63 -10.98 21.14
N SER K 71 -38.02 -10.05 22.00
CA SER K 71 -39.20 -10.19 22.85
C SER K 71 -40.47 -9.70 22.20
N GLY K 72 -40.43 -9.48 20.89
CA GLY K 72 -41.63 -9.09 20.16
C GLY K 72 -41.37 -8.39 18.85
N PHE K 73 -42.35 -7.58 18.45
CA PHE K 73 -42.38 -6.98 17.13
C PHE K 73 -41.48 -5.75 17.06
N PRO K 74 -41.55 -4.86 18.06
CA PRO K 74 -40.62 -3.74 17.97
C PRO K 74 -39.16 -4.18 17.84
N SER K 75 -38.81 -5.29 18.48
CA SER K 75 -37.44 -5.78 18.45
C SER K 75 -37.04 -6.20 17.04
N ILE K 76 -37.94 -6.91 16.35
CA ILE K 76 -37.65 -7.37 15.00
C ILE K 76 -37.66 -6.18 14.03
N VAL K 77 -38.51 -5.20 14.29
CA VAL K 77 -38.45 -3.93 13.56
C VAL K 77 -37.05 -3.33 13.72
N ALA K 78 -36.60 -3.22 14.97
CA ALA K 78 -35.28 -2.67 15.23
C ALA K 78 -34.19 -3.48 14.53
N ARG K 79 -34.30 -4.80 14.59
CA ARG K 79 -33.34 -5.66 13.91
C ARG K 79 -33.31 -5.32 12.43
N LEU K 80 -34.49 -5.14 11.85
CA LEU K 80 -34.56 -4.67 10.46
C LEU K 80 -33.83 -3.32 10.32
N MET K 81 -34.11 -2.37 11.21
CA MET K 81 -33.46 -1.07 11.16
C MET K 81 -31.94 -1.23 11.04
N LEU K 82 -31.39 -1.98 11.99
CA LEU K 82 -29.96 -2.29 11.99
C LEU K 82 -29.54 -2.93 10.67
N GLN K 83 -30.33 -3.92 10.24
CA GLN K 83 -30.05 -4.65 9.01
C GLN K 83 -29.96 -3.69 7.81
N ARG K 84 -30.81 -2.68 7.77
CA ARG K 84 -30.72 -1.69 6.70
C ARG K 84 -29.45 -0.89 6.88
N ARG K 85 -29.25 -0.40 8.11
CA ARG K 85 -28.08 0.40 8.43
C ARG K 85 -26.81 -0.30 7.98
N VAL K 86 -26.79 -1.63 8.08
CA VAL K 86 -25.64 -2.40 7.59
C VAL K 86 -25.71 -2.66 6.09
N ILE K 87 -26.91 -2.82 5.54
CA ILE K 87 -27.05 -2.97 4.09
C ILE K 87 -26.37 -1.81 3.35
N THR K 88 -26.73 -0.60 3.74
CA THR K 88 -26.23 0.57 3.05
C THR K 88 -24.71 0.66 3.18
N GLU K 89 -24.21 0.30 4.36
CA GLU K 89 -22.78 0.29 4.62
C GLU K 89 -22.09 -0.72 3.69
N PHE K 90 -22.68 -1.90 3.58
CA PHE K 90 -22.21 -2.93 2.66
C PHE K 90 -22.10 -2.37 1.25
N ASN K 91 -23.19 -1.78 0.79
CA ASN K 91 -23.22 -1.18 -0.54
C ASN K 91 -22.10 -0.15 -0.71
N ASN K 92 -21.96 0.74 0.27
CA ASN K 92 -20.90 1.75 0.24
C ASN K 92 -19.54 1.11 0.04
N LYS K 93 -19.17 0.23 0.95
CA LYS K 93 -17.86 -0.43 0.92
C LYS K 93 -17.68 -1.12 -0.43
N LEU K 94 -18.73 -1.80 -0.86
CA LEU K 94 -18.71 -2.52 -2.11
C LEU K 94 -18.42 -1.54 -3.27
N HIS K 95 -19.06 -0.38 -3.21
CA HIS K 95 -18.84 0.64 -4.24
C HIS K 95 -17.41 1.17 -4.18
N GLN K 96 -16.88 1.30 -2.97
CA GLN K 96 -15.50 1.70 -2.81
C GLN K 96 -14.61 0.73 -3.58
N ILE K 97 -14.75 -0.57 -3.27
CA ILE K 97 -13.99 -1.60 -3.98
C ILE K 97 -14.15 -1.45 -5.48
N ASN K 98 -15.41 -1.32 -5.91
CA ASN K 98 -15.71 -1.11 -7.32
C ASN K 98 -14.89 0.04 -7.91
N ALA K 99 -14.90 1.17 -7.23
CA ALA K 99 -14.22 2.36 -7.70
C ALA K 99 -12.71 2.13 -7.82
N SER K 100 -12.12 1.55 -6.77
CA SER K 100 -10.69 1.28 -6.77
C SER K 100 -10.29 0.28 -7.88
N LEU K 101 -11.11 -0.74 -8.07
CA LEU K 101 -10.86 -1.69 -9.16
C LEU K 101 -10.95 -0.99 -10.52
N ASP K 102 -11.97 -0.14 -10.68
CA ASP K 102 -12.10 0.66 -11.88
C ASP K 102 -10.83 1.48 -12.09
N ALA K 103 -10.34 2.10 -11.03
CA ALA K 103 -9.11 2.87 -11.10
C ALA K 103 -7.93 2.03 -11.58
N ILE K 104 -7.69 0.87 -10.95
CA ILE K 104 -6.61 -0.02 -11.36
C ILE K 104 -6.74 -0.37 -12.84
N LEU K 105 -7.94 -0.78 -13.23
CA LEU K 105 -8.20 -1.19 -14.60
C LEU K 105 -7.97 -0.02 -15.55
N SER K 106 -8.37 1.17 -15.13
CA SER K 106 -8.18 2.37 -15.93
C SER K 106 -6.69 2.62 -16.13
N ARG K 107 -5.93 2.47 -15.05
CA ARG K 107 -4.48 2.57 -15.11
C ARG K 107 -3.92 1.61 -16.15
N HIS K 108 -4.20 0.33 -15.96
CA HIS K 108 -3.68 -0.74 -16.81
C HIS K 108 -4.05 -0.58 -18.28
N ASP K 109 -5.35 -0.41 -18.53
CA ASP K 109 -5.87 -0.53 -19.88
C ASP K 109 -5.35 0.60 -20.80
N LEU K 110 -4.86 1.67 -20.19
CA LEU K 110 -4.44 2.86 -20.94
C LEU K 110 -3.04 3.36 -20.61
N ASP K 111 -2.77 3.66 -19.34
CA ASP K 111 -1.54 4.34 -18.97
C ASP K 111 -0.29 3.48 -19.14
N HIS K 112 -0.39 2.21 -18.77
CA HIS K 112 0.77 1.33 -18.74
C HIS K 112 1.05 0.65 -20.09
N THR K 113 0.00 0.25 -20.77
CA THR K 113 0.13 -0.45 -22.05
C THR K 113 0.86 0.40 -23.09
N VAL K 114 0.46 1.66 -23.20
CA VAL K 114 1.07 2.57 -24.18
C VAL K 114 2.56 2.73 -23.91
N ARG K 115 2.91 2.87 -22.63
CA ARG K 115 4.31 3.03 -22.25
C ARG K 115 5.07 1.73 -22.47
N ALA K 116 4.40 0.61 -22.23
CA ALA K 116 5.00 -0.70 -22.47
C ALA K 116 5.37 -0.84 -23.95
N PHE K 117 4.36 -0.66 -24.81
CA PHE K 117 4.55 -0.75 -26.26
C PHE K 117 5.61 0.24 -26.74
N ASN K 118 5.46 1.49 -26.34
CA ASN K 118 6.41 2.54 -26.70
C ASN K 118 7.84 2.14 -26.27
N ALA K 119 7.96 1.65 -25.05
CA ALA K 119 9.24 1.23 -24.50
C ALA K 119 9.83 0.05 -25.27
N ARG K 120 8.99 -0.91 -25.64
CA ARG K 120 9.43 -2.03 -26.45
C ARG K 120 9.98 -1.55 -27.80
N ARG K 121 9.24 -0.68 -28.48
CA ARG K 121 9.72 -0.14 -29.75
C ARG K 121 11.02 0.63 -29.57
N ARG K 122 11.08 1.47 -28.54
CA ARG K 122 12.30 2.20 -28.23
C ARG K 122 13.46 1.23 -27.98
N HIS K 123 13.17 0.14 -27.29
CA HIS K 123 14.17 -0.91 -27.06
C HIS K 123 14.68 -1.47 -28.38
N ALA K 124 13.76 -1.86 -29.26
CA ALA K 124 14.13 -2.37 -30.58
C ALA K 124 15.05 -1.37 -31.29
N GLU K 125 14.62 -0.11 -31.30
CA GLU K 125 15.42 0.97 -31.89
C GLU K 125 16.82 1.02 -31.29
N LEU K 126 16.88 0.98 -29.95
CA LEU K 126 18.17 1.01 -29.25
C LEU K 126 19.01 -0.23 -29.51
N SER K 127 18.36 -1.36 -29.78
CA SER K 127 19.08 -2.57 -30.13
C SER K 127 19.72 -2.39 -31.50
N ARG K 128 18.94 -1.88 -32.45
CA ARG K 128 19.44 -1.55 -33.78
C ARG K 128 20.64 -0.61 -33.68
N ARG K 129 20.45 0.51 -32.99
CA ARG K 129 21.52 1.49 -32.79
C ARG K 129 22.73 0.87 -32.07
N CYS K 130 22.45 0.05 -31.07
CA CYS K 130 23.50 -0.62 -30.30
C CYS K 130 24.35 -1.51 -31.20
N LEU K 131 23.70 -2.29 -32.07
CA LEU K 131 24.43 -3.13 -33.00
C LEU K 131 25.18 -2.27 -34.03
N HIS K 132 24.56 -1.18 -34.45
CA HIS K 132 25.22 -0.25 -35.38
C HIS K 132 26.54 0.28 -34.81
N LEU K 133 26.49 0.77 -33.57
CA LEU K 133 27.70 1.20 -32.89
C LEU K 133 28.67 0.04 -32.72
N ALA K 134 28.16 -1.07 -32.20
CA ALA K 134 28.96 -2.27 -31.99
C ALA K 134 29.56 -2.76 -33.31
N ALA K 135 28.93 -2.38 -34.42
CA ALA K 135 29.46 -2.67 -35.74
C ALA K 135 30.59 -1.71 -36.12
N ARG K 136 30.34 -0.41 -36.00
CA ARG K 136 31.37 0.59 -36.34
C ARG K 136 32.62 0.46 -35.47
N VAL K 137 32.44 0.00 -34.24
CA VAL K 137 33.55 -0.23 -33.32
C VAL K 137 34.54 -1.26 -33.88
N GLN K 138 34.02 -2.32 -34.47
CA GLN K 138 34.87 -3.39 -34.98
C GLN K 138 35.35 -3.05 -36.40
N VAL K 139 34.98 -1.87 -36.87
CA VAL K 139 35.41 -1.38 -38.18
C VAL K 139 36.55 -0.41 -38.01
N LEU K 140 36.23 0.79 -37.50
CA LEU K 140 37.19 1.88 -37.50
C LEU K 140 38.50 1.53 -36.80
N ARG K 141 38.41 0.94 -35.61
CA ARG K 141 39.61 0.52 -34.89
C ARG K 141 40.31 -0.64 -35.58
N ASN K 142 39.52 -1.60 -36.04
CA ASN K 142 40.04 -2.81 -36.67
C ASN K 142 40.13 -2.72 -38.19
N ARG K 143 40.37 -1.52 -38.71
CA ARG K 143 40.45 -1.33 -40.16
C ARG K 143 41.88 -1.47 -40.68
N GLY K 144 42.76 -2.05 -39.87
CA GLY K 144 44.12 -2.31 -40.29
C GLY K 144 44.20 -3.67 -40.97
N TYR K 145 43.06 -4.21 -41.37
CA TYR K 145 42.99 -5.51 -42.02
C TYR K 145 43.55 -6.59 -41.10
N ALA K 146 44.04 -7.69 -41.66
CA ALA K 146 44.48 -8.84 -40.89
C ALA K 146 43.34 -9.34 -39.99
N LEU K 147 42.12 -9.11 -40.44
CA LEU K 147 40.92 -9.50 -39.71
C LEU K 147 40.52 -10.91 -40.15
N SER K 148 40.77 -11.89 -39.29
CA SER K 148 40.48 -13.28 -39.64
C SER K 148 40.27 -14.13 -38.39
N GLY K 149 40.47 -15.44 -38.53
CA GLY K 149 40.30 -16.36 -37.42
C GLY K 149 38.85 -16.83 -37.34
N ASP K 150 38.07 -16.14 -36.51
CA ASP K 150 36.65 -16.46 -36.35
C ASP K 150 35.80 -15.70 -37.37
N GLU K 151 36.43 -14.81 -38.12
CA GLU K 151 35.73 -14.02 -39.13
C GLU K 151 35.20 -14.91 -40.27
N ASP K 152 36.03 -15.87 -40.68
CA ASP K 152 35.67 -16.78 -41.77
C ASP K 152 34.37 -17.53 -41.48
N GLU K 153 34.28 -18.09 -40.29
CA GLU K 153 33.10 -18.84 -39.88
C GLU K 153 31.87 -17.93 -39.86
N LEU K 154 32.06 -16.72 -39.36
CA LEU K 154 30.99 -15.74 -39.28
C LEU K 154 30.48 -15.38 -40.67
N LYS K 155 31.40 -15.04 -41.58
CA LYS K 155 31.02 -14.68 -42.94
C LYS K 155 30.55 -15.91 -43.72
N GLN K 156 30.99 -17.09 -43.30
CA GLN K 156 30.49 -18.33 -43.85
C GLN K 156 29.01 -18.47 -43.52
N LYS K 157 28.69 -18.34 -42.23
CA LYS K 157 27.31 -18.35 -41.78
C LYS K 157 26.49 -17.27 -42.50
N LEU K 158 27.03 -16.06 -42.54
CA LEU K 158 26.37 -14.94 -43.21
C LEU K 158 26.08 -15.24 -44.67
N GLN K 159 27.07 -15.79 -45.37
CA GLN K 159 26.90 -16.16 -46.77
C GLN K 159 25.85 -17.26 -46.91
N GLN K 160 25.89 -18.24 -46.01
CA GLN K 160 24.91 -19.32 -46.03
C GLN K 160 23.49 -18.80 -45.85
N ILE K 161 23.27 -18.01 -44.80
CA ILE K 161 21.94 -17.49 -44.52
C ILE K 161 21.49 -16.50 -45.59
N ASP K 162 22.42 -15.67 -46.06
CA ASP K 162 22.10 -14.70 -47.11
C ASP K 162 21.74 -15.42 -48.40
N LYS K 163 22.47 -16.50 -48.70
CA LYS K 163 22.18 -17.32 -49.87
C LYS K 163 20.84 -18.03 -49.71
N THR K 164 20.58 -18.52 -48.50
CA THR K 164 19.32 -19.18 -48.20
C THR K 164 18.15 -18.20 -48.37
N LEU K 165 18.34 -16.97 -47.90
CA LEU K 165 17.32 -15.93 -48.03
C LEU K 165 17.17 -15.50 -49.48
N ASN K 166 18.29 -15.15 -50.11
CA ASN K 166 18.29 -14.63 -51.46
C ASN K 166 18.03 -15.72 -52.51
N ASP K 167 16.86 -16.35 -52.41
CA ASP K 167 16.46 -17.39 -53.35
C ASP K 167 15.28 -16.90 -54.18
N PRO K 168 15.23 -17.27 -55.47
CA PRO K 168 14.09 -16.84 -56.29
C PRO K 168 12.76 -17.46 -55.85
N ALA K 169 12.74 -18.77 -55.68
CA ALA K 169 11.51 -19.49 -55.33
C ALA K 169 10.95 -19.04 -53.98
N GLN K 170 11.79 -19.06 -52.95
CA GLN K 170 11.39 -18.68 -51.61
C GLN K 170 10.86 -17.25 -51.59
N GLY K 171 11.52 -16.36 -52.32
CA GLY K 171 11.09 -14.99 -52.43
C GLY K 171 9.83 -14.87 -53.27
N SER K 172 9.71 -15.73 -54.26
CA SER K 172 8.56 -15.71 -55.17
C SER K 172 7.29 -16.23 -54.49
N ARG K 173 7.46 -17.22 -53.60
CA ARG K 173 6.32 -17.82 -52.90
C ARG K 173 5.45 -16.76 -52.23
N LEU K 174 6.09 -15.80 -51.58
CA LEU K 174 5.39 -14.71 -50.92
C LEU K 174 4.58 -13.87 -51.91
N GLU K 175 5.25 -13.44 -52.98
CA GLU K 175 4.62 -12.66 -54.03
C GLU K 175 3.40 -13.39 -54.57
N GLU K 176 3.57 -14.68 -54.84
CA GLU K 176 2.48 -15.52 -55.30
C GLU K 176 1.39 -15.63 -54.25
N LEU K 177 1.80 -15.76 -53.00
CA LEU K 177 0.87 -15.89 -51.88
C LEU K 177 -0.02 -14.65 -51.76
N TRP K 178 0.58 -13.47 -51.85
CA TRP K 178 -0.16 -12.22 -51.75
C TRP K 178 -1.31 -12.16 -52.75
N SER K 179 -0.99 -12.36 -54.04
CA SER K 179 -2.02 -12.39 -55.07
C SER K 179 -2.99 -13.54 -54.79
N ARG K 180 -2.43 -14.69 -54.41
CA ARG K 180 -3.22 -15.87 -54.07
C ARG K 180 -4.21 -15.56 -52.94
N LEU K 181 -3.85 -14.61 -52.09
CA LEU K 181 -4.74 -14.13 -51.04
C LEU K 181 -5.75 -13.14 -51.62
N ILE K 182 -5.27 -12.23 -52.45
CA ILE K 182 -6.14 -11.22 -53.07
C ILE K 182 -7.27 -11.90 -53.86
N VAL K 183 -6.96 -13.03 -54.49
CA VAL K 183 -7.97 -13.84 -55.15
C VAL K 183 -9.08 -14.16 -54.14
N LEU K 184 -8.68 -14.72 -53.01
CA LEU K 184 -9.62 -15.05 -51.94
C LEU K 184 -10.29 -13.79 -51.39
N ARG K 185 -9.58 -12.68 -51.40
CA ARG K 185 -10.15 -11.40 -50.96
C ARG K 185 -11.34 -11.02 -51.84
N GLY K 186 -11.08 -10.89 -53.13
CA GLY K 186 -12.12 -10.54 -54.09
C GLY K 186 -13.24 -11.56 -54.08
N TYR K 187 -12.87 -12.84 -54.08
CA TYR K 187 -13.85 -13.93 -54.09
C TYR K 187 -14.74 -13.87 -52.86
N ALA K 188 -14.12 -13.68 -51.69
CA ALA K 188 -14.86 -13.62 -50.43
C ALA K 188 -15.76 -12.40 -50.37
N GLU K 189 -15.22 -11.25 -50.76
CA GLU K 189 -15.99 -10.01 -50.77
C GLU K 189 -17.17 -10.09 -51.74
N ASP K 190 -16.94 -10.70 -52.89
CA ASP K 190 -18.00 -10.92 -53.86
C ASP K 190 -19.06 -11.85 -53.26
N LEU K 191 -18.61 -13.01 -52.79
CA LEU K 191 -19.50 -13.99 -52.15
C LEU K 191 -20.19 -13.37 -50.94
N LYS K 192 -19.54 -12.37 -50.34
CA LYS K 192 -20.13 -11.63 -49.23
C LYS K 192 -21.24 -10.71 -49.70
N ASP K 193 -20.96 -9.92 -50.74
CA ASP K 193 -21.94 -9.02 -51.30
C ASP K 193 -23.17 -9.76 -51.83
N GLN K 194 -22.94 -10.88 -52.50
CA GLN K 194 -24.03 -11.69 -53.03
C GLN K 194 -24.96 -12.25 -51.94
N ILE K 195 -24.35 -12.87 -50.94
CA ILE K 195 -25.09 -13.50 -49.83
C ILE K 195 -25.13 -12.59 -48.60
N ASN K 196 -25.76 -11.43 -48.75
CA ASN K 196 -25.97 -10.49 -47.64
C ASN K 196 -27.41 -10.64 -47.13
N GLN K 197 -27.95 -9.57 -46.53
CA GLN K 197 -29.34 -9.53 -46.05
C GLN K 197 -29.60 -10.33 -44.76
N ALA K 198 -28.97 -11.50 -44.61
CA ALA K 198 -29.22 -12.35 -43.44
C ALA K 198 -28.61 -11.76 -42.17
N GLY K 199 -29.29 -10.78 -41.59
CA GLY K 199 -28.84 -10.13 -40.37
C GLY K 199 -29.62 -10.48 -39.12
N ILE K 200 -30.95 -10.51 -39.22
CA ILE K 200 -31.80 -10.78 -38.07
C ILE K 200 -31.73 -12.22 -37.58
N THR K 201 -31.77 -13.18 -38.50
CA THR K 201 -31.66 -14.60 -38.15
C THR K 201 -30.33 -14.89 -37.48
N GLU K 202 -29.27 -14.29 -38.03
CA GLU K 202 -27.92 -14.48 -37.55
C GLU K 202 -27.76 -13.87 -36.15
N SER K 203 -28.16 -12.60 -36.01
CA SER K 203 -28.07 -11.90 -34.74
C SER K 203 -28.92 -12.58 -33.66
N ASP K 204 -30.16 -12.91 -34.00
CA ASP K 204 -31.11 -13.49 -33.05
C ASP K 204 -30.81 -14.96 -32.75
N GLY K 205 -30.26 -15.68 -33.73
CA GLY K 205 -29.98 -17.09 -33.58
C GLY K 205 -29.09 -17.50 -32.42
N LEU K 206 -28.08 -16.72 -32.10
CA LEU K 206 -27.13 -17.08 -31.03
C LEU K 206 -27.73 -16.95 -29.63
N GLY K 207 -28.18 -18.07 -29.08
CA GLY K 207 -28.75 -18.12 -27.75
C GLY K 207 -27.79 -17.65 -26.66
N GLU K 208 -28.19 -16.61 -25.93
CA GLU K 208 -27.33 -15.97 -24.94
C GLU K 208 -26.92 -16.89 -23.78
N GLU K 209 -27.82 -17.79 -23.40
CA GLU K 209 -27.53 -18.70 -22.28
C GLU K 209 -26.32 -19.58 -22.60
N ILE K 210 -26.28 -20.08 -23.83
CA ILE K 210 -25.14 -20.87 -24.28
C ILE K 210 -23.87 -20.03 -24.17
N GLU K 211 -23.99 -18.74 -24.47
CA GLU K 211 -22.86 -17.84 -24.40
C GLU K 211 -22.39 -17.69 -22.95
N ALA K 212 -23.35 -17.51 -22.04
CA ALA K 212 -23.02 -17.39 -20.62
C ALA K 212 -22.33 -18.64 -20.08
N LYS K 213 -22.91 -19.81 -20.37
CA LYS K 213 -22.32 -21.07 -19.93
C LYS K 213 -20.95 -21.28 -20.57
N ALA K 214 -20.86 -20.99 -21.86
CA ALA K 214 -19.60 -21.13 -22.60
C ALA K 214 -18.52 -20.24 -22.01
N LYS K 215 -18.87 -18.99 -21.76
CA LYS K 215 -17.96 -18.06 -21.10
C LYS K 215 -17.48 -18.62 -19.77
N LYS K 216 -18.43 -19.04 -18.93
CA LYS K 216 -18.09 -19.63 -17.63
C LYS K 216 -17.10 -20.79 -17.78
N ILE K 217 -17.47 -21.77 -18.61
CA ILE K 217 -16.63 -22.93 -18.86
C ILE K 217 -15.26 -22.51 -19.40
N LEU K 218 -15.24 -21.47 -20.23
CA LEU K 218 -13.99 -20.96 -20.78
C LEU K 218 -13.11 -20.39 -19.65
N GLU K 219 -13.72 -19.60 -18.78
CA GLU K 219 -13.01 -19.04 -17.64
C GLU K 219 -12.42 -20.14 -16.77
N ASP K 220 -13.26 -21.12 -16.43
CA ASP K 220 -12.81 -22.29 -15.67
C ASP K 220 -11.63 -22.99 -16.34
N TYR K 221 -11.80 -23.28 -17.64
CA TYR K 221 -10.73 -23.87 -18.44
C TYR K 221 -9.47 -23.03 -18.33
N ASP K 222 -9.62 -21.71 -18.45
CA ASP K 222 -8.49 -20.80 -18.40
C ASP K 222 -7.75 -20.92 -17.07
N LYS K 223 -8.51 -20.88 -15.98
CA LYS K 223 -7.92 -21.05 -14.65
C LYS K 223 -7.13 -22.37 -14.56
N GLN K 224 -7.81 -23.48 -14.87
CA GLN K 224 -7.16 -24.78 -14.85
C GLN K 224 -5.91 -24.80 -15.72
N LEU K 225 -6.03 -24.18 -16.89
CA LEU K 225 -4.95 -24.15 -17.88
C LEU K 225 -3.75 -23.38 -17.33
N GLN K 226 -4.02 -22.22 -16.75
CA GLN K 226 -2.97 -21.41 -16.12
C GLN K 226 -2.28 -22.20 -15.04
N HIS K 227 -3.07 -22.81 -14.16
CA HIS K 227 -2.51 -23.64 -13.09
C HIS K 227 -1.56 -24.68 -13.65
N LEU K 228 -2.04 -25.44 -14.65
CA LEU K 228 -1.19 -26.44 -15.30
C LEU K 228 0.08 -25.82 -15.85
N LYS K 229 -0.06 -24.72 -16.58
CA LYS K 229 1.09 -24.03 -17.17
C LYS K 229 2.14 -23.68 -16.12
N LYS K 230 1.71 -23.01 -15.06
CA LYS K 230 2.62 -22.61 -13.98
C LYS K 230 3.22 -23.83 -13.31
N GLN K 231 2.41 -24.87 -13.16
CA GLN K 231 2.88 -26.11 -12.57
C GLN K 231 4.00 -26.71 -13.43
N VAL K 232 3.84 -26.68 -14.75
CA VAL K 232 4.88 -27.12 -15.66
C VAL K 232 6.12 -26.22 -15.53
N GLU K 233 5.90 -24.92 -15.50
CA GLU K 233 6.99 -23.96 -15.32
C GLU K 233 7.83 -24.28 -14.10
N GLU K 234 7.16 -24.47 -12.97
CA GLU K 234 7.82 -24.85 -11.73
C GLU K 234 8.49 -26.21 -11.89
N ALA K 235 7.79 -27.13 -12.54
CA ALA K 235 8.34 -28.47 -12.77
C ALA K 235 9.65 -28.40 -13.55
N LYS K 236 9.74 -27.44 -14.46
CA LYS K 236 10.98 -27.18 -15.19
C LYS K 236 12.02 -26.55 -14.27
N LYS K 237 11.64 -25.43 -13.66
CA LYS K 237 12.51 -24.65 -12.78
C LYS K 237 13.12 -25.53 -11.69
N ASP K 238 12.34 -26.49 -11.23
CA ASP K 238 12.75 -27.34 -10.12
C ASP K 238 13.68 -28.45 -10.62
N PHE K 239 13.63 -28.73 -11.92
CA PHE K 239 14.47 -29.77 -12.52
C PHE K 239 15.81 -29.21 -12.95
N GLU K 240 15.79 -28.03 -13.57
CA GLU K 240 17.03 -27.39 -14.00
C GLU K 240 17.92 -27.09 -12.80
N GLU K 241 17.35 -27.13 -11.60
CA GLU K 241 18.12 -27.09 -10.38
C GLU K 241 18.85 -28.42 -10.18
N TRP K 242 18.07 -29.51 -10.17
CA TRP K 242 18.62 -30.85 -9.98
C TRP K 242 19.68 -31.14 -11.04
N GLU K 243 19.53 -30.54 -12.21
CA GLU K 243 20.50 -30.67 -13.29
C GLU K 243 21.94 -30.35 -12.85
N LYS K 244 22.08 -29.62 -11.75
CA LYS K 244 23.39 -29.22 -11.23
C LYS K 244 23.94 -30.23 -10.21
N GLN K 245 23.04 -31.01 -9.63
CA GLN K 245 23.40 -31.94 -8.55
C GLN K 245 23.05 -33.39 -8.91
N ALA L 2 -16.14 -9.41 -16.13
CA ALA L 2 -15.16 -8.78 -16.99
C ALA L 2 -13.95 -9.69 -17.21
N LEU L 3 -14.01 -10.91 -16.69
CA LEU L 3 -12.91 -11.86 -16.84
C LEU L 3 -12.78 -12.35 -18.28
N PHE L 4 -13.82 -13.02 -18.77
CA PHE L 4 -13.87 -13.49 -20.15
C PHE L 4 -13.55 -12.34 -21.10
N ASP L 5 -14.03 -11.15 -20.75
CA ASP L 5 -13.78 -9.96 -21.54
C ASP L 5 -12.29 -9.70 -21.63
N SER L 6 -11.61 -9.81 -20.50
CA SER L 6 -10.17 -9.57 -20.46
C SER L 6 -9.44 -10.68 -21.19
N LEU L 7 -9.97 -11.90 -21.10
CA LEU L 7 -9.39 -13.02 -21.84
C LEU L 7 -9.45 -12.73 -23.35
N LEU L 8 -10.59 -12.25 -23.82
CA LEU L 8 -10.69 -11.80 -25.20
C LEU L 8 -9.66 -10.71 -25.45
N ALA L 9 -9.66 -9.70 -24.59
CA ALA L 9 -8.80 -8.54 -24.75
C ALA L 9 -7.33 -8.93 -24.91
N ARG L 10 -6.90 -9.88 -24.08
CA ARG L 10 -5.53 -10.36 -24.17
C ARG L 10 -5.35 -11.13 -25.46
N ASN L 11 -6.30 -12.02 -25.75
CA ASN L 11 -6.24 -12.79 -26.99
C ASN L 11 -6.52 -11.91 -28.21
N LYS L 12 -6.97 -10.68 -27.96
CA LYS L 12 -7.19 -9.71 -29.03
C LYS L 12 -5.88 -8.98 -29.32
N LYS L 13 -5.28 -8.43 -28.27
CA LYS L 13 -3.99 -7.76 -28.39
C LYS L 13 -2.94 -8.73 -28.88
N GLN L 14 -3.10 -10.00 -28.52
CA GLN L 14 -2.22 -11.07 -29.01
C GLN L 14 -2.12 -11.06 -30.53
N ALA L 15 -3.23 -11.34 -31.20
CA ALA L 15 -3.27 -11.41 -32.66
C ALA L 15 -3.42 -10.02 -33.27
N GLU L 16 -2.47 -9.14 -32.99
CA GLU L 16 -2.50 -7.78 -33.54
C GLU L 16 -1.13 -7.12 -33.46
N GLY L 17 -0.21 -7.55 -34.31
CA GLY L 17 1.09 -6.93 -34.42
C GLY L 17 2.06 -7.46 -33.38
N GLU L 18 3.20 -6.79 -33.19
CA GLU L 18 3.59 -5.61 -33.95
C GLU L 18 5.08 -5.74 -34.29
N THR L 19 5.91 -4.77 -33.93
CA THR L 19 7.36 -4.90 -34.13
C THR L 19 7.91 -5.74 -32.99
N ALA L 20 7.77 -7.05 -33.15
CA ALA L 20 8.15 -8.02 -32.13
C ALA L 20 9.23 -8.96 -32.67
N LEU L 21 10.32 -9.08 -31.91
CA LEU L 21 11.45 -9.91 -32.31
C LEU L 21 11.17 -11.39 -32.05
N GLY L 22 10.10 -11.91 -32.64
CA GLY L 22 9.76 -13.32 -32.51
C GLY L 22 8.25 -13.56 -32.50
N GLU L 23 7.54 -12.88 -31.61
CA GLU L 23 6.11 -13.13 -31.44
C GLU L 23 5.27 -12.36 -32.47
N LEU L 24 5.01 -13.02 -33.59
CA LEU L 24 4.09 -12.49 -34.59
C LEU L 24 2.68 -12.99 -34.30
N PRO L 25 1.65 -12.25 -34.77
CA PRO L 25 0.28 -12.67 -34.48
C PRO L 25 -0.02 -14.03 -35.06
N SER L 26 -0.71 -14.87 -34.28
CA SER L 26 -1.04 -16.22 -34.71
C SER L 26 -2.41 -16.24 -35.36
N LEU L 27 -2.55 -17.02 -36.43
CA LEU L 27 -3.81 -17.11 -37.15
C LEU L 27 -4.84 -17.86 -36.31
N GLN L 28 -6.06 -17.34 -36.29
CA GLN L 28 -7.14 -17.97 -35.53
C GLN L 28 -7.90 -18.93 -36.43
N LEU L 29 -8.34 -20.04 -35.85
CA LEU L 29 -9.08 -21.06 -36.58
C LEU L 29 -10.55 -21.04 -36.19
N GLY L 30 -10.95 -21.92 -35.28
CA GLY L 30 -12.29 -21.91 -34.74
C GLY L 30 -13.21 -22.96 -35.29
N LEU L 31 -14.03 -23.53 -34.40
CA LEU L 31 -15.13 -24.39 -34.79
C LEU L 31 -14.64 -25.65 -35.52
N ALA L 32 -14.73 -25.66 -36.85
CA ALA L 32 -14.42 -26.85 -37.63
C ALA L 32 -12.95 -27.25 -37.49
N ASP L 33 -12.06 -26.37 -37.92
CA ASP L 33 -10.62 -26.65 -37.90
C ASP L 33 -10.12 -26.88 -36.48
N LEU L 34 -10.74 -26.19 -35.53
CA LEU L 34 -10.28 -26.21 -34.16
C LEU L 34 -10.43 -27.59 -33.51
N ARG L 35 -11.59 -28.22 -33.73
CA ARG L 35 -11.85 -29.54 -33.17
C ARG L 35 -10.80 -30.56 -33.60
N GLN L 36 -10.54 -30.65 -34.90
CA GLN L 36 -9.51 -31.57 -35.39
C GLN L 36 -8.13 -31.12 -34.92
N ARG L 37 -7.88 -29.82 -34.93
CA ARG L 37 -6.60 -29.30 -34.46
C ARG L 37 -6.40 -29.65 -32.99
N LEU L 38 -7.51 -29.76 -32.26
CA LEU L 38 -7.48 -30.20 -30.87
C LEU L 38 -7.23 -31.71 -30.82
N ARG L 39 -7.92 -32.44 -31.69
CA ARG L 39 -7.75 -33.90 -31.79
C ARG L 39 -6.35 -34.27 -32.24
N LYS L 40 -5.74 -33.41 -33.06
CA LYS L 40 -4.40 -33.65 -33.57
C LYS L 40 -3.35 -33.37 -32.50
N LEU L 41 -3.81 -33.15 -31.27
CA LEU L 41 -2.91 -32.96 -30.12
C LEU L 41 -2.11 -34.22 -29.84
#